data_2F9L
# 
_entry.id   2F9L 
# 
_audit_conform.dict_name       mmcif_pdbx.dic 
_audit_conform.dict_version    5.377 
_audit_conform.dict_location   http://mmcif.pdb.org/dictionaries/ascii/mmcif_pdbx.dic 
# 
loop_
_database_2.database_id 
_database_2.database_code 
_database_2.pdbx_database_accession 
_database_2.pdbx_DOI 
PDB   2F9L         pdb_00002f9l 10.2210/pdb2f9l/pdb 
RCSB  RCSB035622   ?            ?                   
WWPDB D_1000035622 ?            ?                   
# 
_pdbx_database_related.db_name        PDB 
_pdbx_database_related.db_id          2F9M 
_pdbx_database_related.details        '3D structure of active human Rab11b GTPase' 
_pdbx_database_related.content_type   unspecified 
# 
_pdbx_database_status.status_code                     REL 
_pdbx_database_status.entry_id                        2F9L 
_pdbx_database_status.recvd_initial_deposition_date   2005-12-06 
_pdbx_database_status.deposit_site                    RCSB 
_pdbx_database_status.process_site                    RCSB 
_pdbx_database_status.status_code_sf                  REL 
_pdbx_database_status.status_code_mr                  ? 
_pdbx_database_status.SG_entry                        ? 
_pdbx_database_status.pdb_format_compatible           Y 
_pdbx_database_status.status_code_cs                  ? 
_pdbx_database_status.methods_development_category    ? 
_pdbx_database_status.status_code_nmr_data            ? 
# 
loop_
_audit_author.name 
_audit_author.pdbx_ordinal 
'Scapin, S.M.N.'  1 
'Guimaraes, B.G.' 2 
'Zanchin, N.I.T.' 3 
# 
_citation.id                        primary 
_citation.title                     
'The crystal structure of the small GTPase Rab11b reveals critical differences relative to the Rab11a isoform.' 
_citation.journal_abbrev            J.Struct.Biol. 
_citation.journal_volume            154 
_citation.page_first                260 
_citation.page_last                 268 
_citation.year                      2006 
_citation.journal_id_ASTM           JSBIEM 
_citation.country                   US 
_citation.journal_id_ISSN           1047-8477 
_citation.journal_id_CSD            0803 
_citation.book_publisher            ? 
_citation.pdbx_database_id_PubMed   16545962 
_citation.pdbx_database_id_DOI      10.1016/j.jsb.2006.01.007 
# 
loop_
_citation_author.citation_id 
_citation_author.name 
_citation_author.ordinal 
_citation_author.identifier_ORCID 
primary 'Scapin, S.M.'    1 ? 
primary 'Carneiro, F.R.'  2 ? 
primary 'Alves, A.C.'     3 ? 
primary 'Medrano, F.J.'   4 ? 
primary 'Guimaraes, B.G.' 5 ? 
primary 'Zanchin, N.I.'   6 ? 
# 
_cell.entry_id           2F9L 
_cell.length_a           45.790 
_cell.length_b           52.218 
_cell.length_c           59.351 
_cell.angle_alpha        90.00 
_cell.angle_beta         90.00 
_cell.angle_gamma        90.00 
_cell.Z_PDB              4 
_cell.pdbx_unique_axis   ? 
_cell.length_a_esd       ? 
_cell.length_b_esd       ? 
_cell.length_c_esd       ? 
_cell.angle_alpha_esd    ? 
_cell.angle_beta_esd     ? 
_cell.angle_gamma_esd    ? 
# 
_symmetry.entry_id                         2F9L 
_symmetry.space_group_name_H-M             'P 21 21 21' 
_symmetry.pdbx_full_space_group_name_H-M   ? 
_symmetry.cell_setting                     ? 
_symmetry.Int_Tables_number                19 
_symmetry.space_group_name_Hall            ? 
# 
loop_
_entity.id 
_entity.type 
_entity.src_method 
_entity.pdbx_description 
_entity.formula_weight 
_entity.pdbx_number_of_molecules 
_entity.pdbx_ec 
_entity.pdbx_mutation 
_entity.pdbx_fragment 
_entity.details 
1 polymer     man 'RAB11B, member RAS oncogene family' 22473.238 1   3.6.5.2 ? 'GTPase domain, residues 8 to 205' ? 
2 non-polymer syn 'MAGNESIUM ION'                      24.305    1   ?       ? ?                                  ? 
3 non-polymer syn "GUANOSINE-5'-DIPHOSPHATE"           443.201   1   ?       ? ?                                  ? 
4 water       nat water                                18.015    185 ?       ? ?                                  ? 
# 
_entity_poly.entity_id                      1 
_entity_poly.type                           'polypeptide(L)' 
_entity_poly.nstd_linkage                   no 
_entity_poly.nstd_monomer                   no 
_entity_poly.pdbx_seq_one_letter_code       
;MYDYLFKVVLIGDSGVGKSNLLSRFTRNEFNLESKSTIGVEFATRSIQVDGKTIKAQIWDTAGQERYRRITSAYYRGAVG
ALLVYDIAKHLTYENVERWLKELRDHADSNIVIMLVGNKSDLRHLRAVPTDEARAFAEKNNLSFIETSALDSTNVEEAFK
NILTEIYRIVSQKQIADRAAHDESPGNNVVDISVPPTTD
;
_entity_poly.pdbx_seq_one_letter_code_can   
;MYDYLFKVVLIGDSGVGKSNLLSRFTRNEFNLESKSTIGVEFATRSIQVDGKTIKAQIWDTAGQERYRRITSAYYRGAVG
ALLVYDIAKHLTYENVERWLKELRDHADSNIVIMLVGNKSDLRHLRAVPTDEARAFAEKNNLSFIETSALDSTNVEEAFK
NILTEIYRIVSQKQIADRAAHDESPGNNVVDISVPPTTD
;
_entity_poly.pdbx_strand_id                 A 
_entity_poly.pdbx_target_identifier         ? 
# 
loop_
_entity_poly_seq.entity_id 
_entity_poly_seq.num 
_entity_poly_seq.mon_id 
_entity_poly_seq.hetero 
1 1   MET n 
1 2   TYR n 
1 3   ASP n 
1 4   TYR n 
1 5   LEU n 
1 6   PHE n 
1 7   LYS n 
1 8   VAL n 
1 9   VAL n 
1 10  LEU n 
1 11  ILE n 
1 12  GLY n 
1 13  ASP n 
1 14  SER n 
1 15  GLY n 
1 16  VAL n 
1 17  GLY n 
1 18  LYS n 
1 19  SER n 
1 20  ASN n 
1 21  LEU n 
1 22  LEU n 
1 23  SER n 
1 24  ARG n 
1 25  PHE n 
1 26  THR n 
1 27  ARG n 
1 28  ASN n 
1 29  GLU n 
1 30  PHE n 
1 31  ASN n 
1 32  LEU n 
1 33  GLU n 
1 34  SER n 
1 35  LYS n 
1 36  SER n 
1 37  THR n 
1 38  ILE n 
1 39  GLY n 
1 40  VAL n 
1 41  GLU n 
1 42  PHE n 
1 43  ALA n 
1 44  THR n 
1 45  ARG n 
1 46  SER n 
1 47  ILE n 
1 48  GLN n 
1 49  VAL n 
1 50  ASP n 
1 51  GLY n 
1 52  LYS n 
1 53  THR n 
1 54  ILE n 
1 55  LYS n 
1 56  ALA n 
1 57  GLN n 
1 58  ILE n 
1 59  TRP n 
1 60  ASP n 
1 61  THR n 
1 62  ALA n 
1 63  GLY n 
1 64  GLN n 
1 65  GLU n 
1 66  ARG n 
1 67  TYR n 
1 68  ARG n 
1 69  ARG n 
1 70  ILE n 
1 71  THR n 
1 72  SER n 
1 73  ALA n 
1 74  TYR n 
1 75  TYR n 
1 76  ARG n 
1 77  GLY n 
1 78  ALA n 
1 79  VAL n 
1 80  GLY n 
1 81  ALA n 
1 82  LEU n 
1 83  LEU n 
1 84  VAL n 
1 85  TYR n 
1 86  ASP n 
1 87  ILE n 
1 88  ALA n 
1 89  LYS n 
1 90  HIS n 
1 91  LEU n 
1 92  THR n 
1 93  TYR n 
1 94  GLU n 
1 95  ASN n 
1 96  VAL n 
1 97  GLU n 
1 98  ARG n 
1 99  TRP n 
1 100 LEU n 
1 101 LYS n 
1 102 GLU n 
1 103 LEU n 
1 104 ARG n 
1 105 ASP n 
1 106 HIS n 
1 107 ALA n 
1 108 ASP n 
1 109 SER n 
1 110 ASN n 
1 111 ILE n 
1 112 VAL n 
1 113 ILE n 
1 114 MET n 
1 115 LEU n 
1 116 VAL n 
1 117 GLY n 
1 118 ASN n 
1 119 LYS n 
1 120 SER n 
1 121 ASP n 
1 122 LEU n 
1 123 ARG n 
1 124 HIS n 
1 125 LEU n 
1 126 ARG n 
1 127 ALA n 
1 128 VAL n 
1 129 PRO n 
1 130 THR n 
1 131 ASP n 
1 132 GLU n 
1 133 ALA n 
1 134 ARG n 
1 135 ALA n 
1 136 PHE n 
1 137 ALA n 
1 138 GLU n 
1 139 LYS n 
1 140 ASN n 
1 141 ASN n 
1 142 LEU n 
1 143 SER n 
1 144 PHE n 
1 145 ILE n 
1 146 GLU n 
1 147 THR n 
1 148 SER n 
1 149 ALA n 
1 150 LEU n 
1 151 ASP n 
1 152 SER n 
1 153 THR n 
1 154 ASN n 
1 155 VAL n 
1 156 GLU n 
1 157 GLU n 
1 158 ALA n 
1 159 PHE n 
1 160 LYS n 
1 161 ASN n 
1 162 ILE n 
1 163 LEU n 
1 164 THR n 
1 165 GLU n 
1 166 ILE n 
1 167 TYR n 
1 168 ARG n 
1 169 ILE n 
1 170 VAL n 
1 171 SER n 
1 172 GLN n 
1 173 LYS n 
1 174 GLN n 
1 175 ILE n 
1 176 ALA n 
1 177 ASP n 
1 178 ARG n 
1 179 ALA n 
1 180 ALA n 
1 181 HIS n 
1 182 ASP n 
1 183 GLU n 
1 184 SER n 
1 185 PRO n 
1 186 GLY n 
1 187 ASN n 
1 188 ASN n 
1 189 VAL n 
1 190 VAL n 
1 191 ASP n 
1 192 ILE n 
1 193 SER n 
1 194 VAL n 
1 195 PRO n 
1 196 PRO n 
1 197 THR n 
1 198 THR n 
1 199 ASP n 
# 
_entity_src_gen.entity_id                          1 
_entity_src_gen.pdbx_src_id                        1 
_entity_src_gen.pdbx_alt_source_flag               sample 
_entity_src_gen.pdbx_seq_type                      ? 
_entity_src_gen.pdbx_beg_seq_num                   ? 
_entity_src_gen.pdbx_end_seq_num                   ? 
_entity_src_gen.gene_src_common_name               human 
_entity_src_gen.gene_src_genus                     Homo 
_entity_src_gen.pdbx_gene_src_gene                 ? 
_entity_src_gen.gene_src_species                   ? 
_entity_src_gen.gene_src_strain                    ? 
_entity_src_gen.gene_src_tissue                    ? 
_entity_src_gen.gene_src_tissue_fraction           ? 
_entity_src_gen.gene_src_details                   ? 
_entity_src_gen.pdbx_gene_src_fragment             ? 
_entity_src_gen.pdbx_gene_src_scientific_name      'Homo sapiens' 
_entity_src_gen.pdbx_gene_src_ncbi_taxonomy_id     9606 
_entity_src_gen.pdbx_gene_src_variant              ? 
_entity_src_gen.pdbx_gene_src_cell_line            ? 
_entity_src_gen.pdbx_gene_src_atcc                 ? 
_entity_src_gen.pdbx_gene_src_organ                ? 
_entity_src_gen.pdbx_gene_src_organelle            ? 
_entity_src_gen.pdbx_gene_src_cell                 ? 
_entity_src_gen.pdbx_gene_src_cellular_location    ? 
_entity_src_gen.host_org_common_name               ? 
_entity_src_gen.pdbx_host_org_scientific_name      'Escherichia coli' 
_entity_src_gen.pdbx_host_org_ncbi_taxonomy_id     562 
_entity_src_gen.host_org_genus                     Escherichia 
_entity_src_gen.pdbx_host_org_gene                 ? 
_entity_src_gen.pdbx_host_org_organ                ? 
_entity_src_gen.host_org_species                   ? 
_entity_src_gen.pdbx_host_org_tissue               ? 
_entity_src_gen.pdbx_host_org_tissue_fraction      ? 
_entity_src_gen.pdbx_host_org_strain               DH5alpha 
_entity_src_gen.pdbx_host_org_variant              ? 
_entity_src_gen.pdbx_host_org_cell_line            ? 
_entity_src_gen.pdbx_host_org_atcc                 ? 
_entity_src_gen.pdbx_host_org_culture_collection   ? 
_entity_src_gen.pdbx_host_org_cell                 ? 
_entity_src_gen.pdbx_host_org_organelle            ? 
_entity_src_gen.pdbx_host_org_cellular_location    ? 
_entity_src_gen.pdbx_host_org_vector_type          plasmid 
_entity_src_gen.pdbx_host_org_vector               ? 
_entity_src_gen.host_org_details                   ? 
_entity_src_gen.expression_system_id               ? 
_entity_src_gen.plasmid_name                       pCYTEXP3 
_entity_src_gen.plasmid_details                    ? 
_entity_src_gen.pdbx_description                   ? 
# 
_struct_ref.id                         1 
_struct_ref.db_name                    UNP 
_struct_ref.db_code                    RB11B_HUMAN 
_struct_ref.pdbx_db_accession          Q15907 
_struct_ref.entity_id                  1 
_struct_ref.pdbx_seq_one_letter_code   
;YDYLFKVVLIGDSGVGKSNLLSRFTRNEFNLESKSTIGVEFATRSIQVDGKTIKAQIWDTAGQERYRRITSAYYRGAVGA
LLVYDIAKHLTYENVERWLKELRDHADSNIVIMLVGNKSDLRHLRAVPTDEARAFAEKNNLSFIETSALDSTNVEEAFKN
ILTEIYRIVSQKQIADRAAHDESPGNNVVDISVPPTTD
;
_struct_ref.pdbx_align_begin           8 
_struct_ref.pdbx_db_isoform            ? 
# 
_struct_ref_seq.align_id                      1 
_struct_ref_seq.ref_id                        1 
_struct_ref_seq.pdbx_PDB_id_code              2F9L 
_struct_ref_seq.pdbx_strand_id                A 
_struct_ref_seq.seq_align_beg                 2 
_struct_ref_seq.pdbx_seq_align_beg_ins_code   ? 
_struct_ref_seq.seq_align_end                 199 
_struct_ref_seq.pdbx_seq_align_end_ins_code   ? 
_struct_ref_seq.pdbx_db_accession             Q15907 
_struct_ref_seq.db_align_beg                  8 
_struct_ref_seq.pdbx_db_align_beg_ins_code    ? 
_struct_ref_seq.db_align_end                  205 
_struct_ref_seq.pdbx_db_align_end_ins_code    ? 
_struct_ref_seq.pdbx_auth_seq_align_beg       8 
_struct_ref_seq.pdbx_auth_seq_align_end       205 
# 
_struct_ref_seq_dif.align_id                     1 
_struct_ref_seq_dif.pdbx_pdb_id_code             2F9L 
_struct_ref_seq_dif.mon_id                       MET 
_struct_ref_seq_dif.pdbx_pdb_strand_id           A 
_struct_ref_seq_dif.seq_num                      1 
_struct_ref_seq_dif.pdbx_pdb_ins_code            ? 
_struct_ref_seq_dif.pdbx_seq_db_name             UNP 
_struct_ref_seq_dif.pdbx_seq_db_accession_code   Q15907 
_struct_ref_seq_dif.db_mon_id                    ? 
_struct_ref_seq_dif.pdbx_seq_db_seq_num          ? 
_struct_ref_seq_dif.details                      'initiating methionine' 
_struct_ref_seq_dif.pdbx_auth_seq_num            7 
_struct_ref_seq_dif.pdbx_ordinal                 1 
# 
loop_
_chem_comp.id 
_chem_comp.type 
_chem_comp.mon_nstd_flag 
_chem_comp.name 
_chem_comp.pdbx_synonyms 
_chem_comp.formula 
_chem_comp.formula_weight 
ALA 'L-peptide linking' y ALANINE                    ? 'C3 H7 N O2'        89.093  
ARG 'L-peptide linking' y ARGININE                   ? 'C6 H15 N4 O2 1'    175.209 
ASN 'L-peptide linking' y ASPARAGINE                 ? 'C4 H8 N2 O3'       132.118 
ASP 'L-peptide linking' y 'ASPARTIC ACID'            ? 'C4 H7 N O4'        133.103 
GDP 'RNA linking'       n "GUANOSINE-5'-DIPHOSPHATE" ? 'C10 H15 N5 O11 P2' 443.201 
GLN 'L-peptide linking' y GLUTAMINE                  ? 'C5 H10 N2 O3'      146.144 
GLU 'L-peptide linking' y 'GLUTAMIC ACID'            ? 'C5 H9 N O4'        147.129 
GLY 'peptide linking'   y GLYCINE                    ? 'C2 H5 N O2'        75.067  
HIS 'L-peptide linking' y HISTIDINE                  ? 'C6 H10 N3 O2 1'    156.162 
HOH non-polymer         . WATER                      ? 'H2 O'              18.015  
ILE 'L-peptide linking' y ISOLEUCINE                 ? 'C6 H13 N O2'       131.173 
LEU 'L-peptide linking' y LEUCINE                    ? 'C6 H13 N O2'       131.173 
LYS 'L-peptide linking' y LYSINE                     ? 'C6 H15 N2 O2 1'    147.195 
MET 'L-peptide linking' y METHIONINE                 ? 'C5 H11 N O2 S'     149.211 
MG  non-polymer         . 'MAGNESIUM ION'            ? 'Mg 2'              24.305  
PHE 'L-peptide linking' y PHENYLALANINE              ? 'C9 H11 N O2'       165.189 
PRO 'L-peptide linking' y PROLINE                    ? 'C5 H9 N O2'        115.130 
SER 'L-peptide linking' y SERINE                     ? 'C3 H7 N O3'        105.093 
THR 'L-peptide linking' y THREONINE                  ? 'C4 H9 N O3'        119.119 
TRP 'L-peptide linking' y TRYPTOPHAN                 ? 'C11 H12 N2 O2'     204.225 
TYR 'L-peptide linking' y TYROSINE                   ? 'C9 H11 N O3'       181.189 
VAL 'L-peptide linking' y VALINE                     ? 'C5 H11 N O2'       117.146 
# 
_exptl.entry_id          2F9L 
_exptl.method            'X-RAY DIFFRACTION' 
_exptl.crystals_number   1 
# 
_exptl_crystal.id                    1 
_exptl_crystal.density_meas          ? 
_exptl_crystal.density_Matthews      1.6 
_exptl_crystal.density_percent_sol   22 
_exptl_crystal.description           ? 
_exptl_crystal.F_000                 ? 
_exptl_crystal.preparation           ? 
# 
_exptl_crystal_grow.crystal_id      1 
_exptl_crystal_grow.method          'VAPOR DIFFUSION, HANGING DROP' 
_exptl_crystal_grow.temp            298 
_exptl_crystal_grow.temp_details    ? 
_exptl_crystal_grow.pH              8.8 
_exptl_crystal_grow.pdbx_details    
;Reservoir solution: 0.1M Tris-HCl pH8.8, 30% PEG 4000   
Protein sample: 30 mg/ml Rab11b-GDP, 10mM Tris-HCl pH7.4, 0.1mM Mg Chloride , VAPOR DIFFUSION, HANGING DROP, temperature 298K
;
_exptl_crystal_grow.pdbx_pH_range   . 
# 
_diffrn.id                     1 
_diffrn.ambient_temp           100.0 
_diffrn.ambient_temp_details   ? 
_diffrn.crystal_id             1 
# 
_diffrn_detector.diffrn_id              1 
_diffrn_detector.detector               CCD 
_diffrn_detector.type                   MARRESEARCH 
_diffrn_detector.pdbx_collection_date   2003-08-30 
_diffrn_detector.details                ? 
# 
_diffrn_radiation.diffrn_id                        1 
_diffrn_radiation.wavelength_id                    1 
_diffrn_radiation.pdbx_monochromatic_or_laue_m_l   M 
_diffrn_radiation.monochromator                    'Si (111)' 
_diffrn_radiation.pdbx_diffrn_protocol             'SINGLE WAVELENGTH' 
_diffrn_radiation.pdbx_scattering_type             x-ray 
# 
_diffrn_radiation_wavelength.id           1 
_diffrn_radiation_wavelength.wavelength   1.43 
_diffrn_radiation_wavelength.wt           1.0 
# 
_diffrn_source.diffrn_id                   1 
_diffrn_source.source                      SYNCHROTRON 
_diffrn_source.type                        'LNLS BEAMLINE D03B-MX1' 
_diffrn_source.pdbx_synchrotron_site       LNLS 
_diffrn_source.pdbx_synchrotron_beamline   D03B-MX1 
_diffrn_source.pdbx_wavelength             ? 
_diffrn_source.pdbx_wavelength_list        1.43 
# 
_reflns.entry_id                     2F9L 
_reflns.observed_criterion_sigma_I   0 
_reflns.observed_criterion_sigma_F   0 
_reflns.d_resolution_low             39.22 
_reflns.d_resolution_high            1.55 
_reflns.number_obs                   21134 
_reflns.number_all                   ? 
_reflns.percent_possible_obs         99.8 
_reflns.pdbx_Rmerge_I_obs            ? 
_reflns.pdbx_Rsym_value              0.062 
_reflns.pdbx_netI_over_sigmaI        18.4 
_reflns.B_iso_Wilson_estimate        ? 
_reflns.pdbx_redundancy              6.7 
_reflns.R_free_details               ? 
_reflns.limit_h_max                  ? 
_reflns.limit_h_min                  ? 
_reflns.limit_k_max                  ? 
_reflns.limit_k_min                  ? 
_reflns.limit_l_max                  ? 
_reflns.limit_l_min                  ? 
_reflns.observed_criterion_F_max     ? 
_reflns.observed_criterion_F_min     ? 
_reflns.pdbx_chi_squared             ? 
_reflns.pdbx_scaling_rejects         ? 
_reflns.pdbx_diffrn_id               1 
_reflns.pdbx_ordinal                 1 
# 
_reflns_shell.d_res_high             1.55 
_reflns_shell.d_res_low              1.63 
_reflns_shell.percent_possible_all   99.5 
_reflns_shell.Rmerge_I_obs           ? 
_reflns_shell.pdbx_Rsym_value        0.377 
_reflns_shell.meanI_over_sigI_obs    5.0 
_reflns_shell.pdbx_redundancy        6.4 
_reflns_shell.percent_possible_obs   ? 
_reflns_shell.number_unique_all      ? 
_reflns_shell.number_measured_all    ? 
_reflns_shell.number_measured_obs    ? 
_reflns_shell.number_unique_obs      ? 
_reflns_shell.pdbx_chi_squared       ? 
_reflns_shell.pdbx_diffrn_id         ? 
_reflns_shell.pdbx_ordinal           1 
# 
_refine.entry_id                                 2F9L 
_refine.ls_number_reflns_obs                     20119 
_refine.ls_number_reflns_all                     21252 
_refine.pdbx_ls_sigma_I                          ? 
_refine.pdbx_ls_sigma_F                          0 
_refine.pdbx_data_cutoff_high_absF               ? 
_refine.pdbx_data_cutoff_low_absF                ? 
_refine.pdbx_data_cutoff_high_rms_absF           ? 
_refine.ls_d_res_low                             39.22 
_refine.ls_d_res_high                            1.55 
_refine.ls_percent_reflns_obs                    99.77 
_refine.ls_R_factor_obs                          0.18813 
_refine.ls_R_factor_all                          0.18813 
_refine.ls_R_factor_R_work                       0.18564 
_refine.ls_R_factor_R_free                       0.23755 
_refine.ls_R_factor_R_free_error                 ? 
_refine.ls_R_factor_R_free_error_details         ? 
_refine.ls_percent_reflns_R_free                 5.1 
_refine.ls_number_reflns_R_free                  1091 
_refine.ls_number_parameters                     ? 
_refine.ls_number_restraints                     ? 
_refine.occupancy_min                            ? 
_refine.occupancy_max                            ? 
_refine.correlation_coeff_Fo_to_Fc               0.958 
_refine.correlation_coeff_Fo_to_Fc_free          0.925 
_refine.B_iso_mean                               18.203 
_refine.aniso_B[1][1]                            -0.34 
_refine.aniso_B[2][2]                            -0.70 
_refine.aniso_B[3][3]                            1.04 
_refine.aniso_B[1][2]                            0.00 
_refine.aniso_B[1][3]                            0.00 
_refine.aniso_B[2][3]                            0.00 
_refine.solvent_model_details                    'BABINET MODEL WITH MASK' 
_refine.solvent_model_param_ksol                 ? 
_refine.solvent_model_param_bsol                 ? 
_refine.pdbx_solvent_vdw_probe_radii             1.20 
_refine.pdbx_solvent_ion_probe_radii             0.80 
_refine.pdbx_solvent_shrinkage_radii             0.80 
_refine.pdbx_ls_cross_valid_method               THROUGHOUT 
_refine.details                                  ? 
_refine.pdbx_starting_model                      'PDB ENTRY 1OIV' 
_refine.pdbx_method_to_determine_struct          'MOLECULAR REPLACEMENT' 
_refine.pdbx_isotropic_thermal_model             ? 
_refine.pdbx_stereochemistry_target_values       'MAXIMUM LIKELIHOOD' 
_refine.pdbx_stereochem_target_val_spec_case     ? 
_refine.pdbx_R_Free_selection_details            RANDOM 
_refine.pdbx_overall_ESU_R                       0.098 
_refine.pdbx_overall_ESU_R_Free                  0.104 
_refine.overall_SU_ML                            0.064 
_refine.overall_SU_B                             1.734 
_refine.ls_redundancy_reflns_obs                 ? 
_refine.B_iso_min                                ? 
_refine.B_iso_max                                ? 
_refine.overall_SU_R_Cruickshank_DPI             ? 
_refine.overall_SU_R_free                        ? 
_refine.ls_wR_factor_R_free                      ? 
_refine.ls_wR_factor_R_work                      ? 
_refine.overall_FOM_free_R_set                   ? 
_refine.overall_FOM_work_R_set                   ? 
_refine.pdbx_refine_id                           'X-RAY DIFFRACTION' 
_refine.pdbx_diffrn_id                           1 
_refine.pdbx_TLS_residual_ADP_flag               ? 
_refine.pdbx_overall_phase_error                 ? 
_refine.pdbx_overall_SU_R_free_Cruickshank_DPI   ? 
_refine.pdbx_overall_SU_R_Blow_DPI               ? 
_refine.pdbx_overall_SU_R_free_Blow_DPI          ? 
# 
_refine_hist.pdbx_refine_id                   'X-RAY DIFFRACTION' 
_refine_hist.cycle_id                         LAST 
_refine_hist.pdbx_number_atoms_protein        1341 
_refine_hist.pdbx_number_atoms_nucleic_acid   0 
_refine_hist.pdbx_number_atoms_ligand         29 
_refine_hist.number_atoms_solvent             185 
_refine_hist.number_atoms_total               1555 
_refine_hist.d_res_high                       1.55 
_refine_hist.d_res_low                        39.22 
# 
loop_
_refine_ls_restr.type 
_refine_ls_restr.dev_ideal 
_refine_ls_restr.dev_ideal_target 
_refine_ls_restr.weight 
_refine_ls_restr.number 
_refine_ls_restr.pdbx_refine_id 
_refine_ls_restr.pdbx_restraint_function 
r_bond_refined_d         0.014  0.022  ? 1391 'X-RAY DIFFRACTION' ? 
r_angle_refined_deg      1.720  1.969  ? 1892 'X-RAY DIFFRACTION' ? 
r_dihedral_angle_1_deg   5.909  5.000  ? 171  'X-RAY DIFFRACTION' ? 
r_dihedral_angle_2_deg   37.806 24.531 ? 64   'X-RAY DIFFRACTION' ? 
r_dihedral_angle_3_deg   16.101 15.000 ? 226  'X-RAY DIFFRACTION' ? 
r_dihedral_angle_4_deg   23.694 15.000 ? 8    'X-RAY DIFFRACTION' ? 
r_chiral_restr           0.086  0.200  ? 220  'X-RAY DIFFRACTION' ? 
r_gen_planes_refined     0.007  0.020  ? 1033 'X-RAY DIFFRACTION' ? 
r_nbd_refined            0.228  0.200  ? 824  'X-RAY DIFFRACTION' ? 
r_nbtor_refined          0.332  0.200  ? 1001 'X-RAY DIFFRACTION' ? 
r_xyhbond_nbd_refined    0.152  0.200  ? 203  'X-RAY DIFFRACTION' ? 
r_symmetry_vdw_refined   0.211  0.200  ? 88   'X-RAY DIFFRACTION' ? 
r_symmetry_hbond_refined 0.190  0.200  ? 42   'X-RAY DIFFRACTION' ? 
r_mcbond_it              0.975  1.500  ? 862  'X-RAY DIFFRACTION' ? 
r_mcangle_it             1.631  2.000  ? 1362 'X-RAY DIFFRACTION' ? 
r_scbond_it              2.400  3.000  ? 601  'X-RAY DIFFRACTION' ? 
r_scangle_it             3.464  4.500  ? 530  'X-RAY DIFFRACTION' ? 
# 
_refine_ls_shell.pdbx_total_number_of_bins_used   20 
_refine_ls_shell.d_res_high                       1.550 
_refine_ls_shell.d_res_low                        1.590 
_refine_ls_shell.number_reflns_R_work             1434 
_refine_ls_shell.R_factor_R_work                  0.321 
_refine_ls_shell.percent_reflns_obs               99.09 
_refine_ls_shell.R_factor_R_free                  0.394 
_refine_ls_shell.R_factor_R_free_error            ? 
_refine_ls_shell.percent_reflns_R_free            ? 
_refine_ls_shell.number_reflns_R_free             83 
_refine_ls_shell.number_reflns_all                ? 
_refine_ls_shell.R_factor_all                     ? 
_refine_ls_shell.number_reflns_obs                ? 
_refine_ls_shell.redundancy_reflns_obs            ? 
_refine_ls_shell.pdbx_refine_id                   'X-RAY DIFFRACTION' 
# 
_struct.entry_id                  2F9L 
_struct.title                     '3D structure of inactive human Rab11b GTPase' 
_struct.pdbx_model_details        ? 
_struct.pdbx_CASP_flag            ? 
_struct.pdbx_model_type_details   ? 
# 
_struct_keywords.entry_id        2F9L 
_struct_keywords.pdbx_keywords   HYDROLASE 
_struct_keywords.text            'Rab11b GTPase, vesicle transport, HYDROLASE' 
# 
loop_
_struct_asym.id 
_struct_asym.pdbx_blank_PDB_chainid_flag 
_struct_asym.pdbx_modified 
_struct_asym.entity_id 
_struct_asym.details 
A N N 1 ? 
B N N 2 ? 
C N N 3 ? 
D N N 4 ? 
# 
loop_
_struct_conf.conf_type_id 
_struct_conf.id 
_struct_conf.pdbx_PDB_helix_id 
_struct_conf.beg_label_comp_id 
_struct_conf.beg_label_asym_id 
_struct_conf.beg_label_seq_id 
_struct_conf.pdbx_beg_PDB_ins_code 
_struct_conf.end_label_comp_id 
_struct_conf.end_label_asym_id 
_struct_conf.end_label_seq_id 
_struct_conf.pdbx_end_PDB_ins_code 
_struct_conf.beg_auth_comp_id 
_struct_conf.beg_auth_asym_id 
_struct_conf.beg_auth_seq_id 
_struct_conf.end_auth_comp_id 
_struct_conf.end_auth_asym_id 
_struct_conf.end_auth_seq_id 
_struct_conf.pdbx_PDB_helix_class 
_struct_conf.details 
_struct_conf.pdbx_PDB_helix_length 
HELX_P HELX_P1 1 GLY A 17  ? ASN A 28  ? GLY A 23  ASN A 34  1 ? 12 
HELX_P HELX_P2 2 GLY A 63  ? TYR A 67  ? GLY A 69  TYR A 73  5 ? 5  
HELX_P HELX_P3 3 THR A 71  ? ARG A 76  ? THR A 77  ARG A 82  1 ? 6  
HELX_P HELX_P4 4 LYS A 89  ? ASN A 95  ? LYS A 95  ASN A 101 1 ? 7  
HELX_P HELX_P5 5 ASN A 95  ? ALA A 107 ? ASN A 101 ALA A 113 1 ? 13 
HELX_P HELX_P6 6 LEU A 122 ? ARG A 126 ? LEU A 128 ARG A 132 5 ? 5  
HELX_P HELX_P7 7 PRO A 129 ? ASN A 140 ? PRO A 135 ASN A 146 1 ? 12 
HELX_P HELX_P8 8 ASN A 154 ? GLN A 172 ? ASN A 160 GLN A 178 1 ? 19 
# 
_struct_conf_type.id          HELX_P 
_struct_conf_type.criteria    ? 
_struct_conf_type.reference   ? 
# 
loop_
_struct_conn.id 
_struct_conn.conn_type_id 
_struct_conn.pdbx_leaving_atom_flag 
_struct_conn.pdbx_PDB_id 
_struct_conn.ptnr1_label_asym_id 
_struct_conn.ptnr1_label_comp_id 
_struct_conn.ptnr1_label_seq_id 
_struct_conn.ptnr1_label_atom_id 
_struct_conn.pdbx_ptnr1_label_alt_id 
_struct_conn.pdbx_ptnr1_PDB_ins_code 
_struct_conn.pdbx_ptnr1_standard_comp_id 
_struct_conn.ptnr1_symmetry 
_struct_conn.ptnr2_label_asym_id 
_struct_conn.ptnr2_label_comp_id 
_struct_conn.ptnr2_label_seq_id 
_struct_conn.ptnr2_label_atom_id 
_struct_conn.pdbx_ptnr2_label_alt_id 
_struct_conn.pdbx_ptnr2_PDB_ins_code 
_struct_conn.ptnr1_auth_asym_id 
_struct_conn.ptnr1_auth_comp_id 
_struct_conn.ptnr1_auth_seq_id 
_struct_conn.ptnr2_auth_asym_id 
_struct_conn.ptnr2_auth_comp_id 
_struct_conn.ptnr2_auth_seq_id 
_struct_conn.ptnr2_symmetry 
_struct_conn.pdbx_ptnr3_label_atom_id 
_struct_conn.pdbx_ptnr3_label_seq_id 
_struct_conn.pdbx_ptnr3_label_comp_id 
_struct_conn.pdbx_ptnr3_label_asym_id 
_struct_conn.pdbx_ptnr3_label_alt_id 
_struct_conn.pdbx_ptnr3_PDB_ins_code 
_struct_conn.details 
_struct_conn.pdbx_dist_value 
_struct_conn.pdbx_value_order 
_struct_conn.pdbx_role 
metalc1 metalc ? ? A SER 19 OG  ? ? ? 1_555 B MG  . MG ? ? A SER 25   A MG  1175 1_555 ? ? ? ? ? ? ? 2.133 ? ? 
metalc2 metalc ? ? C GDP .  O3B ? ? ? 1_555 B MG  . MG ? ? A GDP 1174 A MG  1175 1_555 ? ? ? ? ? ? ? 2.013 ? ? 
metalc3 metalc ? ? B MG  .  MG  ? ? ? 1_555 D HOH . O  ? ? A MG  1175 A HOH 1296 1_555 ? ? ? ? ? ? ? 2.041 ? ? 
metalc4 metalc ? ? B MG  .  MG  ? ? ? 1_555 D HOH . O  ? ? A MG  1175 A HOH 1297 1_555 ? ? ? ? ? ? ? 2.047 ? ? 
metalc5 metalc ? ? B MG  .  MG  ? ? ? 1_555 D HOH . O  ? ? A MG  1175 A HOH 1298 1_555 ? ? ? ? ? ? ? 2.140 ? ? 
metalc6 metalc ? ? B MG  .  MG  ? ? ? 1_555 D HOH . O  ? ? A MG  1175 A HOH 1299 1_555 ? ? ? ? ? ? ? 2.079 ? ? 
# 
_struct_conn_type.id          metalc 
_struct_conn_type.criteria    ? 
_struct_conn_type.reference   ? 
# 
_struct_sheet.id               A 
_struct_sheet.type             ? 
_struct_sheet.number_strands   6 
_struct_sheet.details          ? 
# 
loop_
_struct_sheet_order.sheet_id 
_struct_sheet_order.range_id_1 
_struct_sheet_order.range_id_2 
_struct_sheet_order.offset 
_struct_sheet_order.sense 
A 1 2 ? anti-parallel 
A 2 3 ? parallel      
A 3 4 ? parallel      
A 4 5 ? parallel      
A 5 6 ? parallel      
# 
loop_
_struct_sheet_range.sheet_id 
_struct_sheet_range.id 
_struct_sheet_range.beg_label_comp_id 
_struct_sheet_range.beg_label_asym_id 
_struct_sheet_range.beg_label_seq_id 
_struct_sheet_range.pdbx_beg_PDB_ins_code 
_struct_sheet_range.end_label_comp_id 
_struct_sheet_range.end_label_asym_id 
_struct_sheet_range.end_label_seq_id 
_struct_sheet_range.pdbx_end_PDB_ins_code 
_struct_sheet_range.beg_auth_comp_id 
_struct_sheet_range.beg_auth_asym_id 
_struct_sheet_range.beg_auth_seq_id 
_struct_sheet_range.end_auth_comp_id 
_struct_sheet_range.end_auth_asym_id 
_struct_sheet_range.end_auth_seq_id 
A 1 GLU A 41  ? VAL A 49  ? GLU A 47  VAL A 55  
A 2 LYS A 52  ? ASP A 60  ? LYS A 58  ASP A 66  
A 3 TYR A 4   ? ILE A 11  ? TYR A 10  ILE A 17  
A 4 GLY A 80  ? ASP A 86  ? GLY A 86  ASP A 92  
A 5 VAL A 112 ? ASN A 118 ? VAL A 118 ASN A 124 
A 6 SER A 143 ? GLU A 146 ? SER A 149 GLU A 152 
# 
loop_
_pdbx_struct_sheet_hbond.sheet_id 
_pdbx_struct_sheet_hbond.range_id_1 
_pdbx_struct_sheet_hbond.range_id_2 
_pdbx_struct_sheet_hbond.range_1_label_atom_id 
_pdbx_struct_sheet_hbond.range_1_label_comp_id 
_pdbx_struct_sheet_hbond.range_1_label_asym_id 
_pdbx_struct_sheet_hbond.range_1_label_seq_id 
_pdbx_struct_sheet_hbond.range_1_PDB_ins_code 
_pdbx_struct_sheet_hbond.range_1_auth_atom_id 
_pdbx_struct_sheet_hbond.range_1_auth_comp_id 
_pdbx_struct_sheet_hbond.range_1_auth_asym_id 
_pdbx_struct_sheet_hbond.range_1_auth_seq_id 
_pdbx_struct_sheet_hbond.range_2_label_atom_id 
_pdbx_struct_sheet_hbond.range_2_label_comp_id 
_pdbx_struct_sheet_hbond.range_2_label_asym_id 
_pdbx_struct_sheet_hbond.range_2_label_seq_id 
_pdbx_struct_sheet_hbond.range_2_PDB_ins_code 
_pdbx_struct_sheet_hbond.range_2_auth_atom_id 
_pdbx_struct_sheet_hbond.range_2_auth_comp_id 
_pdbx_struct_sheet_hbond.range_2_auth_asym_id 
_pdbx_struct_sheet_hbond.range_2_auth_seq_id 
A 1 2 N ILE A 47  ? N ILE A 53  O ILE A 54  ? O ILE A 60  
A 2 3 O LYS A 55  ? O LYS A 61  N TYR A 4   ? N TYR A 10  
A 3 4 N ILE A 11  ? N ILE A 17  O VAL A 84  ? O VAL A 90  
A 4 5 N TYR A 85  ? N TYR A 91  O ASN A 118 ? O ASN A 124 
A 5 6 N LEU A 115 ? N LEU A 121 O SER A 143 ? O SER A 149 
# 
loop_
_struct_site.id 
_struct_site.pdbx_evidence_code 
_struct_site.pdbx_auth_asym_id 
_struct_site.pdbx_auth_comp_id 
_struct_site.pdbx_auth_seq_id 
_struct_site.pdbx_auth_ins_code 
_struct_site.pdbx_num_residues 
_struct_site.details 
AC1 Software A MG  1175 ? 6  'BINDING SITE FOR RESIDUE MG A 1175'  
AC2 Software A GDP 1174 ? 25 'BINDING SITE FOR RESIDUE GDP A 1174' 
# 
loop_
_struct_site_gen.id 
_struct_site_gen.site_id 
_struct_site_gen.pdbx_num_res 
_struct_site_gen.label_comp_id 
_struct_site_gen.label_asym_id 
_struct_site_gen.label_seq_id 
_struct_site_gen.pdbx_auth_ins_code 
_struct_site_gen.auth_comp_id 
_struct_site_gen.auth_asym_id 
_struct_site_gen.auth_seq_id 
_struct_site_gen.label_atom_id 
_struct_site_gen.label_alt_id 
_struct_site_gen.symmetry 
_struct_site_gen.details 
1  AC1 6  SER A 19  ? SER A 25   . ? 1_555 ? 
2  AC1 6  GDP C .   ? GDP A 1174 . ? 1_555 ? 
3  AC1 6  HOH D .   ? HOH A 1296 . ? 1_555 ? 
4  AC1 6  HOH D .   ? HOH A 1297 . ? 1_555 ? 
5  AC1 6  HOH D .   ? HOH A 1298 . ? 1_555 ? 
6  AC1 6  HOH D .   ? HOH A 1299 . ? 1_555 ? 
7  AC2 25 GLY A 15  ? GLY A 21   . ? 1_555 ? 
8  AC2 25 VAL A 16  ? VAL A 22   . ? 1_555 ? 
9  AC2 25 GLY A 17  ? GLY A 23   . ? 1_555 ? 
10 AC2 25 LYS A 18  ? LYS A 24   . ? 1_555 ? 
11 AC2 25 SER A 19  ? SER A 25   . ? 1_555 ? 
12 AC2 25 ASN A 20  ? ASN A 26   . ? 1_555 ? 
13 AC2 25 PHE A 30  ? PHE A 36   . ? 1_555 ? 
14 AC2 25 ASN A 31  ? ASN A 37   . ? 1_555 ? 
15 AC2 25 LEU A 32  ? LEU A 38   . ? 1_555 ? 
16 AC2 25 ASN A 118 ? ASN A 124  . ? 1_555 ? 
17 AC2 25 LYS A 119 ? LYS A 125  . ? 1_555 ? 
18 AC2 25 ASP A 121 ? ASP A 127  . ? 1_555 ? 
19 AC2 25 SER A 148 ? SER A 154  . ? 1_555 ? 
20 AC2 25 ALA A 149 ? ALA A 155  . ? 1_555 ? 
21 AC2 25 LEU A 150 ? LEU A 156  . ? 1_555 ? 
22 AC2 25 MG  B .   ? MG  A 1175 . ? 1_555 ? 
23 AC2 25 HOH D .   ? HOH A 1190 . ? 1_555 ? 
24 AC2 25 HOH D .   ? HOH A 1201 . ? 3_545 ? 
25 AC2 25 HOH D .   ? HOH A 1216 . ? 3_545 ? 
26 AC2 25 HOH D .   ? HOH A 1222 . ? 3_545 ? 
27 AC2 25 HOH D .   ? HOH A 1240 . ? 1_555 ? 
28 AC2 25 HOH D .   ? HOH A 1241 . ? 1_555 ? 
29 AC2 25 HOH D .   ? HOH A 1296 . ? 1_555 ? 
30 AC2 25 HOH D .   ? HOH A 1298 . ? 1_555 ? 
31 AC2 25 HOH D .   ? HOH A 1299 . ? 1_555 ? 
# 
_atom_sites.entry_id                    2F9L 
_atom_sites.fract_transf_matrix[1][1]   -0.01248963 
_atom_sites.fract_transf_matrix[1][2]   0.01145774 
_atom_sites.fract_transf_matrix[1][3]   -0.01377213 
_atom_sites.fract_transf_matrix[2][1]   0.00884478 
_atom_sites.fract_transf_matrix[2][2]   0.01611090 
_atom_sites.fract_transf_matrix[2][3]   0.00538235 
_atom_sites.fract_transf_matrix[3][1]   0.01142302 
_atom_sites.fract_transf_matrix[3][2]   -0.00219910 
_atom_sites.fract_transf_matrix[3][3]   -0.01218882 
_atom_sites.fract_transf_vector[1]      0.202474 
_atom_sites.fract_transf_vector[2]      0.262013 
_atom_sites.fract_transf_vector[3]      0.225533 
# 
loop_
_atom_type.symbol 
C  
MG 
N  
O  
P  
S  
# 
loop_
_atom_site.group_PDB 
_atom_site.id 
_atom_site.type_symbol 
_atom_site.label_atom_id 
_atom_site.label_alt_id 
_atom_site.label_comp_id 
_atom_site.label_asym_id 
_atom_site.label_entity_id 
_atom_site.label_seq_id 
_atom_site.pdbx_PDB_ins_code 
_atom_site.Cartn_x 
_atom_site.Cartn_y 
_atom_site.Cartn_z 
_atom_site.occupancy 
_atom_site.B_iso_or_equiv 
_atom_site.pdbx_formal_charge 
_atom_site.auth_seq_id 
_atom_site.auth_comp_id 
_atom_site.auth_asym_id 
_atom_site.auth_atom_id 
_atom_site.pdbx_PDB_model_num 
ATOM   1    N  N     . MET A 1 1   ? -12.648 19.530  -2.949  1.00 18.89 ? 7    MET A N     1 
ATOM   2    C  CA    . MET A 1 1   ? -11.713 20.568  -2.404  1.00 18.28 ? 7    MET A CA    1 
ATOM   3    C  C     . MET A 1 1   ? -10.465 19.881  -1.904  1.00 16.53 ? 7    MET A C     1 
ATOM   4    O  O     . MET A 1 1   ? -10.510 19.170  -0.916  1.00 17.39 ? 7    MET A O     1 
ATOM   5    N  N     . TYR A 1 2   ? -9.357  20.054  -2.617  1.00 14.86 ? 8    TYR A N     1 
ATOM   6    C  CA    . TYR A 1 2   ? -8.111  19.411  -2.210  1.00 12.92 ? 8    TYR A CA    1 
ATOM   7    C  C     . TYR A 1 2   ? -6.926  20.191  -2.716  1.00 12.30 ? 8    TYR A C     1 
ATOM   8    O  O     . TYR A 1 2   ? -7.031  20.901  -3.708  1.00 11.62 ? 8    TYR A O     1 
ATOM   9    C  CB    . TYR A 1 2   ? -8.064  17.976  -2.745  1.00 12.88 ? 8    TYR A CB    1 
ATOM   10   C  CG    . TYR A 1 2   ? -8.182  17.882  -4.248  1.00 14.11 ? 8    TYR A CG    1 
ATOM   11   C  CD1   . TYR A 1 2   ? -7.059  17.989  -5.055  1.00 13.40 ? 8    TYR A CD1   1 
ATOM   12   C  CD2   . TYR A 1 2   ? -9.418  17.677  -4.857  1.00 15.35 ? 8    TYR A CD2   1 
ATOM   13   C  CE1   . TYR A 1 2   ? -7.143  17.897  -6.454  1.00 11.74 ? 8    TYR A CE1   1 
ATOM   14   C  CE2   . TYR A 1 2   ? -9.535  17.589  -6.233  1.00 17.15 ? 8    TYR A CE2   1 
ATOM   15   C  CZ    . TYR A 1 2   ? -8.390  17.710  -7.028  1.00 15.63 ? 8    TYR A CZ    1 
ATOM   16   O  OH    . TYR A 1 2   ? -8.503  17.598  -8.399  1.00 17.08 ? 8    TYR A OH    1 
ATOM   17   N  N     . ASP A 1 3   ? -5.819  20.084  -1.993  1.00 11.05 ? 9    ASP A N     1 
ATOM   18   C  CA    . ASP A 1 3   ? -4.553  20.625  -2.454  1.00 11.22 ? 9    ASP A CA    1 
ATOM   19   C  C     . ASP A 1 3   ? -3.776  19.659  -3.323  1.00 10.51 ? 9    ASP A C     1 
ATOM   20   O  O     . ASP A 1 3   ? -3.116  20.057  -4.277  1.00 10.96 ? 9    ASP A O     1 
ATOM   21   C  CB    . ASP A 1 3   ? -3.742  21.055  -1.278  1.00 11.66 ? 9    ASP A CB    1 
ATOM   22   C  CG    . ASP A 1 3   ? -4.443  22.145  -0.499  1.00 14.01 ? 9    ASP A CG    1 
ATOM   23   O  OD1   . ASP A 1 3   ? -4.655  23.247  -1.061  1.00 16.70 ? 9    ASP A OD1   1 
ATOM   24   O  OD2   . ASP A 1 3   ? -4.875  21.886  0.627   1.00 13.19 ? 9    ASP A OD2   1 
ATOM   25   N  N     . TYR A 1 4   ? -3.851  18.364  -2.995  1.00 10.44 ? 10   TYR A N     1 
ATOM   26   C  CA    . TYR A 1 4   ? -3.143  17.346  -3.725  1.00 10.45 ? 10   TYR A CA    1 
ATOM   27   C  C     . TYR A 1 4   ? -4.059  16.182  -3.968  1.00 10.22 ? 10   TYR A C     1 
ATOM   28   O  O     . TYR A 1 4   ? -4.937  15.945  -3.159  1.00 10.35 ? 10   TYR A O     1 
ATOM   29   C  CB    . TYR A 1 4   ? -1.976  16.824  -2.899  1.00 10.96 ? 10   TYR A CB    1 
ATOM   30   C  CG    . TYR A 1 4   ? -0.966  17.905  -2.674  1.00 12.10 ? 10   TYR A CG    1 
ATOM   31   C  CD1   . TYR A 1 4   ? -1.087  18.726  -1.578  1.00 13.11 ? 10   TYR A CD1   1 
ATOM   32   C  CD2   . TYR A 1 4   ? 0.062   18.120  -3.574  1.00 11.85 ? 10   TYR A CD2   1 
ATOM   33   C  CE1   . TYR A 1 4   ? -0.205  19.762  -1.355  1.00 14.45 ? 10   TYR A CE1   1 
ATOM   34   C  CE2   . TYR A 1 4   ? 0.972   19.165  -3.355  1.00 12.53 ? 10   TYR A CE2   1 
ATOM   35   C  CZ    . TYR A 1 4   ? 0.806   19.971  -2.260  1.00 13.28 ? 10   TYR A CZ    1 
ATOM   36   O  OH    . TYR A 1 4   ? 1.675   21.022  -1.991  1.00 15.43 ? 10   TYR A OH    1 
ATOM   37   N  N     . LEU A 1 5   ? -3.822  15.447  -5.052  1.00 9.95  ? 11   LEU A N     1 
ATOM   38   C  CA    . LEU A 1 5   ? -4.631  14.291  -5.346  1.00 10.17 ? 11   LEU A CA    1 
ATOM   39   C  C     . LEU A 1 5   ? -3.615  13.224  -5.603  1.00 10.67 ? 11   LEU A C     1 
ATOM   40   O  O     . LEU A 1 5   ? -2.885  13.317  -6.582  1.00 10.26 ? 11   LEU A O     1 
ATOM   41   C  CB    . LEU A 1 5   ? -5.476  14.545  -6.595  1.00 11.90 ? 11   LEU A CB    1 
ATOM   42   C  CG    . LEU A 1 5   ? -6.319  13.373  -7.096  1.00 14.27 ? 11   LEU A CG    1 
ATOM   43   C  CD1   . LEU A 1 5   ? -7.346  12.946  -6.086  1.00 18.62 ? 11   LEU A CD1   1 
ATOM   44   C  CD2   . LEU A 1 5   ? -7.008  13.864  -8.347  1.00 18.36 ? 11   LEU A CD2   1 
ATOM   45   N  N     . PHE A 1 6   ? -3.531  12.257  -4.687  1.00 9.92  ? 12   PHE A N     1 
ATOM   46   C  CA    . PHE A 1 6   ? -2.472  11.263  -4.828  1.00 10.40 ? 12   PHE A CA    1 
ATOM   47   C  C     . PHE A 1 6   ? -3.006  9.893   -5.145  1.00 10.29 ? 12   PHE A C     1 
ATOM   48   O  O     . PHE A 1 6   ? -3.797  9.345   -4.370  1.00 10.76 ? 12   PHE A O     1 
ATOM   49   C  CB    . PHE A 1 6   ? -1.694  11.143  -3.539  1.00 9.42  ? 12   PHE A CB    1 
ATOM   50   C  CG    . PHE A 1 6   ? -0.912  12.358  -3.180  1.00 9.55  ? 12   PHE A CG    1 
ATOM   51   C  CD1   . PHE A 1 6   ? -0.599  12.602  -1.842  1.00 10.93 ? 12   PHE A CD1   1 
ATOM   52   C  CD2   . PHE A 1 6   ? -0.433  13.221  -4.147  1.00 9.54  ? 12   PHE A CD2   1 
ATOM   53   C  CE1   . PHE A 1 6   ? 0.165   13.702  -1.465  1.00 10.24 ? 12   PHE A CE1   1 
ATOM   54   C  CE2   . PHE A 1 6   ? 0.334   14.339  -3.790  1.00 11.42 ? 12   PHE A CE2   1 
ATOM   55   C  CZ    . PHE A 1 6   ? 0.624   14.596  -2.429  1.00 9.51  ? 12   PHE A CZ    1 
ATOM   56   N  N     . LYS A 1 7   ? -2.571  9.362   -6.277  1.00 10.54 ? 13   LYS A N     1 
ATOM   57   C  CA    . LYS A 1 7   ? -2.940  7.998   -6.648  1.00 10.37 ? 13   LYS A CA    1 
ATOM   58   C  C     . LYS A 1 7   ? -1.992  7.076   -5.903  1.00 10.83 ? 13   LYS A C     1 
ATOM   59   O  O     . LYS A 1 7   ? -0.765  7.181   -6.046  1.00 12.27 ? 13   LYS A O     1 
ATOM   60   C  CB    . LYS A 1 7   ? -2.779  7.802   -8.150  1.00 11.85 ? 13   LYS A CB    1 
ATOM   61   C  CG    . LYS A 1 7   ? -2.953  6.369   -8.532  1.00 11.45 ? 13   LYS A CG    1 
ATOM   62   C  CD    . LYS A 1 7   ? -2.874  6.172   -10.046 1.00 14.78 ? 13   LYS A CD    1 
ATOM   63   C  CE    . LYS A 1 7   ? -3.163  4.715   -10.377 1.00 17.83 ? 13   LYS A CE    1 
ATOM   64   N  NZ    . LYS A 1 7   ? -3.303  4.498   -11.852 1.00 17.59 ? 13   LYS A NZ    1 
ATOM   65   N  N     . VAL A 1 8   ? -2.559  6.179   -5.093  1.00 9.45  ? 14   VAL A N     1 
ATOM   66   C  CA    . VAL A 1 8   ? -1.776  5.228   -4.324  1.00 9.20  ? 14   VAL A CA    1 
ATOM   67   C  C     . VAL A 1 8   ? -2.328  3.871   -4.695  1.00 10.01 ? 14   VAL A C     1 
ATOM   68   O  O     . VAL A 1 8   ? -3.535  3.704   -4.708  1.00 11.55 ? 14   VAL A O     1 
ATOM   69   C  CB    . VAL A 1 8   ? -1.965  5.478   -2.814  1.00 10.45 ? 14   VAL A CB    1 
ATOM   70   C  CG1   . VAL A 1 8   ? -1.309  4.372   -2.049  1.00 11.37 ? 14   VAL A CG1   1 
ATOM   71   C  CG2   . VAL A 1 8   ? -1.368  6.834   -2.431  1.00 9.03  ? 14   VAL A CG2   1 
ATOM   72   N  N     . VAL A 1 9   ? -1.442  2.929   -5.008  1.00 10.18 ? 15   VAL A N     1 
ATOM   73   C  CA    . VAL A 1 9   ? -1.908  1.611   -5.383  1.00 9.96  ? 15   VAL A CA    1 
ATOM   74   C  C     . VAL A 1 9   ? -1.575  0.600   -4.316  1.00 9.66  ? 15   VAL A C     1 
ATOM   75   O  O     . VAL A 1 9   ? -0.574  0.715   -3.613  1.00 9.29  ? 15   VAL A O     1 
ATOM   76   C  CB    . VAL A 1 9   ? -1.359  1.124   -6.731  1.00 10.35 ? 15   VAL A CB    1 
ATOM   77   C  CG1   . VAL A 1 9   ? -1.860  2.026   -7.894  1.00 10.65 ? 15   VAL A CG1   1 
ATOM   78   C  CG2   . VAL A 1 9   ? 0.128   1.064   -6.687  1.00 10.73 ? 15   VAL A CG2   1 
ATOM   79   N  N     . LEU A 1 10  ? -2.452  -0.376  -4.199  1.00 9.67  ? 16   LEU A N     1 
ATOM   80   C  CA    . LEU A 1 10  ? -2.184  -1.523  -3.304  1.00 9.05  ? 16   LEU A CA    1 
ATOM   81   C  C     . LEU A 1 10  ? -1.675  -2.641  -4.171  1.00 9.78  ? 16   LEU A C     1 
ATOM   82   O  O     . LEU A 1 10  ? -2.256  -2.927  -5.207  1.00 10.55 ? 16   LEU A O     1 
ATOM   83   C  CB    . LEU A 1 10  ? -3.469  -1.973  -2.614  1.00 9.60  ? 16   LEU A CB    1 
ATOM   84   C  CG    . LEU A 1 10  ? -3.879  -1.029  -1.479  1.00 11.60 ? 16   LEU A CG    1 
ATOM   85   C  CD1   . LEU A 1 10  ? -5.356  -1.003  -1.288  1.00 12.47 ? 16   LEU A CD1   1 
ATOM   86   C  CD2   . LEU A 1 10  ? -3.237  -1.543  -0.208  1.00 12.55 ? 16   LEU A CD2   1 
ATOM   87   N  N     . ILE A 1 11  ? -0.567  -3.253  -3.768  1.00 9.15  ? 17   ILE A N     1 
ATOM   88   C  CA    . ILE A 1 11  ? -0.093  -4.378  -4.549  1.00 10.93 ? 17   ILE A CA    1 
ATOM   89   C  C     . ILE A 1 11  ? 0.482   -5.390  -3.592  1.00 9.77  ? 17   ILE A C     1 
ATOM   90   O  O     . ILE A 1 11  ? 0.824   -5.070  -2.484  1.00 10.79 ? 17   ILE A O     1 
ATOM   91   C  CB    . ILE A 1 11  ? 0.948   -3.935  -5.601  1.00 11.85 ? 17   ILE A CB    1 
ATOM   92   C  CG1   . ILE A 1 11  ? 1.198   -5.054  -6.620  1.00 14.90 ? 17   ILE A CG1   1 
ATOM   93   C  CG2   . ILE A 1 11  ? 2.198   -3.387  -4.898  1.00 13.88 ? 17   ILE A CG2   1 
ATOM   94   C  CD1   . ILE A 1 11  ? -0.024  -5.401  -7.454  1.00 18.10 ? 17   ILE A CD1   1 
ATOM   95   N  N     . GLY A 1 12  ? 0.548   -6.634  -4.041  1.00 9.51  ? 18   GLY A N     1 
ATOM   96   C  CA    . GLY A 1 12  ? 1.010   -7.695  -3.215  1.00 9.39  ? 18   GLY A CA    1 
ATOM   97   C  C     . GLY A 1 12  ? 0.267   -8.935  -3.641  1.00 9.68  ? 18   GLY A C     1 
ATOM   98   O  O     . GLY A 1 12  ? -0.737  -8.871  -4.392  1.00 10.55 ? 18   GLY A O     1 
ATOM   99   N  N     . ASP A 1 13  ? 0.729   -10.059 -3.126  1.00 9.58  ? 19   ASP A N     1 
ATOM   100  C  CA    . ASP A 1 13  ? 0.097   -11.307 -3.518  1.00 9.68  ? 19   ASP A CA    1 
ATOM   101  C  C     . ASP A 1 13  ? -1.377  -11.335 -3.154  1.00 10.10 ? 19   ASP A C     1 
ATOM   102  O  O     . ASP A 1 13  ? -1.866  -10.590 -2.292  1.00 9.23  ? 19   ASP A O     1 
ATOM   103  C  CB    . ASP A 1 13  ? 0.791   -12.433 -2.813  1.00 10.52 ? 19   ASP A CB    1 
ATOM   104  C  CG    . ASP A 1 13  ? 2.102   -12.796 -3.443  1.00 10.43 ? 19   ASP A CG    1 
ATOM   105  O  OD1   . ASP A 1 13  ? 2.573   -12.151 -4.415  1.00 12.55 ? 19   ASP A OD1   1 
ATOM   106  O  OD2   . ASP A 1 13  ? 2.640   -13.796 -2.935  1.00 13.93 ? 19   ASP A OD2   1 
ATOM   107  N  N     . SER A 1 14  ? -2.081  -12.266 -3.785  1.00 10.00 ? 20   SER A N     1 
ATOM   108  C  CA    . SER A 1 14  ? -3.458  -12.483 -3.478  1.00 10.47 ? 20   SER A CA    1 
ATOM   109  C  C     . SER A 1 14  ? -3.604  -12.903 -2.029  1.00 9.51  ? 20   SER A C     1 
ATOM   110  O  O     . SER A 1 14  ? -2.754  -13.623 -1.481  1.00 10.48 ? 20   SER A O     1 
ATOM   111  C  CB    . SER A 1 14  ? -3.985  -13.583 -4.384  1.00 9.62  ? 20   SER A CB    1 
ATOM   112  O  OG    . SER A 1 14  ? -5.350  -13.777 -4.148  1.00 13.42 ? 20   SER A OG    1 
ATOM   113  N  N     . GLY A 1 15  ? -4.698  -12.492 -1.409  1.00 9.89  ? 21   GLY A N     1 
ATOM   114  C  CA    . GLY A 1 15  ? -5.014  -12.953 -0.068  1.00 9.22  ? 21   GLY A CA    1 
ATOM   115  C  C     . GLY A 1 15  ? -4.248  -12.326 1.069   1.00 9.89  ? 21   GLY A C     1 
ATOM   116  O  O     . GLY A 1 15  ? -4.396  -12.772 2.204   1.00 11.26 ? 21   GLY A O     1 
ATOM   117  N  N     . VAL A 1 16  ? -3.508  -11.255 0.805   1.00 9.14  ? 22   VAL A N     1 
ATOM   118  C  CA    . VAL A 1 16  ? -2.702  -10.688 1.885   1.00 9.10  ? 22   VAL A CA    1 
ATOM   119  C  C     . VAL A 1 16  ? -3.466  -9.632  2.662   1.00 9.54  ? 22   VAL A C     1 
ATOM   120  O  O     . VAL A 1 16  ? -3.062  -9.247  3.760   1.00 9.06  ? 22   VAL A O     1 
ATOM   121  C  CB    . VAL A 1 16  ? -1.388  -10.099 1.379   1.00 9.12  ? 22   VAL A CB    1 
ATOM   122  C  CG1   . VAL A 1 16  ? -0.538  -11.191 0.750   1.00 10.53 ? 22   VAL A CG1   1 
ATOM   123  C  CG2   . VAL A 1 16  ? -1.620  -8.976  0.370   1.00 8.71  ? 22   VAL A CG2   1 
ATOM   124  N  N     . GLY A 1 17  ? -4.553  -9.152  2.065   1.00 9.04  ? 23   GLY A N     1 
ATOM   125  C  CA    . GLY A 1 17  ? -5.405  -8.190  2.754   1.00 8.27  ? 23   GLY A CA    1 
ATOM   126  C  C     . GLY A 1 17  ? -5.472  -6.847  2.088   1.00 7.92  ? 23   GLY A C     1 
ATOM   127  O  O     . GLY A 1 17  ? -5.958  -5.903  2.695   1.00 8.39  ? 23   GLY A O     1 
ATOM   128  N  N     . LYS A 1 18  ? -5.015  -6.740  0.834   1.00 6.85  ? 24   LYS A N     1 
ATOM   129  C  CA    . LYS A 1 18  ? -5.100  -5.448  0.157   1.00 6.89  ? 24   LYS A CA    1 
ATOM   130  C  C     . LYS A 1 18  ? -6.494  -4.852  0.193   1.00 8.00  ? 24   LYS A C     1 
ATOM   131  O  O     . LYS A 1 18  ? -6.667  -3.674  0.548   1.00 8.76  ? 24   LYS A O     1 
ATOM   132  C  CB    . LYS A 1 18  ? -4.643  -5.571  -1.294  1.00 8.37  ? 24   LYS A CB    1 
ATOM   133  C  CG    . LYS A 1 18  ? -3.206  -6.056  -1.406  1.00 7.26  ? 24   LYS A CG    1 
ATOM   134  C  CD    . LYS A 1 18  ? -2.688  -6.190  -2.797  1.00 8.69  ? 24   LYS A CD    1 
ATOM   135  C  CE    . LYS A 1 18  ? -3.555  -7.121  -3.622  1.00 7.53  ? 24   LYS A CE    1 
ATOM   136  N  NZ    . LYS A 1 18  ? -3.510  -8.510  -3.082  1.00 9.02  ? 24   LYS A NZ    1 
ATOM   137  N  N     . SER A 1 19  ? -7.476  -5.645  -0.209  1.00 7.94  ? 25   SER A N     1 
ATOM   138  C  CA    . SER A 1 19  ? -8.805  -5.125  -0.370  1.00 8.04  ? 25   SER A CA    1 
ATOM   139  C  C     . SER A 1 19  ? -9.366  -4.688  0.950   1.00 8.36  ? 25   SER A C     1 
ATOM   140  O  O     . SER A 1 19  ? -10.075 -3.712  1.027   1.00 10.28 ? 25   SER A O     1 
ATOM   141  C  CB    . SER A 1 19  ? -9.664  -6.155  -1.068  1.00 8.13  ? 25   SER A CB    1 
ATOM   142  O  OG    . SER A 1 19  ? -9.139  -6.248  -2.375  1.00 8.28  ? 25   SER A OG    1 
ATOM   143  N  N     . ASN A 1 20  ? -8.993  -5.402  1.995   1.00 8.66  ? 26   ASN A N     1 
ATOM   144  C  CA    . ASN A 1 20  ? -9.475  -5.095  3.316   1.00 10.45 ? 26   ASN A CA    1 
ATOM   145  C  C     . ASN A 1 20  ? -8.739  -3.916  3.902   1.00 10.52 ? 26   ASN A C     1 
ATOM   146  O  O     . ASN A 1 20  ? -9.312  -3.171  4.703   1.00 10.66 ? 26   ASN A O     1 
ATOM   147  C  CB    . ASN A 1 20  ? -9.407  -6.331  4.184   1.00 10.89 ? 26   ASN A CB    1 
ATOM   148  C  CG    . ASN A 1 20  ? -10.655 -7.126  4.083   1.00 12.07 ? 26   ASN A CG    1 
ATOM   149  O  OD1   . ASN A 1 20  ? -11.727 -6.651  4.506   1.00 14.05 ? 26   ASN A OD1   1 
ATOM   150  N  ND2   . ASN A 1 20  ? -10.556 -8.322  3.508   1.00 13.92 ? 26   ASN A ND2   1 
ATOM   151  N  N     . LEU A 1 21  ? -7.491  -3.704  3.480   1.00 8.97  ? 27   LEU A N     1 
ATOM   152  C  CA    . LEU A 1 21  ? -6.807  -2.472  3.870   1.00 10.95 ? 27   LEU A CA    1 
ATOM   153  C  C     . LEU A 1 21  ? -7.580  -1.314  3.280   1.00 11.60 ? 27   LEU A C     1 
ATOM   154  O  O     . LEU A 1 21  ? -7.844  -0.316  3.957   1.00 13.36 ? 27   LEU A O     1 
ATOM   155  C  CB    . LEU A 1 21  ? -5.324  -2.499  3.458   1.00 10.22 ? 27   LEU A CB    1 
ATOM   156  C  CG    . LEU A 1 21  ? -4.508  -3.381  4.400   1.00 10.54 ? 27   LEU A CG    1 
ATOM   157  C  CD1   . LEU A 1 21  ? -3.144  -3.605  3.744   1.00 10.67 ? 27   LEU A CD1   1 
ATOM   158  C  CD2   . LEU A 1 21  ? -4.329  -2.799  5.810   1.00 10.51 ? 27   LEU A CD2   1 
ATOM   159  N  N     . LEU A 1 22  ? -7.991  -1.453  2.025   1.00 10.43 ? 28   LEU A N     1 
ATOM   160  C  CA    . LEU A 1 22  ? -8.671  -0.360  1.363   1.00 10.93 ? 28   LEU A CA    1 
ATOM   161  C  C     . LEU A 1 22  ? -10.014 -0.151  2.028   1.00 11.63 ? 28   LEU A C     1 
ATOM   162  O  O     . LEU A 1 22  ? -10.387 0.980   2.308   1.00 12.77 ? 28   LEU A O     1 
ATOM   163  C  CB    . LEU A 1 22  ? -8.896  -0.661  -0.106  1.00 11.34 ? 28   LEU A CB    1 
ATOM   164  C  CG    . LEU A 1 22  ? -9.629  0.424   -0.893  1.00 11.87 ? 28   LEU A CG    1 
ATOM   165  C  CD1   . LEU A 1 22  ? -9.006  1.766   -0.619  1.00 14.98 ? 28   LEU A CD1   1 
ATOM   166  C  CD2   . LEU A 1 22  ? -9.486  0.132   -2.343  1.00 14.67 ? 28   LEU A CD2   1 
ATOM   167  N  N     . SER A 1 23  ? -10.745 -1.227  2.274   1.00 11.82 ? 29   SER A N     1 
ATOM   168  C  CA    . SER A 1 23  ? -12.114 -1.057  2.803   1.00 12.76 ? 29   SER A CA    1 
ATOM   169  C  C     . SER A 1 23  ? -12.026 -0.534  4.222   1.00 13.77 ? 29   SER A C     1 
ATOM   170  O  O     . SER A 1 23  ? -12.879 0.248   4.663   1.00 14.91 ? 29   SER A O     1 
ATOM   171  C  CB    . SER A 1 23  ? -12.900 -2.360  2.719   1.00 13.05 ? 29   SER A CB    1 
ATOM   172  O  OG    . SER A 1 23  ? -12.297 -3.357  3.490   1.00 13.02 ? 29   SER A OG    1 
ATOM   173  N  N     . ARG A 1 24  ? -10.978 -0.917  4.940   1.00 13.96 ? 30   ARG A N     1 
ATOM   174  C  CA    . ARG A 1 24  ? -10.832 -0.450  6.315   1.00 15.46 ? 30   ARG A CA    1 
ATOM   175  C  C     . ARG A 1 24  ? -10.555 1.041   6.328   1.00 16.53 ? 30   ARG A C     1 
ATOM   176  O  O     . ARG A 1 24  ? -11.162 1.773   7.127   1.00 16.53 ? 30   ARG A O     1 
ATOM   177  C  CB    . ARG A 1 24  ? -9.717  -1.195  7.048   1.00 17.10 ? 30   ARG A CB    1 
ATOM   178  C  CG    . ARG A 1 24  ? -9.652  -0.885  8.532   1.00 20.45 ? 30   ARG A CG    1 
ATOM   179  C  CD    . ARG A 1 24  ? -10.996 -1.197  9.183   1.00 20.22 ? 30   ARG A CD    1 
ATOM   180  N  NE    . ARG A 1 24  ? -11.103 -2.571  9.675   1.00 17.47 ? 30   ARG A NE    1 
ATOM   181  C  CZ    . ARG A 1 24  ? -12.150 -3.011  10.376  1.00 21.29 ? 30   ARG A CZ    1 
ATOM   182  N  NH1   . ARG A 1 24  ? -13.173 -2.197  10.598  1.00 17.97 ? 30   ARG A NH1   1 
ATOM   183  N  NH2   . ARG A 1 24  ? -12.189 -4.245  10.856  1.00 19.39 ? 30   ARG A NH2   1 
ATOM   184  N  N     . PHE A 1 25  ? -9.695  1.499   5.428   1.00 15.93 ? 31   PHE A N     1 
ATOM   185  C  CA    . PHE A 1 25  ? -9.286  2.881   5.446   1.00 16.44 ? 31   PHE A CA    1 
ATOM   186  C  C     . PHE A 1 25  ? -10.377 3.775   4.884   1.00 17.58 ? 31   PHE A C     1 
ATOM   187  O  O     . PHE A 1 25  ? -10.604 4.889   5.390   1.00 17.69 ? 31   PHE A O     1 
ATOM   188  C  CB    . PHE A 1 25  ? -8.009  3.099   4.660   1.00 16.26 ? 31   PHE A CB    1 
ATOM   189  C  CG    . PHE A 1 25  ? -7.520  4.508   4.711   1.00 15.85 ? 31   PHE A CG    1 
ATOM   190  C  CD1   . PHE A 1 25  ? -7.128  5.072   5.927   1.00 16.09 ? 31   PHE A CD1   1 
ATOM   191  C  CD2   . PHE A 1 25  ? -7.470  5.275   3.556   1.00 16.30 ? 31   PHE A CD2   1 
ATOM   192  C  CE1   . PHE A 1 25  ? -6.679  6.364   5.989   1.00 17.60 ? 31   PHE A CE1   1 
ATOM   193  C  CE2   . PHE A 1 25  ? -6.981  6.590   3.610   1.00 15.42 ? 31   PHE A CE2   1 
ATOM   194  C  CZ    . PHE A 1 25  ? -6.613  7.129   4.842   1.00 16.05 ? 31   PHE A CZ    1 
ATOM   195  N  N     . THR A 1 26  ? -11.068 3.308   3.858   1.00 17.38 ? 32   THR A N     1 
ATOM   196  C  CA    . THR A 1 26  ? -11.957 4.223   3.176   1.00 18.11 ? 32   THR A CA    1 
ATOM   197  C  C     . THR A 1 26  ? -13.395 4.061   3.648   1.00 19.99 ? 32   THR A C     1 
ATOM   198  O  O     . THR A 1 26  ? -14.179 5.016   3.565   1.00 21.38 ? 32   THR A O     1 
ATOM   199  C  CB    . THR A 1 26  ? -11.893 4.097   1.657   1.00 17.47 ? 32   THR A CB    1 
ATOM   200  O  OG1   . THR A 1 26  ? -12.222 2.755   1.276   1.00 16.74 ? 32   THR A OG1   1 
ATOM   201  C  CG2   . THR A 1 26  ? -10.489 4.472   1.103   1.00 16.51 ? 32   THR A CG2   1 
ATOM   202  N  N     . ARG A 1 27  ? -13.757 2.875   4.111   1.00 20.04 ? 33   ARG A N     1 
ATOM   203  C  CA    . ARG A 1 27  ? -15.149 2.664   4.545   1.00 22.34 ? 33   ARG A CA    1 
ATOM   204  C  C     . ARG A 1 27  ? -15.277 2.200   5.998   1.00 21.77 ? 33   ARG A C     1 
ATOM   205  O  O     . ARG A 1 27  ? -16.400 2.056   6.522   1.00 22.48 ? 33   ARG A O     1 
ATOM   206  C  CB    . ARG A 1 27  ? -15.861 1.696   3.586   1.00 22.13 ? 33   ARG A CB    1 
ATOM   207  C  CG    . ARG A 1 27  ? -15.685 2.062   2.108   1.00 23.91 ? 33   ARG A CG    1 
ATOM   208  C  CD    . ARG A 1 27  ? -16.699 1.384   1.199   1.00 26.69 ? 33   ARG A CD    1 
ATOM   209  N  NE    . ARG A 1 27  ? -17.620 2.354   0.600   1.00 34.79 ? 33   ARG A NE    1 
ATOM   210  C  CZ    . ARG A 1 27  ? -18.935 2.186   0.469   1.00 37.19 ? 33   ARG A CZ    1 
ATOM   211  N  NH1   . ARG A 1 27  ? -19.528 1.075   0.907   1.00 38.43 ? 33   ARG A NH1   1 
ATOM   212  N  NH2   . ARG A 1 27  ? -19.669 3.153   -0.082  1.00 39.22 ? 33   ARG A NH2   1 
ATOM   213  N  N     . ASN A 1 28  ? -14.137 1.979   6.652   1.00 21.60 ? 34   ASN A N     1 
ATOM   214  C  CA    . ASN A 1 28  ? -14.082 1.317   7.958   1.00 21.79 ? 34   ASN A CA    1 
ATOM   215  C  C     . ASN A 1 28  ? -14.829 -0.005  7.945   1.00 21.91 ? 34   ASN A C     1 
ATOM   216  O  O     . ASN A 1 28  ? -15.566 -0.346  8.878   1.00 22.36 ? 34   ASN A O     1 
ATOM   217  C  CB    . ASN A 1 28  ? -14.614 2.206   9.096   1.00 22.11 ? 34   ASN A CB    1 
ATOM   218  C  CG    . ASN A 1 28  ? -14.398 1.580   10.465  1.00 23.49 ? 34   ASN A CG    1 
ATOM   219  O  OD1   . ASN A 1 28  ? -15.275 1.642   11.339  1.00 27.89 ? 34   ASN A OD1   1 
ATOM   220  N  ND2   . ASN A 1 28  ? -13.244 0.940   10.654  1.00 22.62 ? 34   ASN A ND2   1 
ATOM   221  N  N     . GLU A 1 29  ? -14.640 -0.750  6.865   1.00 21.78 ? 35   GLU A N     1 
ATOM   222  C  CA    . GLU A 1 29  ? -15.283 -2.031  6.713   1.00 21.41 ? 35   GLU A CA    1 
ATOM   223  C  C     . GLU A 1 29  ? -14.268 -3.113  6.488   1.00 20.91 ? 35   GLU A C     1 
ATOM   224  O  O     . GLU A 1 29  ? -13.215 -2.875  5.918   1.00 18.92 ? 35   GLU A O     1 
ATOM   225  C  CB    . GLU A 1 29  ? -16.275 -2.006  5.557   1.00 22.74 ? 35   GLU A CB    1 
ATOM   226  C  CG    . GLU A 1 29  ? -17.589 -1.329  5.937   1.00 25.98 ? 35   GLU A CG    1 
ATOM   227  C  CD    . GLU A 1 29  ? -18.502 -1.091  4.754   1.00 31.04 ? 35   GLU A CD    1 
ATOM   228  O  OE1   . GLU A 1 29  ? -18.204 -1.610  3.652   1.00 31.99 ? 35   GLU A OE1   1 
ATOM   229  O  OE2   . GLU A 1 29  ? -19.530 -0.391  4.937   1.00 32.88 ? 35   GLU A OE2   1 
ATOM   230  N  N     . PHE A 1 30  ? -14.620 -4.310  6.943   1.00 20.36 ? 36   PHE A N     1 
ATOM   231  C  CA    . PHE A 1 30  ? -13.806 -5.469  6.763   1.00 20.62 ? 36   PHE A CA    1 
ATOM   232  C  C     . PHE A 1 30  ? -14.711 -6.551  6.234   1.00 21.47 ? 36   PHE A C     1 
ATOM   233  O  O     . PHE A 1 30  ? -15.900 -6.623  6.597   1.00 22.43 ? 36   PHE A O     1 
ATOM   234  C  CB    . PHE A 1 30  ? -13.200 -5.895  8.082   1.00 19.65 ? 36   PHE A CB    1 
ATOM   235  C  CG    . PHE A 1 30  ? -12.262 -7.045  7.969   1.00 18.03 ? 36   PHE A CG    1 
ATOM   236  C  CD1   . PHE A 1 30  ? -10.929 -6.848  7.632   1.00 16.67 ? 36   PHE A CD1   1 
ATOM   237  C  CD2   . PHE A 1 30  ? -12.696 -8.336  8.183   1.00 14.36 ? 36   PHE A CD2   1 
ATOM   238  C  CE1   . PHE A 1 30  ? -10.074 -7.888  7.527   1.00 16.81 ? 36   PHE A CE1   1 
ATOM   239  C  CE2   . PHE A 1 30  ? -11.824 -9.401  8.083   1.00 15.71 ? 36   PHE A CE2   1 
ATOM   240  C  CZ    . PHE A 1 30  ? -10.509 -9.176  7.758   1.00 16.09 ? 36   PHE A CZ    1 
ATOM   241  N  N     . ASN A 1 31  ? -14.142 -7.387  5.383   1.00 22.20 ? 37   ASN A N     1 
ATOM   242  C  CA    . ASN A 1 31  ? -14.849 -8.534  4.838   1.00 23.62 ? 37   ASN A CA    1 
ATOM   243  C  C     . ASN A 1 31  ? -14.040 -9.805  4.922   1.00 24.70 ? 37   ASN A C     1 
ATOM   244  O  O     . ASN A 1 31  ? -12.872 -9.879  4.514   1.00 23.07 ? 37   ASN A O     1 
ATOM   245  C  CB    . ASN A 1 31  ? -15.286 -8.254  3.414   1.00 24.92 ? 37   ASN A CB    1 
ATOM   246  C  CG    . ASN A 1 31  ? -16.240 -7.081  3.349   1.00 26.92 ? 37   ASN A CG    1 
ATOM   247  O  OD1   . ASN A 1 31  ? -17.380 -7.181  3.808   1.00 31.81 ? 37   ASN A OD1   1 
ATOM   248  N  ND2   . ASN A 1 31  ? -15.763 -5.948  2.836   1.00 29.06 ? 37   ASN A ND2   1 
ATOM   249  N  N     . LEU A 1 32  ? -14.701 -10.807 5.477   1.00 26.06 ? 38   LEU A N     1 
ATOM   250  C  CA    . LEU A 1 32  ? -14.114 -12.100 5.699   1.00 28.07 ? 38   LEU A CA    1 
ATOM   251  C  C     . LEU A 1 32  ? -14.311 -12.951 4.446   1.00 29.12 ? 38   LEU A C     1 
ATOM   252  O  O     . LEU A 1 32  ? -13.369 -13.170 3.681   1.00 31.12 ? 38   LEU A O     1 
ATOM   253  C  CB    . LEU A 1 32  ? -14.774 -12.749 6.917   1.00 28.36 ? 38   LEU A CB    1 
ATOM   254  C  CG    . LEU A 1 32  ? -14.613 -11.949 8.221   1.00 29.37 ? 38   LEU A CG    1 
ATOM   255  C  CD1   . LEU A 1 32  ? -15.890 -11.199 8.562   1.00 29.89 ? 38   LEU A CD1   1 
ATOM   256  C  CD2   . LEU A 1 32  ? -14.182 -12.837 9.378   1.00 31.05 ? 38   LEU A CD2   1 
ATOM   257  N  N     . SER A 1 36  ? -17.976 -8.276  -4.794  1.00 30.46 ? 42   SER A N     1 
ATOM   258  C  CA    . SER A 1 36  ? -17.842 -8.345  -6.253  1.00 30.20 ? 42   SER A CA    1 
ATOM   259  C  C     . SER A 1 36  ? -16.867 -7.293  -6.791  1.00 29.49 ? 42   SER A C     1 
ATOM   260  O  O     . SER A 1 36  ? -17.033 -6.091  -6.556  1.00 29.97 ? 42   SER A O     1 
ATOM   261  C  CB    . SER A 1 36  ? -19.198 -8.187  -6.914  1.00 30.53 ? 42   SER A CB    1 
ATOM   262  N  N     . THR A 1 37  ? -15.859 -7.735  -7.537  1.00 28.26 ? 43   THR A N     1 
ATOM   263  C  CA    . THR A 1 37  ? -14.907 -6.787  -8.102  1.00 26.93 ? 43   THR A CA    1 
ATOM   264  C  C     . THR A 1 37  ? -14.625 -7.111  -9.563  1.00 25.36 ? 43   THR A C     1 
ATOM   265  O  O     . THR A 1 37  ? -14.076 -8.167  -9.889  1.00 26.39 ? 43   THR A O     1 
ATOM   266  C  CB    . THR A 1 37  ? -13.620 -6.713  -7.252  1.00 27.34 ? 43   THR A CB    1 
ATOM   267  O  OG1   . THR A 1 37  ? -13.981 -6.418  -5.893  1.00 29.43 ? 43   THR A OG1   1 
ATOM   268  C  CG2   . THR A 1 37  ? -12.727 -5.616  -7.738  1.00 28.16 ? 43   THR A CG2   1 
ATOM   269  N  N     . ILE A 1 38  ? -15.001 -6.187  -10.440 1.00 21.90 ? 44   ILE A N     1 
ATOM   270  C  CA    . ILE A 1 38  ? -14.961 -6.418  -11.885 1.00 20.03 ? 44   ILE A CA    1 
ATOM   271  C  C     . ILE A 1 38  ? -13.750 -5.762  -12.553 1.00 17.78 ? 44   ILE A C     1 
ATOM   272  O  O     . ILE A 1 38  ? -13.610 -5.722  -13.791 1.00 17.52 ? 44   ILE A O     1 
ATOM   273  C  CB    . ILE A 1 38  ? -16.227 -5.892  -12.567 1.00 19.50 ? 44   ILE A CB    1 
ATOM   274  C  CG1   . ILE A 1 38  ? -16.319 -4.358  -12.466 1.00 19.85 ? 44   ILE A CG1   1 
ATOM   275  C  CG2   . ILE A 1 38  ? -17.478 -6.603  -12.018 1.00 20.21 ? 44   ILE A CG2   1 
ATOM   276  C  CD1   . ILE A 1 38  ? -17.498 -3.770  -13.266 1.00 21.31 ? 44   ILE A CD1   1 
ATOM   277  N  N     . GLY A 1 39  ? -12.879 -5.186  -11.746 1.00 14.72 ? 45   GLY A N     1 
ATOM   278  C  CA    . GLY A 1 39  ? -11.677 -4.669  -12.302 1.00 12.53 ? 45   GLY A CA    1 
ATOM   279  C  C     . GLY A 1 39  ? -10.928 -3.933  -11.228 1.00 12.49 ? 45   GLY A C     1 
ATOM   280  O  O     . GLY A 1 39  ? -11.363 -3.854  -10.078 1.00 13.74 ? 45   GLY A O     1 
ATOM   281  N  N     . VAL A 1 40  ? -9.791  -3.401  -11.618 1.00 12.22 ? 46   VAL A N     1 
ATOM   282  C  CA    . VAL A 1 40  ? -9.079  -2.461  -10.767 1.00 12.64 ? 46   VAL A CA    1 
ATOM   283  C  C     . VAL A 1 40  ? -10.077 -1.373  -10.380 1.00 13.07 ? 46   VAL A C     1 
ATOM   284  O  O     . VAL A 1 40  ? -10.945 -0.985  -11.173 1.00 13.82 ? 46   VAL A O     1 
ATOM   285  C  CB    . VAL A 1 40  ? -7.863  -1.884  -11.462 1.00 12.54 ? 46   VAL A CB    1 
ATOM   286  C  CG1   . VAL A 1 40  ? -6.894  -3.010  -11.851 1.00 13.79 ? 46   VAL A CG1   1 
ATOM   287  C  CG2   . VAL A 1 40  ? -8.260  -1.078  -12.712 1.00 13.05 ? 46   VAL A CG2   1 
ATOM   288  N  N     . GLU A 1 41  ? -10.009 -0.932  -9.138  1.00 12.44 ? 47   GLU A N     1 
ATOM   289  C  CA    . GLU A 1 41  ? -11.011 0.011   -8.658  1.00 13.13 ? 47   GLU A CA    1 
ATOM   290  C  C     . GLU A 1 41  ? -10.368 0.862   -7.614  1.00 12.93 ? 47   GLU A C     1 
ATOM   291  O  O     . GLU A 1 41  ? -9.250  0.617   -7.195  1.00 11.97 ? 47   GLU A O     1 
ATOM   292  C  CB    . GLU A 1 41  ? -12.216 -0.713  -8.088  1.00 14.12 ? 47   GLU A CB    1 
ATOM   293  C  CG    . GLU A 1 41  ? -11.881 -1.808  -7.115  1.00 15.57 ? 47   GLU A CG    1 
ATOM   294  C  CD    . GLU A 1 41  ? -13.112 -2.425  -6.517  1.00 17.94 ? 47   GLU A CD    1 
ATOM   295  O  OE1   . GLU A 1 41  ? -14.197 -2.364  -7.152  1.00 20.40 ? 47   GLU A OE1   1 
ATOM   296  O  OE2   . GLU A 1 41  ? -13.007 -2.962  -5.402  1.00 17.60 ? 47   GLU A OE2   1 
ATOM   297  N  N     . PHE A 1 42  ? -11.081 1.899   -7.205  1.00 12.16 ? 48   PHE A N     1 
ATOM   298  C  CA    . PHE A 1 42  ? -10.441 2.845   -6.314  1.00 12.17 ? 48   PHE A CA    1 
ATOM   299  C  C     . PHE A 1 42  ? -11.439 3.421   -5.357  1.00 11.63 ? 48   PHE A C     1 
ATOM   300  O  O     . PHE A 1 42  ? -12.625 3.346   -5.561  1.00 13.31 ? 48   PHE A O     1 
ATOM   301  C  CB    . PHE A 1 42  ? -9.787  3.971   -7.092  1.00 12.38 ? 48   PHE A CB    1 
ATOM   302  C  CG    . PHE A 1 42  ? -10.769 4.835   -7.800  1.00 14.67 ? 48   PHE A CG    1 
ATOM   303  C  CD1   . PHE A 1 42  ? -11.136 6.066   -7.260  1.00 16.87 ? 48   PHE A CD1   1 
ATOM   304  C  CD2   . PHE A 1 42  ? -11.352 4.414   -9.001  1.00 15.46 ? 48   PHE A CD2   1 
ATOM   305  C  CE1   . PHE A 1 42  ? -12.079 6.865   -7.907  1.00 18.28 ? 48   PHE A CE1   1 
ATOM   306  C  CE2   . PHE A 1 42  ? -12.293 5.220   -9.639  1.00 18.33 ? 48   PHE A CE2   1 
ATOM   307  C  CZ    . PHE A 1 42  ? -12.643 6.432   -9.091  1.00 17.20 ? 48   PHE A CZ    1 
ATOM   308  N  N     . ALA A 1 43  ? -10.933 3.961   -4.272  1.00 10.79 ? 49   ALA A N     1 
ATOM   309  C  CA    . ALA A 1 43  ? -11.778 4.694   -3.364  1.00 10.84 ? 49   ALA A CA    1 
ATOM   310  C  C     . ALA A 1 43  ? -11.007 5.930   -2.990  1.00 12.35 ? 49   ALA A C     1 
ATOM   311  O  O     . ALA A 1 43  ? -9.785  5.928   -3.026  1.00 12.13 ? 49   ALA A O     1 
ATOM   312  C  CB    . ALA A 1 43  ? -12.089 3.870   -2.167  1.00 12.82 ? 49   ALA A CB    1 
ATOM   313  N  N     . THR A 1 44  ? -11.720 6.993   -2.652  1.00 12.40 ? 50   THR A N     1 
ATOM   314  C  CA    . THR A 1 44  ? -11.014 8.217   -2.349  1.00 13.98 ? 50   THR A CA    1 
ATOM   315  C  C     . THR A 1 44  ? -11.278 8.539   -0.894  1.00 13.75 ? 50   THR A C     1 
ATOM   316  O  O     . THR A 1 44  ? -12.316 8.172   -0.325  1.00 15.68 ? 50   THR A O     1 
ATOM   317  C  CB    . THR A 1 44  ? -11.430 9.390   -3.213  1.00 16.26 ? 50   THR A CB    1 
ATOM   318  O  OG1   . THR A 1 44  ? -12.791 9.705   -2.936  1.00 17.69 ? 50   THR A OG1   1 
ATOM   319  C  CG2   . THR A 1 44  ? -11.284 9.091   -4.704  1.00 16.95 ? 50   THR A CG2   1 
ATOM   320  N  N     . ARG A 1 45  ? -10.289 9.154   -0.268  1.00 11.40 ? 51   ARG A N     1 
ATOM   321  C  CA    . ARG A 1 45  ? -10.471 9.660   1.074   1.00 11.87 ? 51   ARG A CA    1 
ATOM   322  C  C     . ARG A 1 45  ? -9.621  10.866  1.170   1.00 11.00 ? 51   ARG A C     1 
ATOM   323  O  O     . ARG A 1 45  ? -8.460  10.827  0.807   1.00 10.53 ? 51   ARG A O     1 
ATOM   324  C  CB    . ARG A 1 45  ? -10.001 8.668   2.138   1.00 12.75 ? 51   ARG A CB    1 
ATOM   325  C  CG    . ARG A 1 45  ? -10.035 9.248   3.544   1.00 14.66 ? 51   ARG A CG    1 
ATOM   326  C  CD    . ARG A 1 45  ? -10.233 8.216   4.600   1.00 19.61 ? 51   ARG A CD    1 
ATOM   327  N  NE    . ARG A 1 45  ? -9.946  8.820   5.896   1.00 17.60 ? 51   ARG A NE    1 
ATOM   328  C  CZ    . ARG A 1 45  ? -9.594  8.131   6.960   1.00 19.11 ? 51   ARG A CZ    1 
ATOM   329  N  NH1   . ARG A 1 45  ? -9.531  6.812   6.887   1.00 19.84 ? 51   ARG A NH1   1 
ATOM   330  N  NH2   . ARG A 1 45  ? -9.311  8.747   8.098   1.00 19.56 ? 51   ARG A NH2   1 
ATOM   331  N  N     . SER A 1 46  ? -10.226 11.956  1.620   1.00 11.65 ? 52   SER A N     1 
ATOM   332  C  CA    . SER A 1 46  ? -9.464  13.161  1.891   1.00 11.53 ? 52   SER A CA    1 
ATOM   333  C  C     . SER A 1 46  ? -8.970  13.180  3.326   1.00 11.80 ? 52   SER A C     1 
ATOM   334  O  O     . SER A 1 46  ? -9.745  12.954  4.255   1.00 11.18 ? 52   SER A O     1 
ATOM   335  C  CB    . SER A 1 46  ? -10.329 14.370  1.673   1.00 12.56 ? 52   SER A CB    1 
ATOM   336  O  OG    . SER A 1 46  ? -10.676 14.433  0.318   1.00 12.93 ? 52   SER A OG    1 
ATOM   337  N  N     . ILE A 1 47  ? -7.695  13.479  3.472   1.00 11.27 ? 53   ILE A N     1 
ATOM   338  C  CA    . ILE A 1 47  ? -7.092  13.663  4.774   1.00 13.05 ? 53   ILE A CA    1 
ATOM   339  C  C     . ILE A 1 47  ? -6.407  15.008  4.821   1.00 13.32 ? 53   ILE A C     1 
ATOM   340  O  O     . ILE A 1 47  ? -6.068  15.578  3.790   1.00 11.91 ? 53   ILE A O     1 
ATOM   341  C  CB    . ILE A 1 47  ? -6.051  12.593  5.146   1.00 13.22 ? 53   ILE A CB    1 
ATOM   342  C  CG1   . ILE A 1 47  ? -4.789  12.738  4.302   1.00 13.46 ? 53   ILE A CG1   1 
ATOM   343  C  CG2   . ILE A 1 47  ? -6.638  11.214  5.049   1.00 14.62 ? 53   ILE A CG2   1 
ATOM   344  C  CD1   . ILE A 1 47  ? -3.629  11.844  4.796   1.00 15.11 ? 53   ILE A CD1   1 
ATOM   345  N  N     . GLN A 1 48  ? -6.185  15.494  6.038   1.00 14.94 ? 54   GLN A N     1 
ATOM   346  C  CA    . GLN A 1 48  ? -5.443  16.734  6.207   1.00 16.56 ? 54   GLN A CA    1 
ATOM   347  C  C     . GLN A 1 48  ? -4.036  16.415  6.650   1.00 17.06 ? 54   GLN A C     1 
ATOM   348  O  O     . GLN A 1 48  ? -3.837  15.650  7.598   1.00 17.64 ? 54   GLN A O     1 
ATOM   349  C  CB    . GLN A 1 48  ? -6.066  17.577  7.301   1.00 17.17 ? 54   GLN A CB    1 
ATOM   350  C  CG    . GLN A 1 48  ? -7.398  18.074  6.959   1.00 21.05 ? 54   GLN A CG    1 
ATOM   351  C  CD    . GLN A 1 48  ? -7.315  19.179  5.965   1.00 26.78 ? 54   GLN A CD    1 
ATOM   352  O  OE1   . GLN A 1 48  ? -6.585  20.166  6.167   1.00 30.12 ? 54   GLN A OE1   1 
ATOM   353  N  NE2   . GLN A 1 48  ? -8.044  19.036  4.876   1.00 27.39 ? 54   GLN A NE2   1 
ATOM   354  N  N     . VAL A 1 49  ? -3.052  17.010  5.990   1.00 17.03 ? 55   VAL A N     1 
ATOM   355  C  CA    . VAL A 1 49  ? -1.674  16.885  6.432   1.00 17.87 ? 55   VAL A CA    1 
ATOM   356  C  C     . VAL A 1 49  ? -1.118  18.277  6.339   1.00 17.74 ? 55   VAL A C     1 
ATOM   357  O  O     . VAL A 1 49  ? -1.218  18.911  5.287   1.00 16.61 ? 55   VAL A O     1 
ATOM   358  C  CB    . VAL A 1 49  ? -0.838  15.990  5.505   1.00 17.59 ? 55   VAL A CB    1 
ATOM   359  C  CG1   . VAL A 1 49  ? 0.615   15.903  5.986   1.00 20.12 ? 55   VAL A CG1   1 
ATOM   360  C  CG2   . VAL A 1 49  ? -1.450  14.569  5.362   1.00 19.81 ? 55   VAL A CG2   1 
ATOM   361  N  N     . ASP A 1 50  ? -0.527  18.761  7.431   1.00 19.02 ? 56   ASP A N     1 
ATOM   362  C  CA    . ASP A 1 50  ? 0.192   20.020  7.386   1.00 19.24 ? 56   ASP A CA    1 
ATOM   363  C  C     . ASP A 1 50  ? -0.684  21.129  6.822   1.00 18.54 ? 56   ASP A C     1 
ATOM   364  O  O     . ASP A 1 50  ? -0.203  21.948  6.042   1.00 19.08 ? 56   ASP A O     1 
ATOM   365  C  CB    . ASP A 1 50  ? 1.487   19.855  6.552   1.00 19.81 ? 56   ASP A CB    1 
ATOM   366  C  CG    . ASP A 1 50  ? 2.406   21.094  6.597   1.00 22.94 ? 56   ASP A CG    1 
ATOM   367  O  OD1   . ASP A 1 50  ? 2.477   21.774  7.655   1.00 26.64 ? 56   ASP A OD1   1 
ATOM   368  O  OD2   . ASP A 1 50  ? 3.045   21.405  5.558   1.00 23.85 ? 56   ASP A OD2   1 
ATOM   369  N  N     . GLY A 1 51  ? -1.963  21.154  7.210   1.00 17.61 ? 57   GLY A N     1 
ATOM   370  C  CA    . GLY A 1 51  ? -2.878  22.207  6.786   1.00 17.50 ? 57   GLY A CA    1 
ATOM   371  C  C     . GLY A 1 51  ? -3.311  22.106  5.331   1.00 16.94 ? 57   GLY A C     1 
ATOM   372  O  O     . GLY A 1 51  ? -3.941  23.034  4.796   1.00 17.56 ? 57   GLY A O     1 
ATOM   373  N  N     . LYS A 1 52  ? -2.983  20.987  4.700   1.00 15.39 ? 58   LYS A N     1 
ATOM   374  C  CA    . LYS A 1 52  ? -3.313  20.747  3.299   1.00 14.29 ? 58   LYS A CA    1 
ATOM   375  C  C     . LYS A 1 52  ? -4.310  19.616  3.217   1.00 14.36 ? 58   LYS A C     1 
ATOM   376  O  O     . LYS A 1 52  ? -4.272  18.686  4.032   1.00 14.50 ? 58   LYS A O     1 
ATOM   377  C  CB    . LYS A 1 52  ? -2.057  20.338  2.518   1.00 13.90 ? 58   LYS A CB    1 
ATOM   378  C  CG    . LYS A 1 52  ? -0.895  21.270  2.736   1.00 16.46 ? 58   LYS A CG    1 
ATOM   379  C  CD    . LYS A 1 52  ? -1.320  22.685  2.406   1.00 19.11 ? 58   LYS A CD    1 
ATOM   380  C  CE    . LYS A 1 52  ? -0.226  23.694  2.720   1.00 24.00 ? 58   LYS A CE    1 
ATOM   381  N  NZ    . LYS A 1 52  ? 1.089   23.136  2.426   1.00 26.15 ? 58   LYS A NZ    1 
ATOM   382  N  N     . THR A 1 53  ? -5.200  19.692  2.243   1.00 12.18 ? 59   THR A N     1 
ATOM   383  C  CA    . THR A 1 53  ? -6.142  18.585  2.025   1.00 12.12 ? 59   THR A CA    1 
ATOM   384  C  C     . THR A 1 53  ? -5.552  17.688  0.973   1.00 11.42 ? 59   THR A C     1 
ATOM   385  O  O     . THR A 1 53  ? -5.294  18.102  -0.155  1.00 10.69 ? 59   THR A O     1 
ATOM   386  C  CB    . THR A 1 53  ? -7.483  19.099  1.588   1.00 13.18 ? 59   THR A CB    1 
ATOM   387  O  OG1   . THR A 1 53  ? -7.955  19.958  2.624   1.00 15.17 ? 59   THR A OG1   1 
ATOM   388  C  CG2   . THR A 1 53  ? -8.476  17.953  1.414   1.00 12.64 ? 59   THR A CG2   1 
ATOM   389  N  N     . ILE A 1 54  ? -5.303  16.447  1.378   1.00 11.19 ? 60   ILE A N     1 
ATOM   390  C  CA    . ILE A 1 54  ? -4.735  15.500  0.469   1.00 11.49 ? 60   ILE A CA    1 
ATOM   391  C  C     . ILE A 1 54  ? -5.876  14.574  0.110   1.00 10.99 ? 60   ILE A C     1 
ATOM   392  O  O     . ILE A 1 54  ? -6.397  13.896  0.987   1.00 11.25 ? 60   ILE A O     1 
ATOM   393  C  CB    . ILE A 1 54  ? -3.630  14.647  1.139   1.00 11.82 ? 60   ILE A CB    1 
ATOM   394  C  CG1   . ILE A 1 54  ? -2.363  15.429  1.530   1.00 14.60 ? 60   ILE A CG1   1 
ATOM   395  C  CG2   . ILE A 1 54  ? -3.219  13.565  0.184   1.00 12.30 ? 60   ILE A CG2   1 
ATOM   396  C  CD1   . ILE A 1 54  ? -2.243  16.769  1.036   1.00 17.67 ? 60   ILE A CD1   1 
ATOM   397  N  N     . LYS A 1 55  ? -6.253  14.522  -1.159  1.00 10.76 ? 61   LYS A N     1 
ATOM   398  C  CA    . LYS A 1 55  ? -7.222  13.553  -1.578  1.00 11.75 ? 61   LYS A CA    1 
ATOM   399  C  C     . LYS A 1 55  ? -6.492  12.337  -2.062  1.00 12.01 ? 61   LYS A C     1 
ATOM   400  O  O     . LYS A 1 55  ? -5.831  12.364  -3.102  1.00 10.80 ? 61   LYS A O     1 
ATOM   401  C  CB    . LYS A 1 55  ? -8.090  14.107  -2.688  1.00 12.75 ? 61   LYS A CB    1 
ATOM   402  C  CG    . LYS A 1 55  ? -9.203  13.182  -3.108  1.00 13.71 ? 61   LYS A CG    1 
ATOM   403  C  CD    . LYS A 1 55  ? -9.962  13.926  -4.231  1.00 20.95 ? 61   LYS A CD    1 
ATOM   404  C  CE    . LYS A 1 55  ? -11.124 13.142  -4.752  1.00 25.28 ? 61   LYS A CE    1 
ATOM   405  N  NZ    . LYS A 1 55  ? -12.409 13.760  -4.337  1.00 24.67 ? 61   LYS A NZ    1 
ATOM   406  N  N     . ALA A 1 56  ? -6.665  11.246  -1.338  1.00 12.08 ? 62   ALA A N     1 
ATOM   407  C  CA    . ALA A 1 56  ? -6.053  10.011  -1.690  1.00 11.59 ? 62   ALA A CA    1 
ATOM   408  C  C     . ALA A 1 56  ? -7.001  9.272   -2.623  1.00 11.83 ? 62   ALA A C     1 
ATOM   409  O  O     . ALA A 1 56  ? -8.193  9.082   -2.331  1.00 13.56 ? 62   ALA A O     1 
ATOM   410  C  CB    . ALA A 1 56  ? -5.816  9.189   -0.448  1.00 11.81 ? 62   ALA A CB    1 
ATOM   411  N  N     . GLN A 1 57  ? -6.459  8.828   -3.733  1.00 11.90 ? 63   GLN A N     1 
ATOM   412  C  CA    . GLN A 1 57  ? -7.216  7.971   -4.621  1.00 11.67 ? 63   GLN A CA    1 
ATOM   413  C  C     . GLN A 1 57  ? -6.522  6.637   -4.517  1.00 11.00 ? 63   GLN A C     1 
ATOM   414  O  O     . GLN A 1 57  ? -5.473  6.481   -5.106  1.00 10.36 ? 63   GLN A O     1 
ATOM   415  C  CB    . GLN A 1 57  ? -7.066  8.489   -6.024  1.00 12.98 ? 63   GLN A CB    1 
ATOM   416  C  CG    . GLN A 1 57  ? -7.973  7.870   -7.000  1.00 16.33 ? 63   GLN A CG    1 
ATOM   417  C  CD    . GLN A 1 57  ? -7.729  8.476   -8.367  1.00 21.77 ? 63   GLN A CD    1 
ATOM   418  O  OE1   . GLN A 1 57  ? -8.380  9.462   -8.732  1.00 26.01 ? 63   GLN A OE1   1 
ATOM   419  N  NE2   . GLN A 1 57  ? -6.737  7.948   -9.096  1.00 19.81 ? 63   GLN A NE2   1 
ATOM   420  N  N     . ILE A 1 58  ? -7.129  5.704   -3.788  1.00 10.43 ? 64   ILE A N     1 
ATOM   421  C  CA    . ILE A 1 58  ? -6.459  4.469   -3.433  1.00 10.99 ? 64   ILE A CA    1 
ATOM   422  C  C     . ILE A 1 58  ? -7.020  3.389   -4.296  1.00 10.15 ? 64   ILE A C     1 
ATOM   423  O  O     . ILE A 1 58  ? -8.206  3.119   -4.287  1.00 10.85 ? 64   ILE A O     1 
ATOM   424  C  CB    . ILE A 1 58  ? -6.695  4.133   -1.967  1.00 11.35 ? 64   ILE A CB    1 
ATOM   425  C  CG1   . ILE A 1 58  ? -6.209  5.312   -1.097  1.00 13.06 ? 64   ILE A CG1   1 
ATOM   426  C  CG2   . ILE A 1 58  ? -5.954  2.844   -1.574  1.00 12.68 ? 64   ILE A CG2   1 
ATOM   427  C  CD1   . ILE A 1 58  ? -6.700  5.294   0.292   1.00 13.89 ? 64   ILE A CD1   1 
ATOM   428  N  N     . TRP A 1 59  ? -6.115  2.786   -5.045  1.00 10.39 ? 65   TRP A N     1 
ATOM   429  C  CA    . TRP A 1 59  ? -6.468  1.768   -6.002  1.00 10.09 ? 65   TRP A CA    1 
ATOM   430  C  C     . TRP A 1 59  ? -6.213  0.404   -5.473  1.00 9.86  ? 65   TRP A C     1 
ATOM   431  O  O     . TRP A 1 59  ? -5.271  0.149   -4.712  1.00 10.67 ? 65   TRP A O     1 
ATOM   432  C  CB    . TRP A 1 59  ? -5.626  1.948   -7.242  1.00 11.13 ? 65   TRP A CB    1 
ATOM   433  C  CG    . TRP A 1 59  ? -6.101  3.102   -8.036  1.00 11.25 ? 65   TRP A CG    1 
ATOM   434  C  CD1   . TRP A 1 59  ? -5.841  4.422   -7.823  1.00 13.44 ? 65   TRP A CD1   1 
ATOM   435  C  CD2   . TRP A 1 59  ? -6.979  3.038   -9.157  1.00 13.36 ? 65   TRP A CD2   1 
ATOM   436  N  NE1   . TRP A 1 59  ? -6.487  5.193   -8.773  1.00 13.33 ? 65   TRP A NE1   1 
ATOM   437  C  CE2   . TRP A 1 59  ? -7.211  4.366   -9.586  1.00 11.63 ? 65   TRP A CE2   1 
ATOM   438  C  CE3   . TRP A 1 59  ? -7.622  1.989   -9.815  1.00 14.64 ? 65   TRP A CE3   1 
ATOM   439  C  CZ2   . TRP A 1 59  ? -8.019  4.670   -10.679 1.00 14.40 ? 65   TRP A CZ2   1 
ATOM   440  C  CZ3   . TRP A 1 59  ? -8.419  2.288   -10.901 1.00 15.83 ? 65   TRP A CZ3   1 
ATOM   441  C  CH2   . TRP A 1 59  ? -8.614  3.613   -11.325 1.00 15.75 ? 65   TRP A CH2   1 
ATOM   442  N  N     . ASP A 1 60  ? -7.057  -0.505  -5.940  1.00 9.49  ? 66   ASP A N     1 
ATOM   443  C  CA    . ASP A 1 60  ? -6.929  -1.894  -5.539  1.00 9.65  ? 66   ASP A CA    1 
ATOM   444  C  C     . ASP A 1 60  ? -7.177  -2.737  -6.762  1.00 10.79 ? 66   ASP A C     1 
ATOM   445  O  O     . ASP A 1 60  ? -7.741  -2.264  -7.730  1.00 11.22 ? 66   ASP A O     1 
ATOM   446  C  CB    . ASP A 1 60  ? -8.006  -2.180  -4.499  1.00 8.83  ? 66   ASP A CB    1 
ATOM   447  C  CG    . ASP A 1 60  ? -7.910  -3.557  -3.902  1.00 9.52  ? 66   ASP A CG    1 
ATOM   448  O  OD1   . ASP A 1 60  ? -6.798  -4.123  -3.879  1.00 9.60  ? 66   ASP A OD1   1 
ATOM   449  O  OD2   . ASP A 1 60  ? -8.948  -4.032  -3.420  1.00 13.17 ? 66   ASP A OD2   1 
ATOM   450  N  N     . THR A 1 61  ? -6.770  -3.994  -6.692  1.00 10.71 ? 67   THR A N     1 
ATOM   451  C  CA    . THR A 1 61  ? -6.951  -4.915  -7.829  1.00 10.85 ? 67   THR A CA    1 
ATOM   452  C  C     . THR A 1 61  ? -8.264  -5.650  -7.725  1.00 12.31 ? 67   THR A C     1 
ATOM   453  O  O     . THR A 1 61  ? -8.948  -5.609  -6.689  1.00 10.65 ? 67   THR A O     1 
ATOM   454  C  CB    . THR A 1 61  ? -5.846  -5.952  -7.823  1.00 11.81 ? 67   THR A CB    1 
ATOM   455  O  OG1   . THR A 1 61  ? -6.115  -6.897  -6.782  1.00 10.70 ? 67   THR A OG1   1 
ATOM   456  C  CG2   . THR A 1 61  ? -4.491  -5.279  -7.584  1.00 11.65 ? 67   THR A CG2   1 
ATOM   457  N  N     . ALA A 1 62  ? -8.590  -6.383  -8.791  1.00 12.34 ? 68   ALA A N     1 
ATOM   458  C  CA    . ALA A 1 62  ? -9.685  -7.334  -8.783  1.00 12.59 ? 68   ALA A CA    1 
ATOM   459  C  C     . ALA A 1 62  ? -9.112  -8.743  -8.697  1.00 13.21 ? 68   ALA A C     1 
ATOM   460  O  O     . ALA A 1 62  ? -9.700  -9.702  -9.196  1.00 14.89 ? 68   ALA A O     1 
ATOM   461  C  CB    . ALA A 1 62  ? -10.585 -7.195  -9.997  1.00 13.31 ? 68   ALA A CB    1 
ATOM   462  N  N     . GLY A 1 63  ? -7.961  -8.864  -8.058  1.00 13.06 ? 69   GLY A N     1 
ATOM   463  C  CA    . GLY A 1 63  ? -7.396  -10.187 -7.908  1.00 12.53 ? 69   GLY A CA    1 
ATOM   464  C  C     . GLY A 1 63  ? -6.500  -10.606 -9.060  1.00 12.71 ? 69   GLY A C     1 
ATOM   465  O  O     . GLY A 1 63  ? -6.035  -11.744 -9.065  1.00 14.03 ? 69   GLY A O     1 
ATOM   466  N  N     . GLN A 1 64  ? -6.199  -9.708  -9.989  1.00 12.88 ? 70   GLN A N     1 
ATOM   467  C  CA    . GLN A 1 64  ? -5.250  -10.009 -11.082 1.00 12.95 ? 70   GLN A CA    1 
ATOM   468  C  C     . GLN A 1 64  ? -3.893  -10.531 -10.625 1.00 13.85 ? 70   GLN A C     1 
ATOM   469  O  O     . GLN A 1 64  ? -3.171  -11.206 -11.378 1.00 14.79 ? 70   GLN A O     1 
ATOM   470  C  CB    . GLN A 1 64  ? -5.045  -8.807  -11.982 1.00 12.91 ? 70   GLN A CB    1 
ATOM   471  C  CG    . GLN A 1 64  ? -6.282  -8.444  -12.738 1.00 12.39 ? 70   GLN A CG    1 
ATOM   472  C  CD    . GLN A 1 64  ? -7.022  -7.320  -12.079 1.00 14.06 ? 70   GLN A CD    1 
ATOM   473  O  OE1   . GLN A 1 64  ? -7.081  -7.234  -10.858 1.00 13.43 ? 70   GLN A OE1   1 
ATOM   474  N  NE2   . GLN A 1 64  ? -7.562  -6.428  -12.872 1.00 12.54 ? 70   GLN A NE2   1 
ATOM   475  N  N     . GLU A 1 65  ? -3.509  -10.169 -9.405  1.00 12.24 ? 71   GLU A N     1 
ATOM   476  C  CA    . GLU A 1 65  ? -2.235  -10.624 -8.863  1.00 12.68 ? 71   GLU A CA    1 
ATOM   477  C  C     . GLU A 1 65  ? -2.203  -12.132 -8.694  1.00 13.25 ? 71   GLU A C     1 
ATOM   478  O  O     . GLU A 1 65  ? -1.136  -12.692 -8.530  1.00 15.13 ? 71   GLU A O     1 
ATOM   479  C  CB    . GLU A 1 65  ? -1.959  -9.947  -7.534  1.00 11.94 ? 71   GLU A CB    1 
ATOM   480  C  CG    . GLU A 1 65  ? -2.927  -10.347 -6.433  1.00 12.54 ? 71   GLU A CG    1 
ATOM   481  C  CD    . GLU A 1 65  ? -4.146  -9.494  -6.352  1.00 11.85 ? 71   GLU A CD    1 
ATOM   482  O  OE1   . GLU A 1 65  ? -4.488  -8.800  -7.323  1.00 13.36 ? 71   GLU A OE1   1 
ATOM   483  O  OE2   . GLU A 1 65  ? -4.764  -9.555  -5.296  1.00 9.53  ? 71   GLU A OE2   1 
ATOM   484  N  N     . ARG A 1 66  ? -3.371  -12.781 -8.697  1.00 14.69 ? 72   ARG A N     1 
ATOM   485  C  CA    . ARG A 1 66  ? -3.418  -14.242 -8.701  1.00 16.55 ? 72   ARG A CA    1 
ATOM   486  C  C     . ARG A 1 66  ? -2.682  -14.819 -9.903  1.00 18.55 ? 72   ARG A C     1 
ATOM   487  O  O     . ARG A 1 66  ? -2.222  -15.945 -9.847  1.00 20.10 ? 72   ARG A O     1 
ATOM   488  C  CB    . ARG A 1 66  ? -4.870  -14.698 -8.737  1.00 15.20 ? 72   ARG A CB    1 
ATOM   489  C  CG    . ARG A 1 66  ? -5.546  -14.550 -7.378  1.00 17.14 ? 72   ARG A CG    1 
ATOM   490  C  CD    . ARG A 1 66  ? -7.026  -14.834 -7.430  1.00 17.28 ? 72   ARG A CD    1 
ATOM   491  N  NE    . ARG A 1 66  ? -7.745  -13.952 -8.344  1.00 18.35 ? 72   ARG A NE    1 
ATOM   492  C  CZ    . ARG A 1 66  ? -9.048  -14.051 -8.601  1.00 19.60 ? 72   ARG A CZ    1 
ATOM   493  N  NH1   . ARG A 1 66  ? -9.773  -14.989 -8.013  1.00 21.57 ? 72   ARG A NH1   1 
ATOM   494  N  NH2   . ARG A 1 66  ? -9.619  -13.219 -9.463  1.00 21.57 ? 72   ARG A NH2   1 
ATOM   495  N  N     . TYR A 1 67  ? -2.569  -14.031 -10.962 1.00 20.76 ? 73   TYR A N     1 
ATOM   496  C  CA    . TYR A 1 67  ? -1.983  -14.486 -12.238 1.00 23.73 ? 73   TYR A CA    1 
ATOM   497  C  C     . TYR A 1 67  ? -0.709  -13.749 -12.600 1.00 25.49 ? 73   TYR A C     1 
ATOM   498  O  O     . TYR A 1 67  ? 0.135   -14.243 -13.357 1.00 26.25 ? 73   TYR A O     1 
ATOM   499  C  CB    . TYR A 1 67  ? -2.995  -14.288 -13.377 1.00 24.97 ? 73   TYR A CB    1 
ATOM   500  C  CG    . TYR A 1 67  ? -4.421  -14.498 -12.955 1.00 25.12 ? 73   TYR A CG    1 
ATOM   501  C  CD1   . TYR A 1 67  ? -5.331  -13.441 -12.938 1.00 24.46 ? 73   TYR A CD1   1 
ATOM   502  C  CD2   . TYR A 1 67  ? -4.845  -15.734 -12.505 1.00 25.30 ? 73   TYR A CD2   1 
ATOM   503  C  CE1   . TYR A 1 67  ? -6.636  -13.625 -12.512 1.00 25.22 ? 73   TYR A CE1   1 
ATOM   504  C  CE2   . TYR A 1 67  ? -6.136  -15.933 -12.072 1.00 26.55 ? 73   TYR A CE2   1 
ATOM   505  C  CZ    . TYR A 1 67  ? -7.034  -14.879 -12.071 1.00 26.69 ? 73   TYR A CZ    1 
ATOM   506  O  OH    . TYR A 1 67  ? -8.322  -15.110 -11.640 1.00 29.19 ? 73   TYR A OH    1 
ATOM   507  N  N     . ARG A 1 68  ? -0.550  -12.558 -12.061 1.00 26.68 ? 74   ARG A N     1 
ATOM   508  C  CA    . ARG A 1 68  ? 0.381   -11.610 -12.666 1.00 27.29 ? 74   ARG A CA    1 
ATOM   509  C  C     . ARG A 1 68  ? -0.339  -10.997 -13.848 1.00 27.67 ? 74   ARG A C     1 
ATOM   510  O  O     . ARG A 1 68  ? 0.255   -10.684 -14.875 1.00 28.19 ? 74   ARG A O     1 
ATOM   511  N  N     . ARG A 1 69  ? -1.652  -10.861 -13.700 1.00 26.94 ? 75   ARG A N     1 
ATOM   512  C  CA    . ARG A 1 69  ? -2.469  -10.239 -14.703 1.00 26.02 ? 75   ARG A CA    1 
ATOM   513  C  C     . ARG A 1 69  ? -2.586  -8.743  -14.432 1.00 24.88 ? 75   ARG A C     1 
ATOM   514  O  O     . ARG A 1 69  ? -3.465  -8.089  -14.990 1.00 24.17 ? 75   ARG A O     1 
ATOM   515  C  CB    . ARG A 1 69  ? -3.845  -10.913 -14.749 1.00 26.61 ? 75   ARG A CB    1 
ATOM   516  N  N     . ILE A 1 70  ? -1.701  -8.228  -13.564 1.00 24.62 ? 76   ILE A N     1 
ATOM   517  C  CA    . ILE A 1 70  ? -1.614  -6.788  -13.225 1.00 23.37 ? 76   ILE A CA    1 
ATOM   518  C  C     . ILE A 1 70  ? -0.865  -5.985  -14.282 1.00 23.08 ? 76   ILE A C     1 
ATOM   519  O  O     . ILE A 1 70  ? 0.342   -6.148  -14.489 1.00 22.42 ? 76   ILE A O     1 
ATOM   520  C  CB    . ILE A 1 70  ? -0.942  -6.509  -11.853 1.00 23.65 ? 76   ILE A CB    1 
ATOM   521  C  CG1   . ILE A 1 70  ? -1.640  -7.271  -10.715 1.00 23.38 ? 76   ILE A CG1   1 
ATOM   522  C  CG2   . ILE A 1 70  ? -0.886  -4.977  -11.571 1.00 24.15 ? 76   ILE A CG2   1 
ATOM   523  C  CD1   . ILE A 1 70  ? -2.821  -6.566  -10.106 1.00 25.97 ? 76   ILE A CD1   1 
ATOM   524  N  N     . THR A 1 71  ? -1.585  -5.076  -14.915 1.00 21.85 ? 77   THR A N     1 
ATOM   525  C  CA    . THR A 1 71  ? -1.051  -4.333  -16.047 1.00 21.25 ? 77   THR A CA    1 
ATOM   526  C  C     . THR A 1 71  ? -0.181  -3.183  -15.605 1.00 21.75 ? 77   THR A C     1 
ATOM   527  O  O     . THR A 1 71  ? -0.267  -2.731  -14.469 1.00 20.53 ? 77   THR A O     1 
ATOM   528  C  CB    . THR A 1 71  ? -2.174  -3.736  -16.876 1.00 21.49 ? 77   THR A CB    1 
ATOM   529  O  OG1   . THR A 1 71  ? -2.868  -2.781  -16.064 1.00 22.01 ? 77   THR A OG1   1 
ATOM   530  C  CG2   . THR A 1 71  ? -3.136  -4.819  -17.324 1.00 19.34 ? 77   THR A CG2   1 
ATOM   531  N  N     . SER A 1 72  ? 0.659   -2.693  -16.514 1.00 21.50 ? 78   SER A N     1 
ATOM   532  C  CA    . SER A 1 72  ? 1.452   -1.504  -16.202 1.00 22.64 ? 78   SER A CA    1 
ATOM   533  C  C     . SER A 1 72  ? 0.536   -0.297  -16.052 1.00 22.02 ? 78   SER A C     1 
ATOM   534  O  O     . SER A 1 72  ? 0.877   0.652   -15.350 1.00 22.96 ? 78   SER A O     1 
ATOM   535  C  CB    . SER A 1 72  ? 2.526   -1.254  -17.266 1.00 23.06 ? 78   SER A CB    1 
ATOM   536  O  OG    . SER A 1 72  ? 1.956   -1.410  -18.539 1.00 25.34 ? 78   SER A OG    1 
ATOM   537  N  N     . ALA A 1 73  ? -0.635  -0.344  -16.678 1.00 21.49 ? 79   ALA A N     1 
ATOM   538  C  CA    . ALA A 1 73  ? -1.639  0.708   -16.533 1.00 20.60 ? 79   ALA A CA    1 
ATOM   539  C  C     . ALA A 1 73  ? -2.054  0.943   -15.061 1.00 19.98 ? 79   ALA A C     1 
ATOM   540  O  O     . ALA A 1 73  ? -2.418  2.044   -14.655 1.00 20.63 ? 79   ALA A O     1 
ATOM   541  C  CB    . ALA A 1 73  ? -2.848  0.373   -17.371 1.00 21.45 ? 79   ALA A CB    1 
ATOM   542  N  N     . TYR A 1 74  ? -2.015  -0.120  -14.274 1.00 17.87 ? 80   TYR A N     1 
ATOM   543  C  CA    . TYR A 1 74  ? -2.446  -0.031  -12.879 1.00 16.29 ? 80   TYR A CA    1 
ATOM   544  C  C     . TYR A 1 74  ? -1.532  0.896   -12.111 1.00 16.05 ? 80   TYR A C     1 
ATOM   545  O  O     . TYR A 1 74  ? -1.972  1.685   -11.261 1.00 15.55 ? 80   TYR A O     1 
ATOM   546  C  CB    . TYR A 1 74  ? -2.403  -1.422  -12.279 1.00 15.18 ? 80   TYR A CB    1 
ATOM   547  C  CG    . TYR A 1 74  ? -2.819  -1.493  -10.826 1.00 12.56 ? 80   TYR A CG    1 
ATOM   548  C  CD1   . TYR A 1 74  ? -4.136  -1.290  -10.452 1.00 13.09 ? 80   TYR A CD1   1 
ATOM   549  C  CD2   . TYR A 1 74  ? -1.878  -1.791  -9.829  1.00 10.28 ? 80   TYR A CD2   1 
ATOM   550  C  CE1   . TYR A 1 74  ? -4.514  -1.373  -9.127  1.00 12.54 ? 80   TYR A CE1   1 
ATOM   551  C  CE2   . TYR A 1 74  ? -2.251  -1.889  -8.496  1.00 10.07 ? 80   TYR A CE2   1 
ATOM   552  C  CZ    . TYR A 1 74  ? -3.573  -1.674  -8.155  1.00 10.32 ? 80   TYR A CZ    1 
ATOM   553  O  OH    . TYR A 1 74  ? -4.035  -1.781  -6.855  1.00 11.94 ? 80   TYR A OH    1 
ATOM   554  N  N     . TYR A 1 75  ? -0.244  0.798   -12.420 1.00 16.40 ? 81   TYR A N     1 
ATOM   555  C  CA    . TYR A 1 75  ? 0.768   1.567   -11.718 1.00 17.12 ? 81   TYR A CA    1 
ATOM   556  C  C     . TYR A 1 75  ? 0.908   2.972   -12.245 1.00 17.89 ? 81   TYR A C     1 
ATOM   557  O  O     . TYR A 1 75  ? 1.458   3.842   -11.555 1.00 19.07 ? 81   TYR A O     1 
ATOM   558  C  CB    . TYR A 1 75  ? 2.111   0.879   -11.851 1.00 17.66 ? 81   TYR A CB    1 
ATOM   559  C  CG    . TYR A 1 75  ? 2.131   -0.545  -11.377 1.00 16.73 ? 81   TYR A CG    1 
ATOM   560  C  CD1   . TYR A 1 75  ? 2.112   -1.600  -12.280 1.00 18.24 ? 81   TYR A CD1   1 
ATOM   561  C  CD2   . TYR A 1 75  ? 2.204   -0.838  -10.022 1.00 16.57 ? 81   TYR A CD2   1 
ATOM   562  C  CE1   . TYR A 1 75  ? 2.160   -2.932  -11.842 1.00 19.64 ? 81   TYR A CE1   1 
ATOM   563  C  CE2   . TYR A 1 75  ? 2.227   -2.150  -9.573  1.00 18.17 ? 81   TYR A CE2   1 
ATOM   564  C  CZ    . TYR A 1 75  ? 2.214   -3.193  -10.486 1.00 17.86 ? 81   TYR A CZ    1 
ATOM   565  O  OH    . TYR A 1 75  ? 2.270   -4.484  -10.029 1.00 20.18 ? 81   TYR A OH    1 
ATOM   566  N  N     . ARG A 1 76  ? 0.409   3.188   -13.453 1.00 18.28 ? 82   ARG A N     1 
ATOM   567  C  CA    . ARG A 1 76  ? 0.572   4.468   -14.141 1.00 19.37 ? 82   ARG A CA    1 
ATOM   568  C  C     . ARG A 1 76  ? 0.186   5.641   -13.252 1.00 19.68 ? 82   ARG A C     1 
ATOM   569  O  O     . ARG A 1 76  ? -0.955  5.770   -12.853 1.00 19.42 ? 82   ARG A O     1 
ATOM   570  C  CB    . ARG A 1 76  ? -0.268  4.473   -15.430 1.00 19.94 ? 82   ARG A CB    1 
ATOM   571  N  N     . GLY A 1 77  ? 1.155   6.492   -12.943 1.00 20.03 ? 83   GLY A N     1 
ATOM   572  C  CA    . GLY A 1 77  ? 0.843   7.743   -12.265 1.00 19.69 ? 83   GLY A CA    1 
ATOM   573  C  C     . GLY A 1 77  ? 0.738   7.552   -10.773 1.00 19.15 ? 83   GLY A C     1 
ATOM   574  O  O     . GLY A 1 77  ? 0.493   8.510   -10.045 1.00 19.42 ? 83   GLY A O     1 
ATOM   575  N  N     . ALA A 1 78  ? 0.925   6.332   -10.295 1.00 17.96 ? 84   ALA A N     1 
ATOM   576  C  CA    . ALA A 1 78  ? 0.858   6.119   -8.849  1.00 16.62 ? 84   ALA A CA    1 
ATOM   577  C  C     . ALA A 1 78  ? 2.015   6.846   -8.218  1.00 16.73 ? 84   ALA A C     1 
ATOM   578  O  O     . ALA A 1 78  ? 3.158   6.697   -8.657  1.00 18.43 ? 84   ALA A O     1 
ATOM   579  C  CB    . ALA A 1 78  ? 0.915   4.631   -8.519  1.00 16.63 ? 84   ALA A CB    1 
ATOM   580  N  N     . VAL A 1 79  ? 1.736   7.650   -7.205  1.00 13.97 ? 85   VAL A N     1 
ATOM   581  C  CA    . VAL A 1 79  ? 2.798   8.309   -6.461  1.00 13.29 ? 85   VAL A CA    1 
ATOM   582  C  C     . VAL A 1 79  ? 3.047   7.606   -5.139  1.00 12.65 ? 85   VAL A C     1 
ATOM   583  O  O     . VAL A 1 79  ? 3.962   7.950   -4.378  1.00 13.06 ? 85   VAL A O     1 
ATOM   584  C  CB    . VAL A 1 79  ? 2.502   9.788   -6.216  1.00 14.19 ? 85   VAL A CB    1 
ATOM   585  C  CG1   . VAL A 1 79  ? 2.555   10.563  -7.538  1.00 16.70 ? 85   VAL A CG1   1 
ATOM   586  C  CG2   . VAL A 1 79  ? 1.140   9.921   -5.586  1.00 13.13 ? 85   VAL A CG2   1 
ATOM   587  N  N     . GLY A 1 80  ? 2.199   6.628   -4.835  1.00 12.07 ? 86   GLY A N     1 
ATOM   588  C  CA    . GLY A 1 80  ? 2.429   5.827   -3.647  1.00 11.83 ? 86   GLY A CA    1 
ATOM   589  C  C     . GLY A 1 80  ? 2.023   4.412   -3.928  1.00 12.15 ? 86   GLY A C     1 
ATOM   590  O  O     . GLY A 1 80  ? 1.161   4.155   -4.748  1.00 11.13 ? 86   GLY A O     1 
ATOM   591  N  N     . ALA A 1 81  ? 2.661   3.481   -3.222  1.00 12.24 ? 87   ALA A N     1 
ATOM   592  C  CA    . ALA A 1 81  ? 2.197   2.109   -3.256  1.00 13.12 ? 87   ALA A CA    1 
ATOM   593  C  C     . ALA A 1 81  ? 2.279   1.556   -1.858  1.00 12.68 ? 87   ALA A C     1 
ATOM   594  O  O     . ALA A 1 81  ? 3.241   1.841   -1.124  1.00 14.34 ? 87   ALA A O     1 
ATOM   595  C  CB    . ALA A 1 81  ? 2.999   1.294   -4.185  1.00 12.75 ? 87   ALA A CB    1 
ATOM   596  N  N     . LEU A 1 82  ? 1.259   0.811   -1.472  1.00 11.30 ? 88   LEU A N     1 
ATOM   597  C  CA    . LEU A 1 82  ? 1.332   -0.013  -0.281  1.00 11.27 ? 88   LEU A CA    1 
ATOM   598  C  C     . LEU A 1 82  ? 1.610   -1.382  -0.817  1.00 10.64 ? 88   LEU A C     1 
ATOM   599  O  O     . LEU A 1 82  ? 0.824   -1.900  -1.614  1.00 9.85  ? 88   LEU A O     1 
ATOM   600  C  CB    . LEU A 1 82  ? 0.025   0.028   0.500   1.00 13.35 ? 88   LEU A CB    1 
ATOM   601  C  CG    . LEU A 1 82  ? -0.171  1.498   0.896   1.00 16.02 ? 88   LEU A CG    1 
ATOM   602  C  CD1   . LEU A 1 82  ? -1.589  1.900   0.770   1.00 20.46 ? 88   LEU A CD1   1 
ATOM   603  C  CD2   . LEU A 1 82  ? 0.412   1.741   2.243   1.00 19.48 ? 88   LEU A CD2   1 
ATOM   604  N  N     . LEU A 1 83  ? 2.773   -1.910  -0.426  1.00 9.48  ? 89   LEU A N     1 
ATOM   605  C  CA    . LEU A 1 83  ? 3.252   -3.200  -0.952  1.00 10.15 ? 89   LEU A CA    1 
ATOM   606  C  C     . LEU A 1 83  ? 3.016   -4.143  0.184   1.00 8.90  ? 89   LEU A C     1 
ATOM   607  O  O     . LEU A 1 83  ? 3.713   -4.080  1.193   1.00 9.80  ? 89   LEU A O     1 
ATOM   608  C  CB    . LEU A 1 83  ? 4.745   -3.105  -1.296  1.00 10.86 ? 89   LEU A CB    1 
ATOM   609  C  CG    . LEU A 1 83  ? 5.234   -4.223  -2.249  1.00 13.97 ? 89   LEU A CG    1 
ATOM   610  C  CD1   . LEU A 1 83  ? 6.705   -4.008  -2.615  1.00 18.31 ? 89   LEU A CD1   1 
ATOM   611  C  CD2   . LEU A 1 83  ? 5.005   -5.602  -1.741  1.00 16.42 ? 89   LEU A CD2   1 
ATOM   612  N  N     . VAL A 1 84  ? 2.034   -5.018  0.031   1.00 8.47  ? 90   VAL A N     1 
ATOM   613  C  CA    . VAL A 1 84  ? 1.474   -5.696  1.177   1.00 7.81  ? 90   VAL A CA    1 
ATOM   614  C  C     . VAL A 1 84  ? 1.844   -7.151  1.123   1.00 8.57  ? 90   VAL A C     1 
ATOM   615  O  O     . VAL A 1 84  ? 1.779   -7.761  0.064   1.00 9.49  ? 90   VAL A O     1 
ATOM   616  C  CB    . VAL A 1 84  ? -0.080  -5.600  1.185   1.00 7.41  ? 90   VAL A CB    1 
ATOM   617  C  CG1   . VAL A 1 84  ? -0.664  -6.132  2.483   1.00 8.78  ? 90   VAL A CG1   1 
ATOM   618  C  CG2   . VAL A 1 84  ? -0.546  -4.160  1.022   1.00 8.21  ? 90   VAL A CG2   1 
ATOM   619  N  N     . TYR A 1 85  ? 2.208   -7.706  2.266   1.00 8.62  ? 91   TYR A N     1 
ATOM   620  C  CA    . TYR A 1 85  ? 2.327   -9.154  2.361   1.00 8.61  ? 91   TYR A CA    1 
ATOM   621  C  C     . TYR A 1 85  ? 1.564   -9.559  3.625   1.00 9.28  ? 91   TYR A C     1 
ATOM   622  O  O     . TYR A 1 85  ? 1.057   -8.724  4.365   1.00 9.72  ? 91   TYR A O     1 
ATOM   623  C  CB    . TYR A 1 85  ? 3.815   -9.617  2.404   1.00 8.96  ? 91   TYR A CB    1 
ATOM   624  C  CG    . TYR A 1 85  ? 4.519   -9.102  3.616   1.00 9.81  ? 91   TYR A CG    1 
ATOM   625  C  CD1   . TYR A 1 85  ? 5.028   -7.806  3.648   1.00 10.05 ? 91   TYR A CD1   1 
ATOM   626  C  CD2   . TYR A 1 85  ? 4.624   -9.894  4.776   1.00 10.40 ? 91   TYR A CD2   1 
ATOM   627  C  CE1   . TYR A 1 85  ? 5.646   -7.330  4.798   1.00 10.54 ? 91   TYR A CE1   1 
ATOM   628  C  CE2   . TYR A 1 85  ? 5.220   -9.415  5.912   1.00 11.16 ? 91   TYR A CE2   1 
ATOM   629  C  CZ    . TYR A 1 85  ? 5.737   -8.136  5.905   1.00 10.10 ? 91   TYR A CZ    1 
ATOM   630  O  OH    . TYR A 1 85  ? 6.309   -7.650  7.048   1.00 10.88 ? 91   TYR A OH    1 
ATOM   631  N  N     . ASP A 1 86  ? 1.439   -10.869 3.808   1.00 10.11 ? 92   ASP A N     1 
ATOM   632  C  CA    . ASP A 1 86  ? 0.756   -11.448 4.938   1.00 10.09 ? 92   ASP A CA    1 
ATOM   633  C  C     . ASP A 1 86  ? 1.843   -11.986 5.866   1.00 10.77 ? 92   ASP A C     1 
ATOM   634  O  O     . ASP A 1 86  ? 2.662   -12.790 5.431   1.00 12.38 ? 92   ASP A O     1 
ATOM   635  C  CB    . ASP A 1 86  ? -0.110  -12.577 4.401   1.00 10.10 ? 92   ASP A CB    1 
ATOM   636  C  CG    . ASP A 1 86  ? -0.834  -13.353 5.450   1.00 11.97 ? 92   ASP A CG    1 
ATOM   637  O  OD1   . ASP A 1 86  ? -0.569  -13.228 6.666   1.00 12.03 ? 92   ASP A OD1   1 
ATOM   638  O  OD2   . ASP A 1 86  ? -1.745  -14.109 5.016   1.00 11.97 ? 92   ASP A OD2   1 
ATOM   639  N  N     . ILE A 1 87  ? 1.883   -11.449 7.083   1.00 11.53 ? 93   ILE A N     1 
ATOM   640  C  CA    . ILE A 1 87  ? 2.936   -11.833 8.053   1.00 12.92 ? 93   ILE A CA    1 
ATOM   641  C  C     . ILE A 1 87  ? 2.914   -13.324 8.313   1.00 13.72 ? 93   ILE A C     1 
ATOM   642  O  O     . ILE A 1 87  ? 3.910   -13.904 8.759   1.00 14.47 ? 93   ILE A O     1 
ATOM   643  C  CB    . ILE A 1 87  ? 2.870   -11.044 9.358   1.00 12.78 ? 93   ILE A CB    1 
ATOM   644  C  CG1   . ILE A 1 87  ? 1.551   -11.264 10.116  1.00 14.90 ? 93   ILE A CG1   1 
ATOM   645  C  CG2   . ILE A 1 87  ? 2.992   -9.580  9.092   1.00 13.38 ? 93   ILE A CG2   1 
ATOM   646  C  CD1   . ILE A 1 87  ? 1.699   -12.102 11.389  1.00 21.04 ? 93   ILE A CD1   1 
ATOM   647  N  N     . ALA A 1 88  ? 1.801   -13.944 7.992   1.00 12.73 ? 94   ALA A N     1 
ATOM   648  C  CA    . ALA A 1 88  ? 1.646   -15.376 8.275   1.00 12.90 ? 94   ALA A CA    1 
ATOM   649  C  C     . ALA A 1 88  ? 1.895   -16.245 7.049   1.00 14.09 ? 94   ALA A C     1 
ATOM   650  O  O     . ALA A 1 88  ? 1.693   -17.472 7.071   1.00 15.10 ? 94   ALA A O     1 
ATOM   651  C  CB    . ALA A 1 88  ? 0.253   -15.631 8.889   1.00 13.23 ? 94   ALA A CB    1 
ATOM   652  N  N     . LYS A 1 89  ? 2.344   -15.644 5.960   1.00 13.55 ? 95   LYS A N     1 
ATOM   653  C  CA    . LYS A 1 89  ? 2.597   -16.406 4.761   1.00 14.57 ? 95   LYS A CA    1 
ATOM   654  C  C     . LYS A 1 89  ? 3.891   -15.934 4.158   1.00 15.51 ? 95   LYS A C     1 
ATOM   655  O  O     . LYS A 1 89  ? 3.942   -14.950 3.432   1.00 15.53 ? 95   LYS A O     1 
ATOM   656  C  CB    . LYS A 1 89  ? 1.429   -16.282 3.772   1.00 14.32 ? 95   LYS A CB    1 
ATOM   657  C  CG    . LYS A 1 89  ? 0.118   -16.870 4.288   1.00 15.44 ? 95   LYS A CG    1 
ATOM   658  C  CD    . LYS A 1 89  ? 0.186   -18.418 4.191   1.00 17.69 ? 95   LYS A CD    1 
ATOM   659  C  CE    . LYS A 1 89  ? -0.972  -19.101 4.894   1.00 16.99 ? 95   LYS A CE    1 
ATOM   660  N  NZ    . LYS A 1 89  ? -1.049  -18.734 6.331   1.00 17.66 ? 95   LYS A NZ    1 
ATOM   661  N  N     . HIS A 1 90  ? 4.960   -16.665 4.435   1.00 15.31 ? 96   HIS A N     1 
ATOM   662  C  CA    . HIS A 1 90  ? 6.276   -16.222 4.021   1.00 15.95 ? 96   HIS A CA    1 
ATOM   663  C  C     . HIS A 1 90  ? 6.387   -16.023 2.512   1.00 15.97 ? 96   HIS A C     1 
ATOM   664  O  O     . HIS A 1 90  ? 7.123   -15.165 2.033   1.00 16.13 ? 96   HIS A O     1 
ATOM   665  C  CB    . HIS A 1 90  ? 7.353   -17.211 4.496   1.00 16.67 ? 96   HIS A CB    1 
ATOM   666  C  CG    . HIS A 1 90  ? 7.581   -18.357 3.552   1.00 17.31 ? 96   HIS A CG    1 
ATOM   667  N  ND1   . HIS A 1 90  ? 6.832   -19.509 3.592   1.00 19.55 ? 96   HIS A ND1   1 
ATOM   668  C  CD2   . HIS A 1 90  ? 8.465   -18.515 2.534   1.00 18.59 ? 96   HIS A CD2   1 
ATOM   669  C  CE1   . HIS A 1 90  ? 7.237   -20.330 2.631   1.00 17.65 ? 96   HIS A CE1   1 
ATOM   670  N  NE2   . HIS A 1 90  ? 8.240   -19.757 1.989   1.00 19.28 ? 96   HIS A NE2   1 
ATOM   671  N  N     . LEU A 1 91  ? 5.662   -16.839 1.736   1.00 15.10 ? 97   LEU A N     1 
ATOM   672  C  CA    . LEU A 1 91  ? 5.737   -16.755 0.307   1.00 15.92 ? 97   LEU A CA    1 
ATOM   673  C  C     . LEU A 1 91  ? 5.298   -15.381 -0.146  1.00 13.33 ? 97   LEU A C     1 
ATOM   674  O  O     . LEU A 1 91  ? 5.828   -14.847 -1.109  1.00 15.25 ? 97   LEU A O     1 
ATOM   675  C  CB    . LEU A 1 91  ? 4.823   -17.792 -0.323  1.00 16.86 ? 97   LEU A CB    1 
ATOM   676  C  CG    . LEU A 1 91  ? 5.234   -18.117 -1.738  1.00 21.00 ? 97   LEU A CG    1 
ATOM   677  C  CD1   . LEU A 1 91  ? 6.664   -18.662 -1.747  1.00 22.83 ? 97   LEU A CD1   1 
ATOM   678  C  CD2   . LEU A 1 91  ? 4.242   -19.141 -2.304  1.00 24.04 ? 97   LEU A CD2   1 
ATOM   679  N  N     . THR A 1 92  ? 4.343   -14.812 0.581   1.00 13.62 ? 98   THR A N     1 
ATOM   680  C  CA    . THR A 1 92  ? 3.832   -13.518 0.158   1.00 12.55 ? 98   THR A CA    1 
ATOM   681  C  C     . THR A 1 92  ? 4.876   -12.469 0.458   1.00 12.91 ? 98   THR A C     1 
ATOM   682  O  O     . THR A 1 92  ? 4.962   -11.445 -0.228  1.00 13.30 ? 98   THR A O     1 
ATOM   683  C  CB    . THR A 1 92  ? 2.528   -13.141 0.880   1.00 12.02 ? 98   THR A CB    1 
ATOM   684  O  OG1   . THR A 1 92  ? 2.743   -12.907 2.276   1.00 13.07 ? 98   THR A OG1   1 
ATOM   685  C  CG2   . THR A 1 92  ? 1.483   -14.228 0.695   1.00 14.17 ? 98   THR A CG2   1 
ATOM   686  N  N     . TYR A 1 93  ? 5.692   -12.754 1.460   1.00 12.66 ? 99   TYR A N     1 
ATOM   687  C  CA    . TYR A 1 93  ? 6.834   -11.893 1.721   1.00 13.97 ? 99   TYR A CA    1 
ATOM   688  C  C     . TYR A 1 93  ? 7.991   -12.124 0.730   1.00 14.04 ? 99   TYR A C     1 
ATOM   689  O  O     . TYR A 1 93  ? 8.575   -11.190 0.246   1.00 14.10 ? 99   TYR A O     1 
ATOM   690  C  CB    . TYR A 1 93  ? 7.285   -12.023 3.158   1.00 14.86 ? 99   TYR A CB    1 
ATOM   691  C  CG    . TYR A 1 93  ? 8.525   -11.232 3.444   1.00 13.66 ? 99   TYR A CG    1 
ATOM   692  C  CD1   . TYR A 1 93  ? 8.486   -9.846  3.527   1.00 12.38 ? 99   TYR A CD1   1 
ATOM   693  C  CD2   . TYR A 1 93  ? 9.770   -11.865 3.587   1.00 14.72 ? 99   TYR A CD2   1 
ATOM   694  C  CE1   . TYR A 1 93  ? 9.620   -9.114  3.769   1.00 12.80 ? 99   TYR A CE1   1 
ATOM   695  C  CE2   . TYR A 1 93  ? 10.879  -11.151 3.852   1.00 16.55 ? 99   TYR A CE2   1 
ATOM   696  C  CZ    . TYR A 1 93  ? 10.818  -9.773  3.928   1.00 15.68 ? 99   TYR A CZ    1 
ATOM   697  O  OH    . TYR A 1 93  ? 11.970  -9.054  4.171   1.00 17.72 ? 99   TYR A OH    1 
ATOM   698  N  N     . GLU A 1 94  ? 8.279   -13.374 0.394   1.00 14.39 ? 100  GLU A N     1 
ATOM   699  C  CA    . GLU A 1 94  ? 9.280   -13.650 -0.671  1.00 16.93 ? 100  GLU A CA    1 
ATOM   700  C  C     . GLU A 1 94  ? 8.925   -12.948 -1.961  1.00 16.68 ? 100  GLU A C     1 
ATOM   701  O  O     . GLU A 1 94  ? 9.788   -12.524 -2.718  1.00 18.45 ? 100  GLU A O     1 
ATOM   702  C  CB    . GLU A 1 94  ? 9.401   -15.160 -0.925  1.00 17.83 ? 100  GLU A CB    1 
ATOM   703  C  CG    . GLU A 1 94  ? 9.730   -15.888 0.347   1.00 23.06 ? 100  GLU A CG    1 
ATOM   704  C  CD    . GLU A 1 94  ? 10.657  -17.078 0.158   1.00 29.12 ? 100  GLU A CD    1 
ATOM   705  O  OE1   . GLU A 1 94  ? 10.417  -17.885 -0.778  1.00 34.55 ? 100  GLU A OE1   1 
ATOM   706  O  OE2   . GLU A 1 94  ? 11.608  -17.211 0.973   1.00 31.93 ? 100  GLU A OE2   1 
ATOM   707  N  N     . ASN A 1 95  ? 7.628   -12.822 -2.215  1.00 16.33 ? 101  ASN A N     1 
ATOM   708  C  CA    . ASN A 1 95  ? 7.152   -12.224 -3.433  1.00 16.95 ? 101  ASN A CA    1 
ATOM   709  C  C     . ASN A 1 95  ? 7.173   -10.709 -3.426  1.00 16.68 ? 101  ASN A C     1 
ATOM   710  O  O     . ASN A 1 95  ? 6.926   -10.095 -4.445  1.00 17.30 ? 101  ASN A O     1 
ATOM   711  C  CB    . ASN A 1 95  ? 5.764   -12.757 -3.765  1.00 16.94 ? 101  ASN A CB    1 
ATOM   712  C  CG    . ASN A 1 95  ? 5.820   -14.157 -4.249  1.00 18.68 ? 101  ASN A CG    1 
ATOM   713  O  OD1   . ASN A 1 95  ? 4.866   -14.919 -4.134  1.00 20.44 ? 101  ASN A OD1   1 
ATOM   714  N  ND2   . ASN A 1 95  ? 6.967   -14.515 -4.825  1.00 17.93 ? 101  ASN A ND2   1 
ATOM   715  N  N     . VAL A 1 96  ? 7.470   -10.119 -2.280  1.00 17.48 ? 102  VAL A N     1 
ATOM   716  C  CA    . VAL A 1 96  ? 7.602   -8.661  -2.211  1.00 19.27 ? 102  VAL A CA    1 
ATOM   717  C  C     . VAL A 1 96  ? 8.624   -8.097  -3.209  1.00 19.51 ? 102  VAL A C     1 
ATOM   718  O  O     . VAL A 1 96  ? 8.360   -7.090  -3.854  1.00 19.64 ? 102  VAL A O     1 
ATOM   719  C  CB    . VAL A 1 96  ? 7.945   -8.213  -0.782  1.00 18.89 ? 102  VAL A CB    1 
ATOM   720  C  CG1   . VAL A 1 96  ? 8.581   -6.818  -0.749  1.00 19.96 ? 102  VAL A CG1   1 
ATOM   721  C  CG2   . VAL A 1 96  ? 6.688   -8.254  0.080   1.00 20.32 ? 102  VAL A CG2   1 
ATOM   722  N  N     . GLU A 1 97  ? 9.779   -8.755  -3.341  1.00 21.53 ? 103  GLU A N     1 
ATOM   723  C  CA    . GLU A 1 97  ? 10.843  -8.277  -4.225  1.00 23.83 ? 103  GLU A CA    1 
ATOM   724  C  C     . GLU A 1 97  ? 10.310  -8.111  -5.641  1.00 23.10 ? 103  GLU A C     1 
ATOM   725  O  O     . GLU A 1 97  ? 10.616  -7.130  -6.342  1.00 23.98 ? 103  GLU A O     1 
ATOM   726  C  CB    . GLU A 1 97  ? 11.993  -9.293  -4.260  1.00 24.89 ? 103  GLU A CB    1 
ATOM   727  C  CG    . GLU A 1 97  ? 13.368  -8.713  -3.925  1.00 29.37 ? 103  GLU A CG    1 
ATOM   728  C  CD    . GLU A 1 97  ? 13.643  -7.354  -4.561  1.00 34.03 ? 103  GLU A CD    1 
ATOM   729  O  OE1   . GLU A 1 97  ? 13.361  -7.167  -5.771  1.00 38.37 ? 103  GLU A OE1   1 
ATOM   730  O  OE2   . GLU A 1 97  ? 14.177  -6.473  -3.846  1.00 37.52 ? 103  GLU A OE2   1 
ATOM   731  N  N     . ARG A 1 98  ? 9.512   -9.094  -6.053  1.00 22.80 ? 104  ARG A N     1 
ATOM   732  C  CA    . ARG A 1 98  ? 8.903   -9.131  -7.369  1.00 22.14 ? 104  ARG A CA    1 
ATOM   733  C  C     . ARG A 1 98  ? 7.926   -7.976  -7.577  1.00 21.31 ? 104  ARG A C     1 
ATOM   734  O  O     . ARG A 1 98  ? 7.930   -7.320  -8.620  1.00 21.38 ? 104  ARG A O     1 
ATOM   735  C  CB    . ARG A 1 98  ? 8.201   -10.470 -7.570  1.00 22.73 ? 104  ARG A CB    1 
ATOM   736  N  N     . TRP A 1 99  ? 7.058   -7.738  -6.595  1.00 20.05 ? 105  TRP A N     1 
ATOM   737  C  CA    . TRP A 1 99  ? 6.151   -6.598  -6.696  1.00 18.58 ? 105  TRP A CA    1 
ATOM   738  C  C     . TRP A 1 99  ? 6.907   -5.291  -6.698  1.00 18.19 ? 105  TRP A C     1 
ATOM   739  O  O     . TRP A 1 99  ? 6.528   -4.356  -7.390  1.00 18.07 ? 105  TRP A O     1 
ATOM   740  C  CB    . TRP A 1 99  ? 5.118   -6.610  -5.572  1.00 17.98 ? 105  TRP A CB    1 
ATOM   741  C  CG    . TRP A 1 99  ? 4.220   -7.777  -5.708  1.00 16.03 ? 105  TRP A CG    1 
ATOM   742  C  CD1   . TRP A 1 99  ? 4.114   -8.825  -4.843  1.00 15.93 ? 105  TRP A CD1   1 
ATOM   743  C  CD2   . TRP A 1 99  ? 3.303   -8.045  -6.782  1.00 16.06 ? 105  TRP A CD2   1 
ATOM   744  N  NE1   . TRP A 1 99  ? 3.187   -9.725  -5.305  1.00 16.09 ? 105  TRP A NE1   1 
ATOM   745  C  CE2   . TRP A 1 99  ? 2.683   -9.274  -6.498  1.00 15.93 ? 105  TRP A CE2   1 
ATOM   746  C  CE3   . TRP A 1 99  ? 2.963   -7.377  -7.970  1.00 18.77 ? 105  TRP A CE3   1 
ATOM   747  C  CZ2   . TRP A 1 99  ? 1.719   -9.834  -7.333  1.00 18.95 ? 105  TRP A CZ2   1 
ATOM   748  C  CZ3   . TRP A 1 99  ? 2.010   -7.938  -8.799  1.00 18.65 ? 105  TRP A CZ3   1 
ATOM   749  C  CH2   . TRP A 1 99  ? 1.408   -9.159  -8.485  1.00 18.46 ? 105  TRP A CH2   1 
ATOM   750  N  N     . LEU A 1 100 ? 7.966   -5.240  -5.896  1.00 19.19 ? 106  LEU A N     1 
ATOM   751  C  CA    . LEU A 1 100 ? 8.750   -4.039  -5.731  1.00 21.21 ? 106  LEU A CA    1 
ATOM   752  C  C     . LEU A 1 100 ? 9.390   -3.689  -7.040  1.00 22.40 ? 106  LEU A C     1 
ATOM   753  O  O     . LEU A 1 100 ? 9.424   -2.510  -7.413  1.00 23.06 ? 106  LEU A O     1 
ATOM   754  C  CB    . LEU A 1 100 ? 9.815   -4.241  -4.643  1.00 20.35 ? 106  LEU A CB    1 
ATOM   755  C  CG    . LEU A 1 100 ? 10.721  -3.036  -4.396  1.00 22.07 ? 106  LEU A CG    1 
ATOM   756  C  CD1   . LEU A 1 100 ? 9.916   -1.812  -4.017  1.00 21.93 ? 106  LEU A CD1   1 
ATOM   757  C  CD2   . LEU A 1 100 ? 11.737  -3.366  -3.314  1.00 21.81 ? 106  LEU A CD2   1 
ATOM   758  N  N     . LYS A 1 101 ? 9.870   -4.718  -7.739  1.00 24.89 ? 107  LYS A N     1 
ATOM   759  C  CA    . LYS A 1 101 ? 10.442  -4.565  -9.068  1.00 27.05 ? 107  LYS A CA    1 
ATOM   760  C  C     . LYS A 1 101 ? 9.362   -4.032  -9.986  1.00 28.31 ? 107  LYS A C     1 
ATOM   761  O  O     . LYS A 1 101 ? 9.543   -2.968  -10.593 1.00 29.04 ? 107  LYS A O     1 
ATOM   762  C  CB    . LYS A 1 101 ? 10.967  -5.888  -9.583  1.00 26.98 ? 107  LYS A CB    1 
ATOM   763  N  N     . GLU A 1 102 ? 8.229   -4.745  -10.043 1.00 29.23 ? 108  GLU A N     1 
ATOM   764  C  CA    . GLU A 1 102 ? 7.098   -4.373  -10.899 1.00 31.09 ? 108  GLU A CA    1 
ATOM   765  C  C     . GLU A 1 102 ? 6.690   -2.912  -10.679 1.00 30.67 ? 108  GLU A C     1 
ATOM   766  O  O     . GLU A 1 102 ? 6.319   -2.229  -11.634 1.00 31.51 ? 108  GLU A O     1 
ATOM   767  C  CB    . GLU A 1 102 ? 5.901   -5.333  -10.735 1.00 30.75 ? 108  GLU A CB    1 
ATOM   768  C  CG    . GLU A 1 102 ? 5.315   -5.830  -12.083 1.00 32.70 ? 108  GLU A CG    1 
ATOM   769  C  CD    . GLU A 1 102 ? 4.104   -6.766  -11.947 1.00 33.49 ? 108  GLU A CD    1 
ATOM   770  O  OE1   . GLU A 1 102 ? 2.936   -6.281  -11.890 1.00 32.85 ? 108  GLU A OE1   1 
ATOM   771  O  OE2   . GLU A 1 102 ? 4.323   -8.000  -11.946 1.00 37.62 ? 108  GLU A OE2   1 
ATOM   772  N  N     . LEU A 1 103 ? 6.785   -2.434  -9.437  1.00 30.72 ? 109  LEU A N     1 
ATOM   773  C  CA    . LEU A 1 103 ? 6.566   -1.024  -9.115  1.00 30.91 ? 109  LEU A CA    1 
ATOM   774  C  C     . LEU A 1 103 ? 7.625   -0.161  -9.784  1.00 32.15 ? 109  LEU A C     1 
ATOM   775  O  O     . LEU A 1 103 ? 7.384   0.414   -10.857 1.00 32.45 ? 109  LEU A O     1 
ATOM   776  C  CB    . LEU A 1 103 ? 6.589   -0.788  -7.596  1.00 30.53 ? 109  LEU A CB    1 
ATOM   777  C  CG    . LEU A 1 103 ? 5.350   -1.153  -6.790  1.00 29.45 ? 109  LEU A CG    1 
ATOM   778  C  CD1   . LEU A 1 103 ? 5.619   -1.077  -5.303  1.00 26.82 ? 109  LEU A CD1   1 
ATOM   779  C  CD2   . LEU A 1 103 ? 4.162   -0.256  -7.164  1.00 28.16 ? 109  LEU A CD2   1 
ATOM   780  N  N     . ARG A 1 104 ? 8.806   -0.105  -9.170  1.00 32.38 ? 110  ARG A N     1 
ATOM   781  C  CA    . ARG A 1 104 ? 9.966   0.589   -9.741  1.00 33.37 ? 110  ARG A CA    1 
ATOM   782  C  C     . ARG A 1 104 ? 9.937   0.657   -11.290 1.00 34.06 ? 110  ARG A C     1 
ATOM   783  O  O     . ARG A 1 104 ? 10.216  1.719   -11.872 1.00 34.59 ? 110  ARG A O     1 
ATOM   784  C  CB    . ARG A 1 104 ? 11.261  -0.059  -9.240  1.00 33.39 ? 110  ARG A CB    1 
ATOM   785  N  N     . ASP A 1 105 ? 9.580   -0.467  -11.926 1.00 34.34 ? 111  ASP A N     1 
ATOM   786  C  CA    . ASP A 1 105 ? 9.447   -0.597  -13.385 1.00 35.14 ? 111  ASP A CA    1 
ATOM   787  C  C     . ASP A 1 105 ? 8.283   0.185   -13.988 1.00 35.48 ? 111  ASP A C     1 
ATOM   788  O  O     . ASP A 1 105 ? 8.477   1.214   -14.644 1.00 35.37 ? 111  ASP A O     1 
ATOM   789  C  CB    . ASP A 1 105 ? 9.250   -2.064  -13.765 1.00 35.36 ? 111  ASP A CB    1 
ATOM   790  C  CG    . ASP A 1 105 ? 10.546  -2.836  -13.841 1.00 37.53 ? 111  ASP A CG    1 
ATOM   791  O  OD1   . ASP A 1 105 ? 11.626  -2.222  -13.686 1.00 41.17 ? 111  ASP A OD1   1 
ATOM   792  O  OD2   . ASP A 1 105 ? 10.489  -4.063  -14.069 1.00 38.99 ? 111  ASP A OD2   1 
ATOM   793  N  N     . HIS A 1 106 ? 7.074   -0.353  -13.791 1.00 35.68 ? 112  HIS A N     1 
ATOM   794  C  CA    . HIS A 1 106 ? 5.851   0.152   -14.423 1.00 35.63 ? 112  HIS A CA    1 
ATOM   795  C  C     . HIS A 1 106 ? 5.373   1.441   -13.779 1.00 35.50 ? 112  HIS A C     1 
ATOM   796  O  O     . HIS A 1 106 ? 4.576   2.192   -14.350 1.00 35.81 ? 112  HIS A O     1 
ATOM   797  C  CB    . HIS A 1 106 ? 4.773   -0.899  -14.365 1.00 35.55 ? 112  HIS A CB    1 
ATOM   798  N  N     . ALA A 1 107 ? 5.848   1.690   -12.573 1.00 35.82 ? 113  ALA A N     1 
ATOM   799  C  CA    . ALA A 1 107 ? 5.552   2.927   -11.900 1.00 35.67 ? 113  ALA A CA    1 
ATOM   800  C  C     . ALA A 1 107 ? 6.707   3.897   -12.078 1.00 36.09 ? 113  ALA A C     1 
ATOM   801  O  O     . ALA A 1 107 ? 7.767   3.559   -12.618 1.00 36.24 ? 113  ALA A O     1 
ATOM   802  C  CB    . ALA A 1 107 ? 5.268   2.695   -10.421 1.00 35.94 ? 113  ALA A CB    1 
ATOM   803  N  N     . ASP A 1 108 ? 6.475   5.103   -11.593 1.00 35.92 ? 114  ASP A N     1 
ATOM   804  C  CA    . ASP A 1 108 ? 7.383   6.223   -11.716 1.00 36.58 ? 114  ASP A CA    1 
ATOM   805  C  C     . ASP A 1 108 ? 8.412   6.252   -10.599 1.00 36.46 ? 114  ASP A C     1 
ATOM   806  O  O     . ASP A 1 108 ? 8.076   6.121   -9.410  1.00 36.61 ? 114  ASP A O     1 
ATOM   807  C  CB    . ASP A 1 108 ? 6.557   7.494   -11.641 1.00 37.00 ? 114  ASP A CB    1 
ATOM   808  C  CG    . ASP A 1 108 ? 5.421   7.378   -10.638 1.00 38.40 ? 114  ASP A CG    1 
ATOM   809  O  OD1   . ASP A 1 108 ? 4.637   6.395   -10.746 1.00 39.67 ? 114  ASP A OD1   1 
ATOM   810  O  OD2   . ASP A 1 108 ? 5.314   8.259   -9.755  1.00 38.49 ? 114  ASP A OD2   1 
ATOM   811  N  N     . SER A 1 109 ? 9.661   6.471   -11.008 1.00 35.81 ? 115  SER A N     1 
ATOM   812  C  CA    . SER A 1 109 ? 10.839  6.614   -10.132 1.00 34.87 ? 115  SER A CA    1 
ATOM   813  C  C     . SER A 1 109 ? 10.709  7.222   -8.720  1.00 33.58 ? 115  SER A C     1 
ATOM   814  O  O     . SER A 1 109 ? 11.443  6.810   -7.824  1.00 34.08 ? 115  SER A O     1 
ATOM   815  C  CB    . SER A 1 109 ? 11.971  7.343   -10.908 1.00 35.08 ? 115  SER A CB    1 
ATOM   816  N  N     . ASN A 1 110 ? 9.833   8.207   -8.513  1.00 32.06 ? 116  ASN A N     1 
ATOM   817  C  CA    . ASN A 1 110 ? 9.726   8.851   -7.193  1.00 30.37 ? 116  ASN A CA    1 
ATOM   818  C  C     . ASN A 1 110 ? 8.609   8.265   -6.329  1.00 28.43 ? 116  ASN A C     1 
ATOM   819  O  O     . ASN A 1 110 ? 8.276   8.830   -5.273  1.00 28.32 ? 116  ASN A O     1 
ATOM   820  C  CB    . ASN A 1 110 ? 9.522   10.372  -7.311  1.00 31.44 ? 116  ASN A CB    1 
ATOM   821  C  CG    . ASN A 1 110 ? 10.787  11.124  -7.701  1.00 32.17 ? 116  ASN A CG    1 
ATOM   822  O  OD1   . ASN A 1 110 ? 10.712  12.159  -8.360  1.00 35.23 ? 116  ASN A OD1   1 
ATOM   823  N  ND2   . ASN A 1 110 ? 11.940  10.616  -7.299  1.00 32.41 ? 116  ASN A ND2   1 
ATOM   824  N  N     . ILE A 1 111 ? 8.023   7.154   -6.782  1.00 26.04 ? 117  ILE A N     1 
ATOM   825  C  CA    . ILE A 1 111 ? 6.918   6.528   -6.039  1.00 23.83 ? 117  ILE A CA    1 
ATOM   826  C  C     . ILE A 1 111 ? 7.356   6.273   -4.604  1.00 22.50 ? 117  ILE A C     1 
ATOM   827  O  O     . ILE A 1 111 ? 8.484   5.815   -4.344  1.00 23.06 ? 117  ILE A O     1 
ATOM   828  C  CB    . ILE A 1 111 ? 6.363   5.242   -6.723  1.00 23.79 ? 117  ILE A CB    1 
ATOM   829  C  CG1   . ILE A 1 111 ? 5.096   4.752   -6.002  1.00 23.14 ? 117  ILE A CG1   1 
ATOM   830  C  CG2   . ILE A 1 111 ? 7.413   4.135   -6.756  1.00 25.10 ? 117  ILE A CG2   1 
ATOM   831  C  CD1   . ILE A 1 111 ? 4.231   3.801   -6.804  1.00 23.58 ? 117  ILE A CD1   1 
ATOM   832  N  N     . VAL A 1 112 ? 6.481   6.597   -3.671  1.00 19.69 ? 118  VAL A N     1 
ATOM   833  C  CA    . VAL A 1 112 ? 6.724   6.323   -2.275  1.00 17.60 ? 118  VAL A CA    1 
ATOM   834  C  C     . VAL A 1 112 ? 6.171   4.944   -2.006  1.00 17.42 ? 118  VAL A C     1 
ATOM   835  O  O     . VAL A 1 112 ? 5.015   4.681   -2.301  1.00 15.61 ? 118  VAL A O     1 
ATOM   836  C  CB    . VAL A 1 112 ? 6.032   7.340   -1.402  1.00 18.21 ? 118  VAL A CB    1 
ATOM   837  C  CG1   . VAL A 1 112 ? 6.100   6.944   0.036   1.00 17.00 ? 118  VAL A CG1   1 
ATOM   838  C  CG2   . VAL A 1 112 ? 6.649   8.733   -1.671  1.00 17.76 ? 118  VAL A CG2   1 
ATOM   839  N  N     . ILE A 1 113 ? 6.988   4.067   -1.432  1.00 15.39 ? 119  ILE A N     1 
ATOM   840  C  CA    . ILE A 1 113 ? 6.538   2.689   -1.239  1.00 14.73 ? 119  ILE A CA    1 
ATOM   841  C  C     . ILE A 1 113 ? 6.583   2.380   0.207   1.00 14.15 ? 119  ILE A C     1 
ATOM   842  O  O     . ILE A 1 113 ? 7.599   2.590   0.877   1.00 15.34 ? 119  ILE A O     1 
ATOM   843  C  CB    . ILE A 1 113 ? 7.407   1.688   -1.983  1.00 14.46 ? 119  ILE A CB    1 
ATOM   844  C  CG1   . ILE A 1 113 ? 7.332   1.969   -3.484  1.00 15.41 ? 119  ILE A CG1   1 
ATOM   845  C  CG2   . ILE A 1 113 ? 6.929   0.243   -1.704  1.00 14.80 ? 119  ILE A CG2   1 
ATOM   846  C  CD1   . ILE A 1 113 ? 8.440   1.329   -4.269  1.00 17.47 ? 119  ILE A CD1   1 
ATOM   847  N  N     . MET A 1 114 ? 5.445   1.924   0.708   1.00 13.45 ? 120  MET A N     1 
ATOM   848  C  CA    . MET A 1 114 ? 5.378   1.475   2.060   1.00 13.94 ? 120  MET A CA    1 
ATOM   849  C  C     . MET A 1 114 ? 5.190   -0.027  2.065   1.00 12.66 ? 120  MET A C     1 
ATOM   850  O  O     . MET A 1 114 ? 4.207   -0.521  1.505   1.00 12.83 ? 120  MET A O     1 
ATOM   851  C  CB    . MET A 1 114 ? 4.193   2.072   2.736   1.00 14.97 ? 120  MET A CB    1 
ATOM   852  C  CG    . MET A 1 114 ? 3.849   1.236   3.916   1.00 19.56 ? 120  MET A CG    1 
ATOM   853  S  SD    . MET A 1 114 ? 4.346   2.077   5.358   1.00 29.19 ? 120  MET A SD    1 
ATOM   854  C  CE    . MET A 1 114 ? 2.824   2.892   5.177   1.00 13.25 ? 120  MET A CE    1 
ATOM   855  N  N     . LEU A 1 115 ? 6.106   -0.727  2.726   1.00 11.70 ? 121  LEU A N     1 
ATOM   856  C  CA    . LEU A 1 115 ? 5.983   -2.151  2.884   1.00 10.98 ? 121  LEU A CA    1 
ATOM   857  C  C     . LEU A 1 115 ? 5.031   -2.385  4.038   1.00 10.66 ? 121  LEU A C     1 
ATOM   858  O  O     . LEU A 1 115 ? 5.213   -1.849  5.133   1.00 10.30 ? 121  LEU A O     1 
ATOM   859  C  CB    . LEU A 1 115 ? 7.360   -2.736  3.195   1.00 10.98 ? 121  LEU A CB    1 
ATOM   860  C  CG    . LEU A 1 115 ? 7.373   -4.258  3.342   1.00 9.71  ? 121  LEU A CG    1 
ATOM   861  C  CD1   . LEU A 1 115 ? 6.960   -4.968  2.086   1.00 11.24 ? 121  LEU A CD1   1 
ATOM   862  C  CD2   . LEU A 1 115 ? 8.778   -4.709  3.737   1.00 12.13 ? 121  LEU A CD2   1 
ATOM   863  N  N     . VAL A 1 116 ? 4.003   -3.202  3.812   1.00 9.71  ? 122  VAL A N     1 
ATOM   864  C  CA    . VAL A 1 116 ? 2.988   -3.424  4.830   1.00 8.80  ? 122  VAL A CA    1 
ATOM   865  C  C     . VAL A 1 116 ? 2.856   -4.903  5.114   1.00 9.21  ? 122  VAL A C     1 
ATOM   866  O  O     . VAL A 1 116 ? 2.533   -5.673  4.233   1.00 9.41  ? 122  VAL A O     1 
ATOM   867  C  CB    . VAL A 1 116 ? 1.621   -2.915  4.349   1.00 8.34  ? 122  VAL A CB    1 
ATOM   868  C  CG1   . VAL A 1 116 ? 0.552   -3.165  5.433   1.00 10.21 ? 122  VAL A CG1   1 
ATOM   869  C  CG2   . VAL A 1 116 ? 1.711   -1.442  3.982   1.00 9.24  ? 122  VAL A CG2   1 
ATOM   870  N  N     . GLY A 1 117 ? 3.174   -5.298  6.351   1.00 9.04  ? 123  GLY A N     1 
ATOM   871  C  CA    . GLY A 1 117 ? 2.969   -6.673  6.771   1.00 9.91  ? 123  GLY A CA    1 
ATOM   872  C  C     . GLY A 1 117 ? 1.612   -6.699  7.392   1.00 9.69  ? 123  GLY A C     1 
ATOM   873  O  O     . GLY A 1 117 ? 1.423   -6.214  8.502   1.00 10.42 ? 123  GLY A O     1 
ATOM   874  N  N     . ASN A 1 118 ? 0.646   -7.266  6.680   1.00 9.54  ? 124  ASN A N     1 
ATOM   875  C  CA    . ASN A 1 118 ? -0.693  -7.283  7.219   1.00 9.18  ? 124  ASN A CA    1 
ATOM   876  C  C     . ASN A 1 118 ? -0.993  -8.599  7.950   1.00 9.34  ? 124  ASN A C     1 
ATOM   877  O  O     . ASN A 1 118 ? -0.206  -9.586  7.851   1.00 9.96  ? 124  ASN A O     1 
ATOM   878  C  CB    . ASN A 1 118 ? -1.677  -7.062  6.084   1.00 8.59  ? 124  ASN A CB    1 
ATOM   879  C  CG    . ASN A 1 118 ? -3.092  -6.928  6.555   1.00 7.01  ? 124  ASN A CG    1 
ATOM   880  O  OD1   . ASN A 1 118 ? -3.391  -6.165  7.476   1.00 8.87  ? 124  ASN A OD1   1 
ATOM   881  N  ND2   . ASN A 1 118 ? -4.012  -7.663  5.896   1.00 7.49  ? 124  ASN A ND2   1 
ATOM   882  N  N     . LYS A 1 119 ? -2.122  -8.577  8.682   1.00 9.67  ? 125  LYS A N     1 
ATOM   883  C  CA    . LYS A 1 119 ? -2.584  -9.722  9.493   1.00 9.93  ? 125  LYS A CA    1 
ATOM   884  C  C     . LYS A 1 119 ? -1.730  -9.907  10.723  1.00 11.64 ? 125  LYS A C     1 
ATOM   885  O  O     . LYS A 1 119 ? -1.405  -11.037 11.096  1.00 12.06 ? 125  LYS A O     1 
ATOM   886  C  CB    . LYS A 1 119 ? -2.614  -11.007 8.680   1.00 10.64 ? 125  LYS A CB    1 
ATOM   887  C  CG    . LYS A 1 119 ? -3.350  -10.850 7.364   1.00 10.65 ? 125  LYS A CG    1 
ATOM   888  C  CD    . LYS A 1 119 ? -3.688  -12.223 6.787   1.00 9.70  ? 125  LYS A CD    1 
ATOM   889  C  CE    . LYS A 1 119 ? -4.292  -12.062 5.409   1.00 9.80  ? 125  LYS A CE    1 
ATOM   890  N  NZ    . LYS A 1 119 ? -4.604  -13.409 4.855   1.00 9.56  ? 125  LYS A NZ    1 
ATOM   891  N  N     . SER A 1 120 ? -1.314  -8.787  11.303  1.00 13.10 ? 126  SER A N     1 
ATOM   892  C  CA    . SER A 1 120 ? -0.463  -8.854  12.482  1.00 12.31 ? 126  SER A CA    1 
ATOM   893  C  C     . SER A 1 120 ? -1.174  -9.551  13.618  1.00 13.98 ? 126  SER A C     1 
ATOM   894  O  O     . SER A 1 120 ? -0.522  -9.985  14.600  1.00 14.47 ? 126  SER A O     1 
ATOM   895  C  CB    . SER A 1 120 ? -0.059  -7.435  12.873  1.00 12.05 ? 126  SER A CB    1 
ATOM   896  O  OG    . SER A 1 120 ? -1.153  -6.660  13.226  1.00 12.89 ? 126  SER A OG    1 
ATOM   897  N  N     . ASP A 1 121 ? -2.495  -9.688  13.481  1.00 13.46 ? 127  ASP A N     1 
ATOM   898  C  CA    . ASP A 1 121 ? -3.287  -10.418 14.491  1.00 13.80 ? 127  ASP A CA    1 
ATOM   899  C  C     . ASP A 1 121 ? -2.923  -11.910 14.496  1.00 14.69 ? 127  ASP A C     1 
ATOM   900  O  O     . ASP A 1 121 ? -3.126  -12.602 15.499  1.00 14.75 ? 127  ASP A O     1 
ATOM   901  C  CB    . ASP A 1 121 ? -4.772  -10.206 14.260  1.00 13.89 ? 127  ASP A CB    1 
ATOM   902  C  CG    . ASP A 1 121 ? -5.198  -10.609 12.860  1.00 12.50 ? 127  ASP A CG    1 
ATOM   903  O  OD1   . ASP A 1 121 ? -5.034  -9.812  11.917  1.00 14.12 ? 127  ASP A OD1   1 
ATOM   904  O  OD2   . ASP A 1 121 ? -5.710  -11.724 12.709  1.00 11.46 ? 127  ASP A OD2   1 
ATOM   905  N  N     . LEU A 1 122 ? -2.353  -12.404 13.403  1.00 14.25 ? 128  LEU A N     1 
ATOM   906  C  CA    . LEU A 1 122 ? -2.008  -13.821 13.254  1.00 14.51 ? 128  LEU A CA    1 
ATOM   907  C  C     . LEU A 1 122 ? -0.631  -14.144 13.863  1.00 14.62 ? 128  LEU A C     1 
ATOM   908  O  O     . LEU A 1 122 ? 0.198   -14.788 13.253  1.00 16.13 ? 128  LEU A O     1 
ATOM   909  C  CB    . LEU A 1 122 ? -2.061  -14.228 11.778  1.00 13.40 ? 128  LEU A CB    1 
ATOM   910  C  CG    . LEU A 1 122 ? -3.477  -14.087 11.184  1.00 12.75 ? 128  LEU A CG    1 
ATOM   911  C  CD1   . LEU A 1 122 ? -3.477  -14.567 9.752   1.00 14.86 ? 128  LEU A CD1   1 
ATOM   912  C  CD2   . LEU A 1 122 ? -4.423  -14.912 12.068  1.00 15.28 ? 128  LEU A CD2   1 
ATOM   913  N  N     . ARG A 1 123 ? -0.454  -13.749 15.111  1.00 17.89 ? 129  ARG A N     1 
ATOM   914  C  CA    . ARG A 1 123 ? 0.857   -13.831 15.795  1.00 19.33 ? 129  ARG A CA    1 
ATOM   915  C  C     . ARG A 1 123 ? 1.448   -15.246 15.804  1.00 19.49 ? 129  ARG A C     1 
ATOM   916  O  O     . ARG A 1 123 ? 2.642   -15.403 15.604  1.00 20.32 ? 129  ARG A O     1 
ATOM   917  C  CB    . ARG A 1 123 ? 0.759   -13.240 17.212  1.00 20.97 ? 129  ARG A CB    1 
ATOM   918  C  CG    . ARG A 1 123 ? 0.105   -11.811 17.308  1.00 24.63 ? 129  ARG A CG    1 
ATOM   919  C  CD    . ARG A 1 123 ? 1.068   -10.598 17.488  1.00 29.62 ? 129  ARG A CD    1 
ATOM   920  N  NE    . ARG A 1 123 ? 0.350   -9.306  17.423  1.00 29.92 ? 129  ARG A NE    1 
ATOM   921  C  CZ    . ARG A 1 123 ? 0.882   -8.114  17.124  1.00 33.24 ? 129  ARG A CZ    1 
ATOM   922  N  NH1   . ARG A 1 123 ? 2.184   -7.975  16.887  1.00 34.28 ? 129  ARG A NH1   1 
ATOM   923  N  NH2   . ARG A 1 123 ? 0.106   -7.031  17.065  1.00 34.10 ? 129  ARG A NH2   1 
ATOM   924  N  N     . HIS A 1 124 ? 0.597   -16.253 15.996  1.00 18.81 ? 130  HIS A N     1 
ATOM   925  C  CA    . HIS A 1 124 ? 1.050   -17.621 16.248  1.00 19.05 ? 130  HIS A CA    1 
ATOM   926  C  C     . HIS A 1 124 ? 1.465   -18.244 14.922  1.00 18.81 ? 130  HIS A C     1 
ATOM   927  O  O     . HIS A 1 124 ? 2.139   -19.280 14.885  1.00 19.13 ? 130  HIS A O     1 
ATOM   928  C  CB    . HIS A 1 124 ? -0.061  -18.449 16.909  1.00 20.66 ? 130  HIS A CB    1 
ATOM   929  C  CG    . HIS A 1 124 ? -1.296  -18.571 16.070  1.00 22.49 ? 130  HIS A CG    1 
ATOM   930  N  ND1   . HIS A 1 124 ? -2.107  -17.494 15.785  1.00 24.01 ? 130  HIS A ND1   1 
ATOM   931  C  CD2   . HIS A 1 124 ? -1.846  -19.636 15.438  1.00 21.77 ? 130  HIS A CD2   1 
ATOM   932  C  CE1   . HIS A 1 124 ? -3.106  -17.888 15.014  1.00 24.16 ? 130  HIS A CE1   1 
ATOM   933  N  NE2   . HIS A 1 124 ? -2.969  -19.182 14.786  1.00 24.17 ? 130  HIS A NE2   1 
ATOM   934  N  N     . LEU A 1 125 ? 1.053   -17.616 13.829  1.00 17.23 ? 131  LEU A N     1 
ATOM   935  C  CA    . LEU A 1 125 ? 1.402   -18.132 12.498  1.00 17.84 ? 131  LEU A CA    1 
ATOM   936  C  C     . LEU A 1 125 ? 2.421   -17.244 11.867  1.00 15.95 ? 131  LEU A C     1 
ATOM   937  O  O     . LEU A 1 125 ? 2.782   -17.436 10.687  1.00 16.48 ? 131  LEU A O     1 
ATOM   938  C  CB    . LEU A 1 125 ? 0.181   -18.215 11.587  1.00 17.63 ? 131  LEU A CB    1 
ATOM   939  C  CG    . LEU A 1 125 ? -0.799  -19.307 12.012  1.00 20.11 ? 131  LEU A CG    1 
ATOM   940  C  CD1   . LEU A 1 125 ? -2.010  -19.164 11.121  1.00 19.62 ? 131  LEU A CD1   1 
ATOM   941  C  CD2   . LEU A 1 125 ? -0.165  -20.654 11.834  1.00 21.20 ? 131  LEU A CD2   1 
ATOM   942  N  N     . ARG A 1 126 ? 2.930   -16.292 12.651  1.00 16.73 ? 132  ARG A N     1 
ATOM   943  C  CA    . ARG A 1 126 ? 3.902   -15.347 12.107  1.00 14.86 ? 132  ARG A CA    1 
ATOM   944  C  C     . ARG A 1 126 ? 5.025   -16.100 11.447  1.00 15.15 ? 132  ARG A C     1 
ATOM   945  O  O     . ARG A 1 126 ? 5.695   -16.909 12.095  1.00 15.04 ? 132  ARG A O     1 
ATOM   946  C  CB    . ARG A 1 126 ? 4.464   -14.393 13.157  1.00 14.65 ? 132  ARG A CB    1 
ATOM   947  C  CG    . ARG A 1 126 ? 5.497   -13.464 12.565  1.00 12.98 ? 132  ARG A CG    1 
ATOM   948  C  CD    . ARG A 1 126 ? 6.106   -12.491 13.596  1.00 14.36 ? 132  ARG A CD    1 
ATOM   949  N  NE    . ARG A 1 126 ? 5.174   -11.465 14.030  1.00 14.72 ? 132  ARG A NE    1 
ATOM   950  C  CZ    . ARG A 1 126 ? 4.949   -10.334 13.376  1.00 14.43 ? 132  ARG A CZ    1 
ATOM   951  N  NH1   . ARG A 1 126 ? 5.529   -10.093 12.194  1.00 12.37 ? 132  ARG A NH1   1 
ATOM   952  N  NH2   . ARG A 1 126 ? 4.100   -9.458  13.882  1.00 15.34 ? 132  ARG A NH2   1 
ATOM   953  N  N     . ALA A 1 127 ? 5.168   -15.885 10.155  1.00 13.44 ? 133  ALA A N     1 
ATOM   954  C  CA    . ALA A 1 127 ? 6.215   -16.477 9.384   1.00 13.77 ? 133  ALA A CA    1 
ATOM   955  C  C     . ALA A 1 127 ? 7.237   -15.432 8.958   1.00 12.69 ? 133  ALA A C     1 
ATOM   956  O  O     . ALA A 1 127 ? 8.282   -15.789 8.443   1.00 14.13 ? 133  ALA A O     1 
ATOM   957  C  CB    . ALA A 1 127 ? 5.646   -17.179 8.158   1.00 14.94 ? 133  ALA A CB    1 
ATOM   958  N  N     . VAL A 1 128 ? 6.933   -14.141 9.137   1.00 11.82 ? 134  VAL A N     1 
ATOM   959  C  CA    . VAL A 1 128 ? 7.820   -13.108 8.732   1.00 11.68 ? 134  VAL A CA    1 
ATOM   960  C  C     . VAL A 1 128 ? 8.128   -12.237 9.920   1.00 11.24 ? 134  VAL A C     1 
ATOM   961  O  O     . VAL A 1 128 ? 7.300   -11.481 10.396  1.00 10.39 ? 134  VAL A O     1 
ATOM   962  C  CB    . VAL A 1 128 ? 7.206   -12.233 7.638   1.00 10.02 ? 134  VAL A CB    1 
ATOM   963  C  CG1   . VAL A 1 128 ? 8.231   -11.196 7.237   1.00 11.48 ? 134  VAL A CG1   1 
ATOM   964  C  CG2   . VAL A 1 128 ? 6.749   -13.102 6.446   1.00 13.71 ? 134  VAL A CG2   1 
ATOM   965  N  N     . PRO A 1 129 ? 9.327   -12.406 10.463  1.00 11.27 ? 135  PRO A N     1 
ATOM   966  C  CA    . PRO A 1 129 ? 9.652   -11.564 11.607  1.00 11.64 ? 135  PRO A CA    1 
ATOM   967  C  C     . PRO A 1 129 ? 9.644   -10.102 11.236  1.00 10.46 ? 135  PRO A C     1 
ATOM   968  O  O     . PRO A 1 129 ? 10.125  -9.739  10.174  1.00 11.59 ? 135  PRO A O     1 
ATOM   969  C  CB    . PRO A 1 129 ? 11.090  -11.983 11.925  1.00 12.30 ? 135  PRO A CB    1 
ATOM   970  C  CG    . PRO A 1 129 ? 11.192  -13.374 11.371  1.00 12.06 ? 135  PRO A CG    1 
ATOM   971  C  CD    . PRO A 1 129 ? 10.391  -13.353 10.120  1.00 12.67 ? 135  PRO A CD    1 
ATOM   972  N  N     . THR A 1 130 ? 9.125   -9.299  12.149  1.00 11.12 ? 136  THR A N     1 
ATOM   973  C  CA    . THR A 1 130 ? 9.123   -7.860  11.952  1.00 11.75 ? 136  THR A CA    1 
ATOM   974  C  C     . THR A 1 130 ? 10.515  -7.355  11.598  1.00 12.93 ? 136  THR A C     1 
ATOM   975  O  O     . THR A 1 130 ? 10.670  -6.529  10.707  1.00 12.66 ? 136  THR A O     1 
ATOM   976  C  CB    . THR A 1 130 ? 8.553   -7.145  13.168  1.00 11.44 ? 136  THR A CB    1 
ATOM   977  O  OG1   . THR A 1 130 ? 7.285   -7.716  13.494  1.00 11.96 ? 136  THR A OG1   1 
ATOM   978  C  CG2   . THR A 1 130 ? 8.398   -5.658  12.881  1.00 11.85 ? 136  THR A CG2   1 
ATOM   979  N  N     . ASP A 1 131 ? 11.536  -7.864  12.286  1.00 13.72 ? 137  ASP A N     1 
ATOM   980  C  CA    . ASP A 1 131 ? 12.888  -7.394  12.024  1.00 14.51 ? 137  ASP A CA    1 
ATOM   981  C  C     . ASP A 1 131 ? 13.327  -7.649  10.623  1.00 14.13 ? 137  ASP A C     1 
ATOM   982  O  O     . ASP A 1 131 ? 14.067  -6.851  10.081  1.00 14.99 ? 137  ASP A O     1 
ATOM   983  C  CB    . ASP A 1 131 ? 13.899  -8.091  12.913  1.00 15.49 ? 137  ASP A CB    1 
ATOM   984  C  CG    . ASP A 1 131 ? 13.764  -7.702  14.342  1.00 19.02 ? 137  ASP A CG    1 
ATOM   985  O  OD1   . ASP A 1 131 ? 13.078  -6.704  14.647  1.00 19.60 ? 137  ASP A OD1   1 
ATOM   986  O  OD2   . ASP A 1 131 ? 14.367  -8.433  15.168  1.00 22.87 ? 137  ASP A OD2   1 
ATOM   987  N  N     . GLU A 1 132 ? 12.905  -8.776  10.058  1.00 13.86 ? 138  GLU A N     1 
ATOM   988  C  CA    . GLU A 1 132 ? 13.333  -9.159  8.723   1.00 15.35 ? 138  GLU A CA    1 
ATOM   989  C  C     . GLU A 1 132 ? 12.735  -8.210  7.687   1.00 13.61 ? 138  GLU A C     1 
ATOM   990  O  O     . GLU A 1 132 ? 13.445  -7.676  6.833   1.00 14.02 ? 138  GLU A O     1 
ATOM   991  C  CB    . GLU A 1 132 ? 12.940  -10.605 8.389   1.00 15.32 ? 138  GLU A CB    1 
ATOM   992  C  CG    . GLU A 1 132 ? 13.257  -10.990 6.947   1.00 19.50 ? 138  GLU A CG    1 
ATOM   993  C  CD    . GLU A 1 132 ? 12.791  -12.395 6.523   1.00 20.29 ? 138  GLU A CD    1 
ATOM   994  O  OE1   . GLU A 1 132 ? 11.907  -13.009 7.188   1.00 25.69 ? 138  GLU A OE1   1 
ATOM   995  O  OE2   . GLU A 1 132 ? 13.317  -12.889 5.499   1.00 22.60 ? 138  GLU A OE2   1 
ATOM   996  N  N     . ALA A 1 133 ? 11.426  -8.012  7.787   1.00 12.50 ? 139  ALA A N     1 
ATOM   997  C  CA    . ALA A 1 133 ? 10.761  -7.121  6.855   1.00 11.79 ? 139  ALA A CA    1 
ATOM   998  C  C     . ALA A 1 133 ? 11.221  -5.683  7.008   1.00 11.97 ? 139  ALA A C     1 
ATOM   999  O  O     . ALA A 1 133 ? 11.435  -4.995  6.019   1.00 12.67 ? 139  ALA A O     1 
ATOM   1000 C  CB    . ALA A 1 133 ? 9.242   -7.217  7.033   1.00 12.32 ? 139  ALA A CB    1 
ATOM   1001 N  N     . ARG A 1 134 ? 11.421  -5.256  8.245   1.00 11.22 ? 140  ARG A N     1 
ATOM   1002 C  CA    . ARG A 1 134 ? 11.914  -3.908  8.486   1.00 13.12 ? 140  ARG A CA    1 
ATOM   1003 C  C     . ARG A 1 134 ? 13.281  -3.717  7.832   1.00 13.06 ? 140  ARG A C     1 
ATOM   1004 O  O     . ARG A 1 134 ? 13.556  -2.695  7.201   1.00 13.01 ? 140  ARG A O     1 
ATOM   1005 C  CB    . ARG A 1 134 ? 12.043  -3.668  9.965   1.00 13.03 ? 140  ARG A CB    1 
ATOM   1006 C  CG    . ARG A 1 134 ? 12.587  -2.291  10.250  1.00 15.44 ? 140  ARG A CG    1 
ATOM   1007 C  CD    . ARG A 1 134 ? 12.834  -2.063  11.715  1.00 14.69 ? 140  ARG A CD    1 
ATOM   1008 N  NE    . ARG A 1 134 ? 11.641  -2.295  12.524  1.00 19.64 ? 140  ARG A NE    1 
ATOM   1009 C  CZ    . ARG A 1 134 ? 10.581  -1.489  12.565  1.00 21.80 ? 140  ARG A CZ    1 
ATOM   1010 N  NH1   . ARG A 1 134 ? 10.548  -0.345  11.860  1.00 21.02 ? 140  ARG A NH1   1 
ATOM   1011 N  NH2   . ARG A 1 134 ? 9.551   -1.820  13.329  1.00 25.00 ? 140  ARG A NH2   1 
ATOM   1012 N  N     . ALA A 1 135 ? 14.170  -4.686  8.042   1.00 13.27 ? 141  ALA A N     1 
ATOM   1013 C  CA    . ALA A 1 135 ? 15.507  -4.583  7.466   1.00 14.06 ? 141  ALA A CA    1 
ATOM   1014 C  C     . ALA A 1 135 ? 15.461  -4.442  5.937   1.00 14.39 ? 141  ALA A C     1 
ATOM   1015 O  O     . ALA A 1 135 ? 16.146  -3.602  5.350   1.00 15.11 ? 141  ALA A O     1 
ATOM   1016 C  CB    . ALA A 1 135 ? 16.354  -5.806  7.896   1.00 15.43 ? 141  ALA A CB    1 
ATOM   1017 N  N     . PHE A 1 136 ? 14.623  -5.256  5.306   1.00 13.75 ? 142  PHE A N     1 
ATOM   1018 C  CA    . PHE A 1 136 ? 14.391  -5.169  3.877   1.00 14.12 ? 142  PHE A CA    1 
ATOM   1019 C  C     . PHE A 1 136 ? 13.887  -3.771  3.505   1.00 13.94 ? 142  PHE A C     1 
ATOM   1020 O  O     . PHE A 1 136 ? 14.397  -3.124  2.574   1.00 14.64 ? 142  PHE A O     1 
ATOM   1021 C  CB    . PHE A 1 136 ? 13.371  -6.215  3.463   1.00 15.42 ? 142  PHE A CB    1 
ATOM   1022 C  CG    . PHE A 1 136 ? 13.078  -6.177  2.016   1.00 15.58 ? 142  PHE A CG    1 
ATOM   1023 C  CD1   . PHE A 1 136 ? 14.015  -6.655  1.094   1.00 16.72 ? 142  PHE A CD1   1 
ATOM   1024 C  CD2   . PHE A 1 136 ? 11.912  -5.600  1.536   1.00 15.23 ? 142  PHE A CD2   1 
ATOM   1025 C  CE1   . PHE A 1 136 ? 13.766  -6.585  -0.267  1.00 17.04 ? 142  PHE A CE1   1 
ATOM   1026 C  CE2   . PHE A 1 136 ? 11.662  -5.531  0.179   1.00 17.77 ? 142  PHE A CE2   1 
ATOM   1027 C  CZ    . PHE A 1 136 ? 12.581  -6.025  -0.728  1.00 14.76 ? 142  PHE A CZ    1 
ATOM   1028 N  N     . ALA A 1 137 ? 12.895  -3.291  4.244   1.00 12.47 ? 143  ALA A N     1 
ATOM   1029 C  CA    . ALA A 1 137 ? 12.355  -1.961  3.965   1.00 12.36 ? 143  ALA A CA    1 
ATOM   1030 C  C     . ALA A 1 137 ? 13.469  -0.926  4.048   1.00 13.16 ? 143  ALA A C     1 
ATOM   1031 O  O     . ALA A 1 137 ? 13.615  -0.062  3.172   1.00 12.76 ? 143  ALA A O     1 
ATOM   1032 C  CB    . ALA A 1 137 ? 11.248  -1.610  4.920   1.00 12.22 ? 143  ALA A CB    1 
ATOM   1033 N  N     . GLU A 1 138 ? 14.251  -1.011  5.117   1.00 12.89 ? 144  GLU A N     1 
ATOM   1034 C  CA    . GLU A 1 138 ? 15.247  0.022   5.379   1.00 13.86 ? 144  GLU A CA    1 
ATOM   1035 C  C     . GLU A 1 138 ? 16.253  0.034   4.245   1.00 14.76 ? 144  GLU A C     1 
ATOM   1036 O  O     . GLU A 1 138 ? 16.624  1.107   3.735   1.00 16.08 ? 144  GLU A O     1 
ATOM   1037 C  CB    . GLU A 1 138 ? 15.922  -0.245  6.723   1.00 13.63 ? 144  GLU A CB    1 
ATOM   1038 C  CG    . GLU A 1 138 ? 15.040  0.113   7.871   1.00 13.04 ? 144  GLU A CG    1 
ATOM   1039 C  CD    . GLU A 1 138 ? 15.598  -0.296  9.203   1.00 10.65 ? 144  GLU A CD    1 
ATOM   1040 O  OE1   . GLU A 1 138 ? 16.635  -0.989  9.205   1.00 16.30 ? 144  GLU A OE1   1 
ATOM   1041 O  OE2   . GLU A 1 138 ? 14.995  0.077   10.190  1.00 14.15 ? 144  GLU A OE2   1 
ATOM   1042 N  N     . LYS A 1 139 ? 16.667  -1.155  3.813   1.00 15.59 ? 145  LYS A N     1 
ATOM   1043 C  CA    . LYS A 1 139 ? 17.696  -1.266  2.784   1.00 16.69 ? 145  LYS A CA    1 
ATOM   1044 C  C     . LYS A 1 139 ? 17.202  -0.669  1.469   1.00 17.01 ? 145  LYS A C     1 
ATOM   1045 O  O     . LYS A 1 139 ? 17.960  -0.093  0.698   1.00 18.96 ? 145  LYS A O     1 
ATOM   1046 C  CB    . LYS A 1 139 ? 18.065  -2.689  2.598   1.00 17.30 ? 145  LYS A CB    1 
ATOM   1047 N  N     . ASN A 1 140 ? 15.898  -0.789  1.249   1.00 15.78 ? 146  ASN A N     1 
ATOM   1048 C  CA    . ASN A 1 140 ? 15.270  -0.387  0.021   1.00 15.31 ? 146  ASN A CA    1 
ATOM   1049 C  C     . ASN A 1 140 ? 14.567  0.961   0.068   1.00 14.37 ? 146  ASN A C     1 
ATOM   1050 O  O     . ASN A 1 140 ? 13.843  1.330   -0.853  1.00 13.82 ? 146  ASN A O     1 
ATOM   1051 C  CB    . ASN A 1 140 ? 14.310  -1.484  -0.394  1.00 15.12 ? 146  ASN A CB    1 
ATOM   1052 C  CG    . ASN A 1 140 ? 15.057  -2.708  -0.879  1.00 18.47 ? 146  ASN A CG    1 
ATOM   1053 O  OD1   . ASN A 1 140 ? 15.547  -2.717  -2.011  1.00 21.69 ? 146  ASN A OD1   1 
ATOM   1054 N  ND2   . ASN A 1 140 ? 15.243  -3.698  -0.001  1.00 18.56 ? 146  ASN A ND2   1 
ATOM   1055 N  N     . ASN A 1 141 ? 14.802  1.709   1.133   1.00 13.65 ? 147  ASN A N     1 
ATOM   1056 C  CA    . ASN A 1 141 ? 14.210  3.011   1.290   1.00 14.07 ? 147  ASN A CA    1 
ATOM   1057 C  C     . ASN A 1 141 ? 12.691  2.974   1.213   1.00 14.23 ? 147  ASN A C     1 
ATOM   1058 O  O     . ASN A 1 141 ? 12.056  3.910   0.707   1.00 15.02 ? 147  ASN A O     1 
ATOM   1059 C  CB    . ASN A 1 141 ? 14.760  3.965   0.228   1.00 14.05 ? 147  ASN A CB    1 
ATOM   1060 C  CG    . ASN A 1 141 ? 16.237  4.194   0.400   1.00 17.93 ? 147  ASN A CG    1 
ATOM   1061 O  OD1   . ASN A 1 141 ? 16.693  4.459   1.512   1.00 19.35 ? 147  ASN A OD1   1 
ATOM   1062 N  ND2   . ASN A 1 141 ? 16.993  4.086   -0.682  1.00 17.00 ? 147  ASN A ND2   1 
ATOM   1063 N  N     . LEU A 1 142 ? 12.135  1.882   1.739   1.00 13.49 ? 148  LEU A N     1 
ATOM   1064 C  CA    . LEU A 1 142 ? 10.694  1.748   1.888   1.00 12.94 ? 148  LEU A CA    1 
ATOM   1065 C  C     . LEU A 1 142 ? 10.326  2.105   3.308   1.00 12.63 ? 148  LEU A C     1 
ATOM   1066 O  O     . LEU A 1 142 ? 11.102  1.846   4.238   1.00 13.18 ? 148  LEU A O     1 
ATOM   1067 C  CB    . LEU A 1 142 ? 10.277  0.291   1.646   1.00 12.84 ? 148  LEU A CB    1 
ATOM   1068 C  CG    . LEU A 1 142 ? 10.924  -0.448  0.472   1.00 11.88 ? 148  LEU A CG    1 
ATOM   1069 C  CD1   . LEU A 1 142 ? 10.417  -1.890  0.335   1.00 13.19 ? 148  LEU A CD1   1 
ATOM   1070 C  CD2   . LEU A 1 142 ? 10.728  0.343   -0.832  1.00 13.79 ? 148  LEU A CD2   1 
ATOM   1071 N  N     . SER A 1 143 ? 9.147   2.682   3.512   1.00 12.29 ? 149  SER A N     1 
ATOM   1072 C  CA    . SER A 1 143 ? 8.625   2.762   4.866   1.00 13.01 ? 149  SER A CA    1 
ATOM   1073 C  C     . SER A 1 143 ? 8.083   1.387   5.193   1.00 12.24 ? 149  SER A C     1 
ATOM   1074 O  O     . SER A 1 143 ? 7.921   0.560   4.318   1.00 11.89 ? 149  SER A O     1 
ATOM   1075 C  CB    . SER A 1 143 ? 7.537   3.815   5.035   1.00 15.16 ? 149  SER A CB    1 
ATOM   1076 O  OG    . SER A 1 143 ? 6.777   3.925   3.867   1.00 20.62 ? 149  SER A OG    1 
ATOM   1077 N  N     . PHE A 1 144 ? 7.817   1.160   6.465   1.00 12.03 ? 150  PHE A N     1 
ATOM   1078 C  CA    . PHE A 1 144 ? 7.384   -0.170  6.863   1.00 11.37 ? 150  PHE A CA    1 
ATOM   1079 C  C     . PHE A 1 144 ? 6.447   -0.077  8.019   1.00 10.53 ? 150  PHE A C     1 
ATOM   1080 O  O     . PHE A 1 144 ? 6.651   0.699   8.942   1.00 11.58 ? 150  PHE A O     1 
ATOM   1081 C  CB    . PHE A 1 144 ? 8.601   -0.990  7.276   1.00 12.47 ? 150  PHE A CB    1 
ATOM   1082 C  CG    . PHE A 1 144 ? 8.250   -2.273  7.931   1.00 11.58 ? 150  PHE A CG    1 
ATOM   1083 C  CD1   . PHE A 1 144 ? 7.675   -3.308  7.208   1.00 12.58 ? 150  PHE A CD1   1 
ATOM   1084 C  CD2   . PHE A 1 144 ? 8.471   -2.444  9.288   1.00 14.02 ? 150  PHE A CD2   1 
ATOM   1085 C  CE1   . PHE A 1 144 ? 7.315   -4.463  7.845   1.00 13.59 ? 150  PHE A CE1   1 
ATOM   1086 C  CE2   . PHE A 1 144 ? 8.126   -3.625  9.933   1.00 14.27 ? 150  PHE A CE2   1 
ATOM   1087 C  CZ    . PHE A 1 144 ? 7.548   -4.634  9.207   1.00 14.22 ? 150  PHE A CZ    1 
ATOM   1088 N  N     . ILE A 1 145 ? 5.411   -0.907  7.987   1.00 9.91  ? 151  ILE A N     1 
ATOM   1089 C  CA    . ILE A 1 145 ? 4.472   -0.948  9.079   1.00 9.72  ? 151  ILE A CA    1 
ATOM   1090 C  C     . ILE A 1 145 ? 3.798   -2.300  9.018   1.00 10.28 ? 151  ILE A C     1 
ATOM   1091 O  O     . ILE A 1 145 ? 3.649   -2.854  7.941   1.00 11.01 ? 151  ILE A O     1 
ATOM   1092 C  CB    . ILE A 1 145 ? 3.408   0.171   8.939   1.00 10.23 ? 151  ILE A CB    1 
ATOM   1093 C  CG1   . ILE A 1 145 ? 2.663   0.391   10.260  1.00 11.76 ? 151  ILE A CG1   1 
ATOM   1094 C  CG2   . ILE A 1 145 ? 2.413   -0.130  7.845   1.00 9.96  ? 151  ILE A CG2   1 
ATOM   1095 C  CD1   . ILE A 1 145 ? 1.960   1.733   10.278  1.00 13.10 ? 151  ILE A CD1   1 
ATOM   1096 N  N     . GLU A 1 146 ? 3.389   -2.798  10.174  1.00 10.12 ? 152  GLU A N     1 
ATOM   1097 C  CA    . GLU A 1 146 ? 2.558   -4.010  10.203  1.00 10.00 ? 152  GLU A CA    1 
ATOM   1098 C  C     . GLU A 1 146 ? 1.159   -3.590  10.587  1.00 10.81 ? 152  GLU A C     1 
ATOM   1099 O  O     . GLU A 1 146 ? 0.948   -2.747  11.477  1.00 10.78 ? 152  GLU A O     1 
ATOM   1100 C  CB    . GLU A 1 146 ? 3.090   -5.004  11.219  1.00 11.47 ? 152  GLU A CB    1 
ATOM   1101 C  CG    . GLU A 1 146 ? 4.381   -5.621  10.803  1.00 11.40 ? 152  GLU A CG    1 
ATOM   1102 C  CD    . GLU A 1 146 ? 4.786   -6.781  11.674  1.00 12.45 ? 152  GLU A CD    1 
ATOM   1103 O  OE1   . GLU A 1 146 ? 4.091   -6.994  12.699  1.00 14.72 ? 152  GLU A OE1   1 
ATOM   1104 O  OE2   . GLU A 1 146 ? 5.793   -7.447  11.306  1.00 13.94 ? 152  GLU A OE2   1 
ATOM   1105 N  N     . THR A 1 147 ? 0.173   -4.173  9.908   1.00 10.08 ? 153  THR A N     1 
ATOM   1106 C  CA    . THR A 1 147 ? -1.197  -3.803  10.118  1.00 10.61 ? 153  THR A CA    1 
ATOM   1107 C  C     . THR A 1 147 ? -2.000  -5.044  10.411  1.00 9.51  ? 153  THR A C     1 
ATOM   1108 O  O     . THR A 1 147 ? -1.587  -6.149  10.116  1.00 9.92  ? 153  THR A O     1 
ATOM   1109 C  CB    . THR A 1 147 ? -1.797  -3.210  8.831   1.00 11.61 ? 153  THR A CB    1 
ATOM   1110 O  OG1   . THR A 1 147 ? -1.604  -4.136  7.762   1.00 9.85  ? 153  THR A OG1   1 
ATOM   1111 C  CG2   . THR A 1 147 ? -1.107  -1.906  8.443   1.00 10.40 ? 153  THR A CG2   1 
ATOM   1112 N  N     . SER A 1 148 ? -3.168  -4.809  10.975  1.00 9.70  ? 154  SER A N     1 
ATOM   1113 C  CA    . SER A 1 148 ? -4.240  -5.797  10.950  1.00 10.62 ? 154  SER A CA    1 
ATOM   1114 C  C     . SER A 1 148 ? -5.462  -5.113  10.413  1.00 10.83 ? 154  SER A C     1 
ATOM   1115 O  O     . SER A 1 148 ? -6.086  -4.288  11.108  1.00 11.31 ? 154  SER A O     1 
ATOM   1116 C  CB    . SER A 1 148 ? -4.545  -6.317  12.349  1.00 10.02 ? 154  SER A CB    1 
ATOM   1117 O  OG    . SER A 1 148 ? -5.626  -7.226  12.285  1.00 12.42 ? 154  SER A OG    1 
ATOM   1118 N  N     . ALA A 1 149 ? -5.835  -5.422  9.165   1.00 10.08 ? 155  ALA A N     1 
ATOM   1119 C  CA    . ALA A 1 149 ? -7.095  -4.906  8.670   1.00 11.38 ? 155  ALA A CA    1 
ATOM   1120 C  C     . ALA A 1 149 ? -8.245  -5.448  9.526   1.00 12.06 ? 155  ALA A C     1 
ATOM   1121 O  O     . ALA A 1 149 ? -9.238  -4.753  9.759   1.00 12.21 ? 155  ALA A O     1 
ATOM   1122 C  CB    . ALA A 1 149 ? -7.297  -5.265  7.214   1.00 11.33 ? 155  ALA A CB    1 
ATOM   1123 N  N     . LEU A 1 150 ? -8.073  -6.673  10.040  1.00 11.25 ? 156  LEU A N     1 
ATOM   1124 C  CA    . LEU A 1 150 ? -9.143  -7.289  10.863  1.00 11.77 ? 156  LEU A CA    1 
ATOM   1125 C  C     . LEU A 1 150 ? -9.411  -6.472  12.118  1.00 12.93 ? 156  LEU A C     1 
ATOM   1126 O  O     . LEU A 1 150 ? -10.565 -6.143  12.399  1.00 13.11 ? 156  LEU A O     1 
ATOM   1127 C  CB    . LEU A 1 150 ? -8.807  -8.728  11.206  1.00 11.30 ? 156  LEU A CB    1 
ATOM   1128 C  CG    . LEU A 1 150 ? -9.734  -9.520  12.139  1.00 11.29 ? 156  LEU A CG    1 
ATOM   1129 C  CD1   . LEU A 1 150 ? -11.118 -9.638  11.500  1.00 15.65 ? 156  LEU A CD1   1 
ATOM   1130 C  CD2   . LEU A 1 150 ? -9.146  -10.829 12.412  1.00 12.29 ? 156  LEU A CD2   1 
ATOM   1131 N  N     . ASP A 1 151 ? -8.338  -6.146  12.833  1.00 13.34 ? 157  ASP A N     1 
ATOM   1132 C  CA    . ASP A 1 151 ? -8.446  -5.458  14.128  1.00 13.84 ? 157  ASP A CA    1 
ATOM   1133 C  C     . ASP A 1 151 ? -8.228  -3.956  14.023  1.00 15.39 ? 157  ASP A C     1 
ATOM   1134 O  O     . ASP A 1 151 ? -8.164  -3.266  15.040  1.00 15.39 ? 157  ASP A O     1 
ATOM   1135 C  CB    . ASP A 1 151 ? -7.448  -6.054  15.115  1.00 13.61 ? 157  ASP A CB    1 
ATOM   1136 C  CG    . ASP A 1 151 ? -7.845  -7.463  15.579  1.00 11.30 ? 157  ASP A CG    1 
ATOM   1137 O  OD1   . ASP A 1 151 ? -9.058  -7.748  15.528  1.00 12.30 ? 157  ASP A OD1   1 
ATOM   1138 O  OD2   . ASP A 1 151 ? -6.935  -8.210  15.989  1.00 13.41 ? 157  ASP A OD2   1 
ATOM   1139 N  N     . SER A 1 152 ? -8.076  -3.484  12.788  1.00 15.99 ? 158  SER A N     1 
ATOM   1140 C  CA    . SER A 1 152 ? -7.809  -2.079  12.455  1.00 18.27 ? 158  SER A CA    1 
ATOM   1141 C  C     . SER A 1 152 ? -6.380  -1.616  12.741  1.00 20.38 ? 158  SER A C     1 
ATOM   1142 O  O     . SER A 1 152 ? -5.983  -0.476  12.405  1.00 20.46 ? 158  SER A O     1 
ATOM   1143 C  CB    . SER A 1 152 ? -8.831  -1.168  13.114  1.00 19.36 ? 158  SER A CB    1 
ATOM   1144 O  OG    . SER A 1 152 ? -10.136 -1.547  12.708  1.00 21.98 ? 158  SER A OG    1 
ATOM   1145 N  N     . THR A 1 153 ? -5.587  -2.505  13.305  1.00 19.34 ? 159  THR A N     1 
ATOM   1146 C  CA    . THR A 1 153 ? -4.323  -2.098  13.905  1.00 17.32 ? 159  THR A CA    1 
ATOM   1147 C  C     . THR A 1 153 ? -3.502  -1.415  12.809  1.00 15.69 ? 159  THR A C     1 
ATOM   1148 O  O     . THR A 1 153 ? -3.242  -2.052  11.798  1.00 15.02 ? 159  THR A O     1 
ATOM   1149 C  CB    . THR A 1 153 ? -3.566  -3.320  14.417  1.00 16.84 ? 159  THR A CB    1 
ATOM   1150 O  OG1   . THR A 1 153 ? -4.477  -4.237  15.100  1.00 22.24 ? 159  THR A OG1   1 
ATOM   1151 C  CG2   . THR A 1 153 ? -2.489  -2.877  15.404  1.00 18.44 ? 159  THR A CG2   1 
ATOM   1152 N  N     . ASN A 1 154 ? -3.151  -0.140  13.000  1.00 14.79 ? 160  ASN A N     1 
ATOM   1153 C  CA    . ASN A 1 154 ? -2.181  0.548   12.129  1.00 14.03 ? 160  ASN A CA    1 
ATOM   1154 C  C     . ASN A 1 154 ? -2.646  0.832   10.716  1.00 13.28 ? 160  ASN A C     1 
ATOM   1155 O  O     . ASN A 1 154 ? -1.850  1.240   9.868   1.00 12.51 ? 160  ASN A O     1 
ATOM   1156 C  CB    . ASN A 1 154 ? -0.855  -0.227  12.057  1.00 14.09 ? 160  ASN A CB    1 
ATOM   1157 C  CG    . ASN A 1 154 ? 0.051   0.049   13.245  1.00 16.38 ? 160  ASN A CG    1 
ATOM   1158 O  OD1   . ASN A 1 154 ? -0.191  0.986   14.014  1.00 21.86 ? 160  ASN A OD1   1 
ATOM   1159 N  ND2   . ASN A 1 154 ? 1.093   -0.751  13.401  1.00 16.03 ? 160  ASN A ND2   1 
ATOM   1160 N  N     . VAL A 1 155 ? -3.919  0.631   10.434  1.00 12.12 ? 161  VAL A N     1 
ATOM   1161 C  CA    . VAL A 1 155 ? -4.398  0.893   9.097   1.00 13.01 ? 161  VAL A CA    1 
ATOM   1162 C  C     . VAL A 1 155 ? -4.433  2.373   8.827   1.00 13.62 ? 161  VAL A C     1 
ATOM   1163 O  O     . VAL A 1 155 ? -3.899  2.850   7.821   1.00 13.66 ? 161  VAL A O     1 
ATOM   1164 C  CB    . VAL A 1 155 ? -5.762  0.255   8.833   1.00 13.63 ? 161  VAL A CB    1 
ATOM   1165 C  CG1   . VAL A 1 155 ? -6.270  0.608   7.425   1.00 13.03 ? 161  VAL A CG1   1 
ATOM   1166 C  CG2   . VAL A 1 155 ? -5.692  -1.272  9.044   1.00 14.68 ? 161  VAL A CG2   1 
ATOM   1167 N  N     . GLU A 1 156 ? -5.099  3.109   9.710   1.00 14.33 ? 162  GLU A N     1 
ATOM   1168 C  CA    . GLU A 1 156 ? -5.154  4.551   9.565   1.00 15.31 ? 162  GLU A CA    1 
ATOM   1169 C  C     . GLU A 1 156 ? -3.741  5.078   9.414   1.00 14.25 ? 162  GLU A C     1 
ATOM   1170 O  O     . GLU A 1 156 ? -3.459  5.914   8.559   1.00 14.97 ? 162  GLU A O     1 
ATOM   1171 C  CB    . GLU A 1 156 ? -5.771  5.174   10.815  1.00 16.31 ? 162  GLU A CB    1 
ATOM   1172 C  CG    . GLU A 1 156 ? -7.279  5.124   10.833  1.00 19.59 ? 162  GLU A CG    1 
ATOM   1173 C  CD    . GLU A 1 156 ? -7.903  5.926   9.713   1.00 23.48 ? 162  GLU A CD    1 
ATOM   1174 O  OE1   . GLU A 1 156 ? -8.601  5.329   8.878   1.00 25.87 ? 162  GLU A OE1   1 
ATOM   1175 O  OE2   . GLU A 1 156 ? -7.698  7.163   9.670   1.00 24.08 ? 162  GLU A OE2   1 
ATOM   1176 N  N     . GLU A 1 157 ? -2.856  4.616   10.292  1.00 13.31 ? 163  GLU A N     1 
ATOM   1177 C  CA    . GLU A 1 157 ? -1.470  5.037   10.283  1.00 13.40 ? 163  GLU A CA    1 
ATOM   1178 C  C     . GLU A 1 157 ? -0.756  4.736   8.978   1.00 12.97 ? 163  GLU A C     1 
ATOM   1179 O  O     . GLU A 1 157 ? 0.010   5.561   8.470   1.00 13.27 ? 163  GLU A O     1 
ATOM   1180 C  CB    . GLU A 1 157 ? -0.724  4.365   11.420  1.00 14.32 ? 163  GLU A CB    1 
ATOM   1181 C  CG    . GLU A 1 157 ? -1.062  4.921   12.791  1.00 19.36 ? 163  GLU A CG    1 
ATOM   1182 C  CD    . GLU A 1 157 ? -2.397  4.424   13.377  1.00 23.52 ? 163  GLU A CD    1 
ATOM   1183 O  OE1   . GLU A 1 157 ? -3.138  3.623   12.753  1.00 22.61 ? 163  GLU A OE1   1 
ATOM   1184 O  OE2   . GLU A 1 157 ? -2.714  4.852   14.509  1.00 27.23 ? 163  GLU A OE2   1 
ATOM   1185 N  N     . ALA A 1 158 ? -0.984  3.548   8.429   1.00 11.85 ? 164  ALA A N     1 
ATOM   1186 C  CA    . ALA A 1 158 ? -0.249  3.160   7.226   1.00 10.77 ? 164  ALA A CA    1 
ATOM   1187 C  C     . ALA A 1 158 ? -0.581  4.143   6.108   1.00 11.91 ? 164  ALA A C     1 
ATOM   1188 O  O     . ALA A 1 158 ? 0.309   4.668   5.450   1.00 12.91 ? 164  ALA A O     1 
ATOM   1189 C  CB    . ALA A 1 158 ? -0.597  1.723   6.794   1.00 11.43 ? 164  ALA A CB    1 
ATOM   1190 N  N     . PHE A 1 159 ? -1.872  4.423   5.929   1.00 11.66 ? 165  PHE A N     1 
ATOM   1191 C  CA    . PHE A 1 159 ? -2.236  5.311   4.826   1.00 12.00 ? 165  PHE A CA    1 
ATOM   1192 C  C     . PHE A 1 159 ? -1.915  6.758   5.137   1.00 12.35 ? 165  PHE A C     1 
ATOM   1193 O  O     . PHE A 1 159 ? -1.444  7.474   4.252   1.00 12.90 ? 165  PHE A O     1 
ATOM   1194 C  CB    . PHE A 1 159 ? -3.708  5.197   4.511   1.00 11.16 ? 165  PHE A CB    1 
ATOM   1195 C  CG    . PHE A 1 159 ? -4.083  3.934   3.800   1.00 10.43 ? 165  PHE A CG    1 
ATOM   1196 C  CD1   . PHE A 1 159 ? -4.495  2.821   4.512   1.00 12.02 ? 165  PHE A CD1   1 
ATOM   1197 C  CD2   . PHE A 1 159 ? -4.065  3.899   2.397   1.00 12.05 ? 165  PHE A CD2   1 
ATOM   1198 C  CE1   . PHE A 1 159 ? -4.873  1.658   3.858   1.00 11.99 ? 165  PHE A CE1   1 
ATOM   1199 C  CE2   . PHE A 1 159 ? -4.433  2.745   1.733   1.00 13.04 ? 165  PHE A CE2   1 
ATOM   1200 C  CZ    . PHE A 1 159 ? -4.836  1.636   2.455   1.00 12.05 ? 165  PHE A CZ    1 
ATOM   1201 N  N     . LYS A 1 160 ? -2.184  7.214   6.360   1.00 11.89 ? 166  LYS A N     1 
ATOM   1202 C  CA    . LYS A 1 160 ? -1.801  8.590   6.680   1.00 12.31 ? 166  LYS A CA    1 
ATOM   1203 C  C     . LYS A 1 160 ? -0.293  8.748   6.524   1.00 12.79 ? 166  LYS A C     1 
ATOM   1204 O  O     . LYS A 1 160 ? 0.183   9.755   5.994   1.00 13.29 ? 166  LYS A O     1 
ATOM   1205 C  CB    . LYS A 1 160 ? -2.277  9.001   8.050   1.00 12.98 ? 166  LYS A CB    1 
ATOM   1206 C  CG    . LYS A 1 160 ? -3.780  9.221   7.998   1.00 16.94 ? 166  LYS A CG    1 
ATOM   1207 C  CD    . LYS A 1 160 ? -4.336  9.859   9.230   1.00 22.34 ? 166  LYS A CD    1 
ATOM   1208 C  CE    . LYS A 1 160 ? -5.763  10.270  8.953   1.00 24.97 ? 166  LYS A CE    1 
ATOM   1209 N  NZ    . LYS A 1 160 ? -6.433  10.690  10.202  1.00 29.12 ? 166  LYS A NZ    1 
ATOM   1210 N  N     . ASN A 1 161 ? 0.469   7.722   6.906   1.00 12.52 ? 167  ASN A N     1 
ATOM   1211 C  CA    . ASN A 1 161 ? 1.915   7.855   6.793   1.00 12.99 ? 167  ASN A CA    1 
ATOM   1212 C  C     . ASN A 1 161 ? 2.364   7.957   5.342   1.00 13.63 ? 167  ASN A C     1 
ATOM   1213 O  O     . ASN A 1 161 ? 3.182   8.801   4.995   1.00 13.54 ? 167  ASN A O     1 
ATOM   1214 C  CB    . ASN A 1 161 ? 2.648   6.703   7.476   1.00 13.96 ? 167  ASN A CB    1 
ATOM   1215 C  CG    . ASN A 1 161 ? 2.528   6.744   8.997   1.00 15.21 ? 167  ASN A CG    1 
ATOM   1216 O  OD1   . ASN A 1 161 ? 2.097   7.741   9.594   1.00 19.24 ? 167  ASN A OD1   1 
ATOM   1217 N  ND2   . ASN A 1 161 ? 2.906   5.645   9.633   1.00 16.69 ? 167  ASN A ND2   1 
ATOM   1218 N  N     . ILE A 1 162 ? 1.826   7.103   4.468   1.00 11.99 ? 168  ILE A N     1 
ATOM   1219 C  CA    . ILE A 1 162 ? 2.324   7.148   3.094   1.00 12.48 ? 168  ILE A CA    1 
ATOM   1220 C  C     . ILE A 1 162 ? 1.844   8.453   2.430   1.00 11.95 ? 168  ILE A C     1 
ATOM   1221 O  O     . ILE A 1 162 ? 2.584   9.064   1.675   1.00 12.18 ? 168  ILE A O     1 
ATOM   1222 C  CB    . ILE A 1 162 ? 1.949   5.895   2.281   1.00 11.81 ? 168  ILE A CB    1 
ATOM   1223 C  CG1   . ILE A 1 162 ? 2.916   5.755   1.098   1.00 12.08 ? 168  ILE A CG1   1 
ATOM   1224 C  CG2   . ILE A 1 162 ? 0.450   5.915   1.870   1.00 13.57 ? 168  ILE A CG2   1 
ATOM   1225 C  CD1   . ILE A 1 162 ? 2.571   4.601   0.182   1.00 11.56 ? 168  ILE A CD1   1 
ATOM   1226 N  N     . LEU A 1 163 ? 0.617   8.875   2.719   1.00 11.67 ? 169  LEU A N     1 
ATOM   1227 C  CA    . LEU A 1 163 ? 0.145   10.130  2.142   1.00 11.42 ? 169  LEU A CA    1 
ATOM   1228 C  C     . LEU A 1 163 ? 0.960   11.303  2.631   1.00 11.74 ? 169  LEU A C     1 
ATOM   1229 O  O     . LEU A 1 163 ? 1.229   12.229  1.879   1.00 12.05 ? 169  LEU A O     1 
ATOM   1230 C  CB    . LEU A 1 163 ? -1.314  10.352  2.468   1.00 11.02 ? 169  LEU A CB    1 
ATOM   1231 C  CG    . LEU A 1 163 ? -2.167  9.263   1.818   1.00 10.50 ? 169  LEU A CG    1 
ATOM   1232 C  CD1   . LEU A 1 163 ? -3.546  9.319   2.458   1.00 12.17 ? 169  LEU A CD1   1 
ATOM   1233 C  CD2   . LEU A 1 163 ? -2.218  9.505   0.289   1.00 10.73 ? 169  LEU A CD2   1 
ATOM   1234 N  N     . THR A 1 164 ? 1.357   11.263  3.900   1.00 11.48 ? 170  THR A N     1 
ATOM   1235 C  CA    . THR A 1 164 ? 2.170   12.343  4.444   1.00 12.04 ? 170  THR A CA    1 
ATOM   1236 C  C     . THR A 1 164 ? 3.538   12.315  3.794   1.00 12.55 ? 170  THR A C     1 
ATOM   1237 O  O     . THR A 1 164 ? 4.096   13.371  3.471   1.00 12.85 ? 170  THR A O     1 
ATOM   1238 C  CB    . THR A 1 164 ? 2.303   12.163  5.955   1.00 12.29 ? 170  THR A CB    1 
ATOM   1239 O  OG1   . THR A 1 164 ? 1.007   12.304  6.546   1.00 12.45 ? 170  THR A OG1   1 
ATOM   1240 C  CG2   . THR A 1 164 ? 3.245   13.227  6.539   1.00 13.47 ? 170  THR A CG2   1 
ATOM   1241 N  N     . GLU A 1 165 ? 4.088   11.121  3.606   1.00 11.99 ? 171  GLU A N     1 
ATOM   1242 C  CA    . GLU A 1 165 ? 5.384   10.997  2.949   1.00 13.01 ? 171  GLU A CA    1 
ATOM   1243 C  C     . GLU A 1 165 ? 5.308   11.578  1.555   1.00 12.94 ? 171  GLU A C     1 
ATOM   1244 O  O     . GLU A 1 165 ? 6.176   12.349  1.153   1.00 13.43 ? 171  GLU A O     1 
ATOM   1245 C  CB    . GLU A 1 165 ? 5.846   9.554   2.849   1.00 13.22 ? 171  GLU A CB    1 
ATOM   1246 C  CG    . GLU A 1 165 ? 7.329   9.451   2.586   1.00 16.30 ? 171  GLU A CG    1 
ATOM   1247 C  CD    . GLU A 1 165 ? 8.114   9.355   3.883   1.00 19.61 ? 171  GLU A CD    1 
ATOM   1248 O  OE1   . GLU A 1 165 ? 8.353   10.392  4.521   1.00 20.27 ? 171  GLU A OE1   1 
ATOM   1249 O  OE2   . GLU A 1 165 ? 8.484   8.226   4.275   1.00 25.45 ? 171  GLU A OE2   1 
ATOM   1250 N  N     . ILE A 1 166 ? 4.267   11.214  0.809   1.00 12.66 ? 172  ILE A N     1 
ATOM   1251 C  CA    . ILE A 1 166 ? 4.177   11.671  -0.579  1.00 11.85 ? 172  ILE A CA    1 
ATOM   1252 C  C     . ILE A 1 166 ? 4.040   13.200  -0.585  1.00 10.66 ? 172  ILE A C     1 
ATOM   1253 O  O     . ILE A 1 166 ? 4.697   13.878  -1.379  1.00 12.46 ? 172  ILE A O     1 
ATOM   1254 C  CB    . ILE A 1 166 ? 2.967   11.055  -1.295  1.00 11.75 ? 172  ILE A CB    1 
ATOM   1255 C  CG1   . ILE A 1 166 ? 3.106   9.542   -1.423  1.00 12.95 ? 172  ILE A CG1   1 
ATOM   1256 C  CG2   . ILE A 1 166 ? 2.771   11.660  -2.680  1.00 11.13 ? 172  ILE A CG2   1 
ATOM   1257 C  CD1   . ILE A 1 166 ? 1.742   8.831   -1.569  1.00 13.51 ? 172  ILE A CD1   1 
ATOM   1258 N  N     . TYR A 1 167 ? 3.181   13.718  0.291   1.00 10.93 ? 173  TYR A N     1 
ATOM   1259 C  CA    . TYR A 1 167 ? 2.977   15.150  0.392   1.00 11.36 ? 173  TYR A CA    1 
ATOM   1260 C  C     . TYR A 1 167 ? 4.296   15.840  0.702   1.00 11.64 ? 173  TYR A C     1 
ATOM   1261 O  O     . TYR A 1 167 ? 4.683   16.787  0.030   1.00 13.49 ? 173  TYR A O     1 
ATOM   1262 C  CB    . TYR A 1 167 ? 1.923   15.503  1.437   1.00 11.50 ? 173  TYR A CB    1 
ATOM   1263 C  CG    . TYR A 1 167 ? 2.067   16.915  1.923   1.00 12.10 ? 173  TYR A CG    1 
ATOM   1264 C  CD1   . TYR A 1 167 ? 1.717   17.981  1.116   1.00 12.51 ? 173  TYR A CD1   1 
ATOM   1265 C  CD2   . TYR A 1 167 ? 2.600   17.178  3.188   1.00 13.33 ? 173  TYR A CD2   1 
ATOM   1266 C  CE1   . TYR A 1 167 ? 1.865   19.276  1.560   1.00 15.37 ? 173  TYR A CE1   1 
ATOM   1267 C  CE2   . TYR A 1 167 ? 2.766   18.484  3.637   1.00 12.52 ? 173  TYR A CE2   1 
ATOM   1268 C  CZ    . TYR A 1 167 ? 2.404   19.519  2.808   1.00 14.79 ? 173  TYR A CZ    1 
ATOM   1269 O  OH    . TYR A 1 167 ? 2.544   20.824  3.206   1.00 16.92 ? 173  TYR A OH    1 
ATOM   1270 N  N     . ARG A 1 168 ? 4.999   15.351  1.722   1.00 11.65 ? 174  ARG A N     1 
ATOM   1271 C  CA    . ARG A 1 168 ? 6.214   16.032  2.129   1.00 13.21 ? 174  ARG A CA    1 
ATOM   1272 C  C     . ARG A 1 168 ? 7.233   16.051  0.994   1.00 13.30 ? 174  ARG A C     1 
ATOM   1273 O  O     . ARG A 1 168 ? 7.943   17.043  0.813   1.00 14.49 ? 174  ARG A O     1 
ATOM   1274 C  CB    . ARG A 1 168 ? 6.776   15.405  3.402   1.00 12.73 ? 174  ARG A CB    1 
ATOM   1275 C  CG    . ARG A 1 168 ? 5.835   15.574  4.504   1.00 16.64 ? 174  ARG A CG    1 
ATOM   1276 C  CD    . ARG A 1 168 ? 6.235   16.555  5.514   1.00 25.56 ? 174  ARG A CD    1 
ATOM   1277 N  NE    . ARG A 1 168 ? 6.378   15.867  6.802   1.00 30.02 ? 174  ARG A NE    1 
ATOM   1278 C  CZ    . ARG A 1 168 ? 7.475   15.904  7.554   1.00 32.39 ? 174  ARG A CZ    1 
ATOM   1279 N  NH1   . ARG A 1 168 ? 8.544   16.589  7.160   1.00 34.03 ? 174  ARG A NH1   1 
ATOM   1280 N  NH2   . ARG A 1 168 ? 7.492   15.247  8.707   1.00 34.28 ? 174  ARG A NH2   1 
ATOM   1281 N  N     . ILE A 1 169 ? 7.276   14.999  0.204   1.00 13.37 ? 175  ILE A N     1 
ATOM   1282 C  CA    . ILE A 1 169 ? 8.221   14.916  -0.889  1.00 13.96 ? 175  ILE A CA    1 
ATOM   1283 C  C     . ILE A 1 169 ? 7.824   15.849  -2.008  1.00 15.01 ? 175  ILE A C     1 
ATOM   1284 O  O     . ILE A 1 169 ? 8.641   16.649  -2.473  1.00 14.38 ? 175  ILE A O     1 
ATOM   1285 C  CB    . ILE A 1 169 ? 8.298   13.503  -1.428  1.00 14.82 ? 175  ILE A CB    1 
ATOM   1286 C  CG1   . ILE A 1 169 ? 8.950   12.618  -0.367  1.00 13.88 ? 175  ILE A CG1   1 
ATOM   1287 C  CG2   . ILE A 1 169 ? 9.163   13.438  -2.696  1.00 16.15 ? 175  ILE A CG2   1 
ATOM   1288 C  CD1   . ILE A 1 169 ? 8.873   11.134  -0.708  1.00 15.40 ? 175  ILE A CD1   1 
ATOM   1289 N  N     . VAL A 1 170 ? 6.584   15.711  -2.452  1.00 13.64 ? 176  VAL A N     1 
ATOM   1290 C  CA    . VAL A 1 170 ? 6.174   16.392  -3.666  1.00 15.42 ? 176  VAL A CA    1 
ATOM   1291 C  C     . VAL A 1 170 ? 6.042   17.863  -3.414  1.00 15.33 ? 176  VAL A C     1 
ATOM   1292 O  O     . VAL A 1 170 ? 6.377   18.654  -4.294  1.00 16.80 ? 176  VAL A O     1 
ATOM   1293 C  CB    . VAL A 1 170 ? 4.873   15.818  -4.270  1.00 16.27 ? 176  VAL A CB    1 
ATOM   1294 C  CG1   . VAL A 1 170 ? 5.007   14.302  -4.573  1.00 16.52 ? 176  VAL A CG1   1 
ATOM   1295 C  CG2   . VAL A 1 170 ? 3.707   16.075  -3.403  1.00 18.56 ? 176  VAL A CG2   1 
ATOM   1296 N  N     . SER A 1 171 ? 5.585   18.248  -2.227  1.00 15.54 ? 177  SER A N     1 
ATOM   1297 C  CA    . SER A 1 171 ? 5.305   19.675  -1.967  1.00 16.87 ? 177  SER A CA    1 
ATOM   1298 C  C     . SER A 1 171 ? 6.563   20.529  -1.940  1.00 17.85 ? 177  SER A C     1 
ATOM   1299 O  O     . SER A 1 171 ? 6.483   21.760  -2.054  1.00 18.63 ? 177  SER A O     1 
ATOM   1300 C  CB    . SER A 1 171 ? 4.481   19.867  -0.700  1.00 17.14 ? 177  SER A CB    1 
ATOM   1301 O  OG    . SER A 1 171 ? 5.229   19.466  0.443   1.00 16.06 ? 177  SER A OG    1 
ATOM   1302 N  N     . GLN A 1 172 ? 7.715   19.885  -1.786  1.00 18.77 ? 178  GLN A N     1 
ATOM   1303 C  CA    . GLN A 1 172 ? 8.976   20.627  -1.703  1.00 19.92 ? 178  GLN A CA    1 
ATOM   1304 C  C     . GLN A 1 172 ? 9.585   20.870  -3.059  1.00 20.32 ? 178  GLN A C     1 
ATOM   1305 O  O     . GLN A 1 172 ? 10.559  21.618  -3.171  1.00 21.39 ? 178  GLN A O     1 
ATOM   1306 C  CB    . GLN A 1 172 ? 10.017  19.811  -0.969  1.00 21.32 ? 178  GLN A CB    1 
ATOM   1307 C  CG    . GLN A 1 172 ? 9.868   19.748  0.498   1.00 23.04 ? 178  GLN A CG    1 
ATOM   1308 C  CD    . GLN A 1 172 ? 10.931  18.862  1.079   1.00 25.97 ? 178  GLN A CD    1 
ATOM   1309 O  OE1   . GLN A 1 172 ? 12.113  19.193  1.015   1.00 24.67 ? 178  GLN A OE1   1 
ATOM   1310 N  NE2   . GLN A 1 172 ? 10.520  17.715  1.624   1.00 22.12 ? 178  GLN A NE2   1 
ATOM   1311 N  N     . LYS A 1 173 ? 9.069   20.176  -4.064  1.00 19.00 ? 179  LYS A N     1 
ATOM   1312 C  CA    . LYS A 1 173 ? 9.712   20.132  -5.364  1.00 19.22 ? 179  LYS A CA    1 
ATOM   1313 C  C     . LYS A 1 173 ? 9.025   21.115  -6.266  1.00 19.46 ? 179  LYS A C     1 
ATOM   1314 O  O     . LYS A 1 173 ? 7.808   21.075  -6.391  1.00 18.98 ? 179  LYS A O     1 
ATOM   1315 C  CB    . LYS A 1 173 ? 9.561   18.756  -5.979  1.00 18.91 ? 179  LYS A CB    1 
ATOM   1316 C  CG    . LYS A 1 173 ? 10.381  17.696  -5.285  1.00 20.44 ? 179  LYS A CG    1 
ATOM   1317 C  CD    . LYS A 1 173 ? 10.130  16.358  -5.912  1.00 20.84 ? 179  LYS A CD    1 
ATOM   1318 C  CE    . LYS A 1 173 ? 11.054  15.314  -5.303  1.00 21.02 ? 179  LYS A CE    1 
ATOM   1319 N  NZ    . LYS A 1 173 ? 10.935  14.032  -6.073  1.00 19.41 ? 179  LYS A NZ    1 
ATOM   1320 N  N     . GLN A 1 174 ? 9.782   22.014  -6.880  1.00 19.71 ? 180  GLN A N     1 
ATOM   1321 C  CA    . GLN A 1 174 ? 9.147   22.827  -7.894  1.00 20.18 ? 180  GLN A CA    1 
ATOM   1322 C  C     . GLN A 1 174 ? 8.860   21.986  -9.124  1.00 20.08 ? 180  GLN A C     1 
ATOM   1323 O  O     . GLN A 1 174 ? 9.386   20.876  -9.277  1.00 20.05 ? 180  GLN A O     1 
ATOM   1324 C  CB    . GLN A 1 174 ? 9.978   24.062  -8.224  1.00 20.61 ? 180  GLN A CB    1 
ATOM   1325 C  CG    . GLN A 1 174 ? 11.303  23.791  -8.782  1.00 23.31 ? 180  GLN A CG    1 
ATOM   1326 C  CD    . GLN A 1 174 ? 12.040  25.088  -8.998  1.00 26.86 ? 180  GLN A CD    1 
ATOM   1327 O  OE1   . GLN A 1 174 ? 11.446  26.063  -9.446  1.00 26.81 ? 180  GLN A OE1   1 
ATOM   1328 N  NE2   . GLN A 1 174 ? 13.332  25.111  -8.684  1.00 27.02 ? 180  GLN A NE2   1 
ATOM   1329 N  N     . ILE A 1 175 ? 8.019   22.519  -10.003 1.00 19.96 ? 181  ILE A N     1 
ATOM   1330 C  CA    . ILE A 1 175 ? 7.687   21.882  -11.262 1.00 21.09 ? 181  ILE A CA    1 
ATOM   1331 C  C     . ILE A 1 175 ? 8.966   21.546  -12.026 1.00 23.11 ? 181  ILE A C     1 
ATOM   1332 O  O     . ILE A 1 175 ? 9.905   22.336  -12.048 1.00 23.64 ? 181  ILE A O     1 
ATOM   1333 C  CB    . ILE A 1 175 ? 6.855   22.829  -12.138 1.00 21.24 ? 181  ILE A CB    1 
ATOM   1334 C  CG1   . ILE A 1 175 ? 5.533   23.140  -11.439 1.00 18.84 ? 181  ILE A CG1   1 
ATOM   1335 C  CG2   . ILE A 1 175 ? 6.563   22.214  -13.500 1.00 20.58 ? 181  ILE A CG2   1 
ATOM   1336 C  CD1   . ILE A 1 175 ? 4.855   24.400  -11.965 1.00 19.73 ? 181  ILE A CD1   1 
ATOM   1337 N  N     . ALA A 1 176 ? 8.991   20.356  -12.618 1.00 25.20 ? 182  ALA A N     1 
ATOM   1338 C  CA    . ALA A 1 176 ? 10.117  19.917  -13.430 1.00 27.31 ? 182  ALA A CA    1 
ATOM   1339 C  C     . ALA A 1 176 ? 9.586   19.138  -14.627 1.00 28.34 ? 182  ALA A C     1 
ATOM   1340 O  O     . ALA A 1 176 ? 10.290  18.989  -15.629 1.00 30.71 ? 182  ALA A O     1 
ATOM   1341 C  CB    . ALA A 1 176 ? 11.084  19.070  -12.597 1.00 27.84 ? 182  ALA A CB    1 
HETATM 1342 MG MG    . MG  B 2 .   ? -8.269  -7.982  -3.259  1.00 11.07 ? 1175 MG  A MG    1 
HETATM 1343 P  PB    . GDP C 3 .   ? -6.336  -9.363  -1.084  1.00 9.07  ? 1174 GDP A PB    1 
HETATM 1344 O  O1B   . GDP C 3 .   ? -6.529  -10.640 -1.860  1.00 10.13 ? 1174 GDP A O1B   1 
HETATM 1345 O  O2B   . GDP C 3 .   ? -4.895  -9.003  -0.861  1.00 9.02  ? 1174 GDP A O2B   1 
HETATM 1346 O  O3B   . GDP C 3 .   ? -7.187  -8.200  -1.576  1.00 8.83  ? 1174 GDP A O3B   1 
HETATM 1347 O  O3A   . GDP C 3 .   ? -6.862  -9.711  0.385   1.00 7.41  ? 1174 GDP A O3A   1 
HETATM 1348 P  PA    . GDP C 3 .   ? -8.308  -9.540  1.014   1.00 10.32 ? 1174 GDP A PA    1 
HETATM 1349 O  O1A   . GDP C 3 .   ? -8.503  -8.180  1.593   1.00 10.14 ? 1174 GDP A O1A   1 
HETATM 1350 O  O2A   . GDP C 3 .   ? -9.337  -9.992  0.027   1.00 10.18 ? 1174 GDP A O2A   1 
HETATM 1351 O  "O5'" . GDP C 3 .   ? -8.244  -10.599 2.232   1.00 10.08 ? 1174 GDP A "O5'" 1 
HETATM 1352 C  "C5'" . GDP C 3 .   ? -7.855  -11.934 1.946   1.00 11.27 ? 1174 GDP A "C5'" 1 
HETATM 1353 C  "C4'" . GDP C 3 .   ? -8.327  -12.773 3.117   1.00 10.96 ? 1174 GDP A "C4'" 1 
HETATM 1354 O  "O4'" . GDP C 3 .   ? -7.518  -12.382 4.241   1.00 11.05 ? 1174 GDP A "O4'" 1 
HETATM 1355 C  "C3'" . GDP C 3 .   ? -9.774  -12.500 3.491   1.00 10.99 ? 1174 GDP A "C3'" 1 
HETATM 1356 O  "O3'" . GDP C 3 .   ? -10.334 -13.725 3.968   1.00 13.23 ? 1174 GDP A "O3'" 1 
HETATM 1357 C  "C2'" . GDP C 3 .   ? -9.728  -11.530 4.654   1.00 10.12 ? 1174 GDP A "C2'" 1 
HETATM 1358 O  "O2'" . GDP C 3 .   ? -10.829 -11.628 5.581   1.00 14.91 ? 1174 GDP A "O2'" 1 
HETATM 1359 C  "C1'" . GDP C 3 .   ? -8.398  -11.929 5.269   1.00 11.48 ? 1174 GDP A "C1'" 1 
HETATM 1360 N  N9    . GDP C 3 .   ? -7.738  -10.784 5.929   1.00 11.25 ? 1174 GDP A N9    1 
HETATM 1361 C  C8    . GDP C 3 .   ? -7.474  -9.578  5.386   1.00 10.98 ? 1174 GDP A C8    1 
HETATM 1362 N  N7    . GDP C 3 .   ? -6.828  -8.778  6.289   1.00 9.19  ? 1174 GDP A N7    1 
HETATM 1363 C  C5    . GDP C 3 .   ? -6.701  -9.511  7.398   1.00 11.74 ? 1174 GDP A C5    1 
HETATM 1364 C  C6    . GDP C 3 .   ? -6.124  -9.310  8.701   1.00 11.94 ? 1174 GDP A C6    1 
HETATM 1365 O  O6    . GDP C 3 .   ? -5.598  -8.213  8.999   1.00 12.18 ? 1174 GDP A O6    1 
HETATM 1366 N  N1    . GDP C 3 .   ? -6.152  -10.350 9.543   1.00 11.51 ? 1174 GDP A N1    1 
HETATM 1367 C  C2    . GDP C 3 .   ? -6.733  -11.557 9.302   1.00 11.11 ? 1174 GDP A C2    1 
HETATM 1368 N  N2    . GDP C 3 .   ? -6.694  -12.505 10.242  1.00 11.02 ? 1174 GDP A N2    1 
HETATM 1369 N  N3    . GDP C 3 .   ? -7.301  -11.824 8.102   1.00 10.77 ? 1174 GDP A N3    1 
HETATM 1370 C  C4    . GDP C 3 .   ? -7.287  -10.843 7.159   1.00 12.13 ? 1174 GDP A C4    1 
HETATM 1371 O  O     . HOH D 4 .   ? 8.728   -10.595 14.757  1.00 15.99 ? 1176 HOH A O     1 
HETATM 1372 O  O     . HOH D 4 .   ? 2.835   -9.991  -1.224  1.00 13.14 ? 1177 HOH A O     1 
HETATM 1373 O  O     . HOH D 4 .   ? 6.602   -8.954  9.252   1.00 14.28 ? 1178 HOH A O     1 
HETATM 1374 O  O     . HOH D 4 .   ? -0.358  -4.225  13.443  1.00 22.54 ? 1179 HOH A O     1 
HETATM 1375 O  O     . HOH D 4 .   ? -11.896 -2.775  -0.978  1.00 17.13 ? 1180 HOH A O     1 
HETATM 1376 O  O     . HOH D 4 .   ? -10.970 16.485  -1.318  1.00 16.09 ? 1181 HOH A O     1 
HETATM 1377 O  O     . HOH D 4 .   ? -1.427  11.142  -8.086  1.00 16.70 ? 1182 HOH A O     1 
HETATM 1378 O  O     . HOH D 4 .   ? 11.261  -9.471  14.576  1.00 16.18 ? 1183 HOH A O     1 
HETATM 1379 O  O     . HOH D 4 .   ? 5.529   21.945  -7.395  1.00 17.65 ? 1184 HOH A O     1 
HETATM 1380 O  O     . HOH D 4 .   ? -1.127  -15.759 -1.621  1.00 13.60 ? 1185 HOH A O     1 
HETATM 1381 O  O     . HOH D 4 .   ? -6.773  -13.410 14.462  1.00 13.42 ? 1186 HOH A O     1 
HETATM 1382 O  O     . HOH D 4 .   ? -1.799  -14.460 2.389   1.00 14.22 ? 1187 HOH A O     1 
HETATM 1383 O  O     . HOH D 4 .   ? -2.499  -16.498 6.132   1.00 14.76 ? 1188 HOH A O     1 
HETATM 1384 O  O     . HOH D 4 .   ? -0.813  -13.743 -5.791  1.00 18.15 ? 1189 HOH A O     1 
HETATM 1385 O  O     . HOH D 4 .   ? -8.333  -12.567 -1.705  1.00 19.42 ? 1190 HOH A O     1 
HETATM 1386 O  O     . HOH D 4 .   ? -1.099  -16.599 1.023   1.00 14.58 ? 1191 HOH A O     1 
HETATM 1387 O  O     . HOH D 4 .   ? 6.324   -17.361 14.594  1.00 16.16 ? 1192 HOH A O     1 
HETATM 1388 O  O     . HOH D 4 .   ? 12.604  0.925   10.141  1.00 15.21 ? 1193 HOH A O     1 
HETATM 1389 O  O     . HOH D 4 .   ? 4.413   -1.781  12.672  1.00 21.40 ? 1194 HOH A O     1 
HETATM 1390 O  O     . HOH D 4 .   ? 4.729   20.256  -5.589  1.00 21.70 ? 1195 HOH A O     1 
HETATM 1391 O  O     . HOH D 4 .   ? 15.599  -8.713  5.420   1.00 22.93 ? 1196 HOH A O     1 
HETATM 1392 O  O     . HOH D 4 .   ? 15.432  3.480   4.744   1.00 20.42 ? 1197 HOH A O     1 
HETATM 1393 O  O     . HOH D 4 .   ? -13.784 -0.982  -0.027  1.00 23.32 ? 1198 HOH A O     1 
HETATM 1394 O  O     . HOH D 4 .   ? -13.593 -1.623  -11.500 1.00 19.69 ? 1199 HOH A O     1 
HETATM 1395 O  O     . HOH D 4 .   ? 1.242   -18.065 0.502   1.00 20.36 ? 1200 HOH A O     1 
HETATM 1396 O  O     . HOH D 4 .   ? 18.950  3.875   2.921   1.00 17.32 ? 1201 HOH A O     1 
HETATM 1397 O  O     . HOH D 4 .   ? 3.062   21.662  -4.077  1.00 22.41 ? 1202 HOH A O     1 
HETATM 1398 O  O     . HOH D 4 .   ? 12.853  2.798   5.929   1.00 15.71 ? 1203 HOH A O     1 
HETATM 1399 O  O     . HOH D 4 .   ? 9.132   2.912   8.255   1.00 17.64 ? 1204 HOH A O     1 
HETATM 1400 O  O     . HOH D 4 .   ? -9.340  15.276  7.697   1.00 21.25 ? 1205 HOH A O     1 
HETATM 1401 O  O     . HOH D 4 .   ? -6.536  1.797   12.048  1.00 19.10 ? 1206 HOH A O     1 
HETATM 1402 O  O     . HOH D 4 .   ? -4.285  -4.825  -14.249 1.00 19.49 ? 1207 HOH A O     1 
HETATM 1403 O  O     . HOH D 4 .   ? -4.486  -13.224 17.479  1.00 14.96 ? 1208 HOH A O     1 
HETATM 1404 O  O     . HOH D 4 .   ? -7.585  -12.461 -5.280  1.00 22.94 ? 1209 HOH A O     1 
HETATM 1405 O  O     . HOH D 4 .   ? -11.543 -3.590  -3.514  1.00 17.88 ? 1210 HOH A O     1 
HETATM 1406 O  O     . HOH D 4 .   ? -14.664 -3.243  -9.681  1.00 19.78 ? 1211 HOH A O     1 
HETATM 1407 O  O     . HOH D 4 .   ? 8.178   13.606  -6.297  1.00 25.49 ? 1212 HOH A O     1 
HETATM 1408 O  O     . HOH D 4 .   ? 15.361  -5.138  11.479  1.00 23.87 ? 1213 HOH A O     1 
HETATM 1409 O  O     . HOH D 4 .   ? -7.081  13.994  8.144   1.00 22.71 ? 1214 HOH A O     1 
HETATM 1410 O  O     . HOH D 4 .   ? 16.988  -3.220  10.714  1.00 27.93 ? 1215 HOH A O     1 
HETATM 1411 O  O     . HOH D 4 .   ? 19.794  4.197   -0.487  1.00 18.52 ? 1216 HOH A O     1 
HETATM 1412 O  O     . HOH D 4 .   ? -15.558 -0.101  -7.892  1.00 23.16 ? 1217 HOH A O     1 
HETATM 1413 O  O     . HOH D 4 .   ? 1.331   -16.074 -2.279  1.00 22.83 ? 1218 HOH A O     1 
HETATM 1414 O  O     . HOH D 4 .   ? -13.162 15.907  -2.778  1.00 18.79 ? 1219 HOH A O     1 
HETATM 1415 O  O     . HOH D 4 .   ? -6.364  17.729  -9.816  1.00 20.99 ? 1220 HOH A O     1 
HETATM 1416 O  O     . HOH D 4 .   ? 11.587  -4.747  13.842  1.00 23.49 ? 1221 HOH A O     1 
HETATM 1417 O  O     . HOH D 4 .   ? 19.503  1.476   2.231   1.00 30.20 ? 1222 HOH A O     1 
HETATM 1418 O  O     . HOH D 4 .   ? 11.307  1.241   7.835   1.00 19.15 ? 1223 HOH A O     1 
HETATM 1419 O  O     . HOH D 4 .   ? 3.065   5.065   12.410  1.00 22.16 ? 1224 HOH A O     1 
HETATM 1420 O  O     . HOH D 4 .   ? 8.545   7.780   6.931   1.00 27.52 ? 1225 HOH A O     1 
HETATM 1421 O  O     . HOH D 4 .   ? -13.811 1.661   -0.551  1.00 22.81 ? 1226 HOH A O     1 
HETATM 1422 O  O     . HOH D 4 .   ? -4.461  -7.482  16.468  1.00 26.22 ? 1227 HOH A O     1 
HETATM 1423 O  O     . HOH D 4 .   ? 5.819   10.032  -4.593  1.00 23.43 ? 1228 HOH A O     1 
HETATM 1424 O  O     . HOH D 4 .   ? -2.521  -6.501  15.387  1.00 25.20 ? 1229 HOH A O     1 
HETATM 1425 O  O     . HOH D 4 .   ? 8.094   18.658  3.086   1.00 25.97 ? 1230 HOH A O     1 
HETATM 1426 O  O     . HOH D 4 .   ? 1.187   23.072  -0.544  1.00 26.21 ? 1231 HOH A O     1 
HETATM 1427 O  O     . HOH D 4 .   ? 0.216   -20.895 7.883   1.00 33.60 ? 1232 HOH A O     1 
HETATM 1428 O  O     . HOH D 4 .   ? 5.301   -15.844 16.529  1.00 32.46 ? 1233 HOH A O     1 
HETATM 1429 O  O     . HOH D 4 .   ? 3.499   -13.104 -6.767  1.00 38.72 ? 1234 HOH A O     1 
HETATM 1430 O  O     . HOH D 4 .   ? -9.465  17.396  9.273   1.00 26.71 ? 1235 HOH A O     1 
HETATM 1431 O  O     . HOH D 4 .   ? 13.463  20.946  -0.119  1.00 23.45 ? 1236 HOH A O     1 
HETATM 1432 O  O     . HOH D 4 .   ? -4.585  2.216   -11.352 1.00 28.78 ? 1237 HOH A O     1 
HETATM 1433 O  O     . HOH D 4 .   ? 9.832   -3.444  15.570  1.00 28.45 ? 1238 HOH A O     1 
HETATM 1434 O  O     . HOH D 4 .   ? -0.082  10.893  -10.418 1.00 25.80 ? 1239 HOH A O     1 
HETATM 1435 O  O     . HOH D 4 .   ? -10.931 -12.023 -0.180  1.00 23.63 ? 1240 HOH A O     1 
HETATM 1436 O  O     . HOH D 4 .   ? -11.819 -8.300  0.672   1.00 28.53 ? 1241 HOH A O     1 
HETATM 1437 O  O     . HOH D 4 .   ? 1.839   -19.230 8.717   1.00 28.03 ? 1242 HOH A O     1 
HETATM 1438 O  O     . HOH D 4 .   ? 12.331  14.734  -8.256  1.00 25.55 ? 1243 HOH A O     1 
HETATM 1439 O  O     . HOH D 4 .   ? -3.388  13.821  -9.308  1.00 24.94 ? 1244 HOH A O     1 
HETATM 1440 O  O     . HOH D 4 .   ? -12.879 -5.694  1.832   1.00 26.55 ? 1245 HOH A O     1 
HETATM 1441 O  O     . HOH D 4 .   ? -15.264 -3.711  -4.216  1.00 32.24 ? 1246 HOH A O     1 
HETATM 1442 O  O     . HOH D 4 .   ? -12.143 -6.332  -3.800  1.00 27.40 ? 1247 HOH A O     1 
HETATM 1443 O  O     . HOH D 4 .   ? -3.516  13.217  8.549   1.00 27.61 ? 1248 HOH A O     1 
HETATM 1444 O  O     . HOH D 4 .   ? -10.277 15.662  -8.897  1.00 28.92 ? 1249 HOH A O     1 
HETATM 1445 O  O     . HOH D 4 .   ? -12.380 -8.163  -2.223  1.00 28.30 ? 1250 HOH A O     1 
HETATM 1446 O  O     . HOH D 4 .   ? -3.463  19.680  9.067   1.00 32.07 ? 1251 HOH A O     1 
HETATM 1447 O  O     . HOH D 4 .   ? 14.182  -10.404 3.897   1.00 31.09 ? 1252 HOH A O     1 
HETATM 1448 O  O     . HOH D 4 .   ? -10.192 17.493  4.441   1.00 31.09 ? 1253 HOH A O     1 
HETATM 1449 O  O     . HOH D 4 .   ? -2.430  -15.626 17.663  1.00 20.90 ? 1254 HOH A O     1 
HETATM 1450 O  O     . HOH D 4 .   ? 2.337   11.985  -11.182 1.00 39.38 ? 1255 HOH A O     1 
HETATM 1451 O  O     . HOH D 4 .   ? -10.630 10.912  -7.464  1.00 27.28 ? 1256 HOH A O     1 
HETATM 1452 O  O     . HOH D 4 .   ? -0.945  -1.716  -19.391 1.00 30.03 ? 1257 HOH A O     1 
HETATM 1453 O  O     . HOH D 4 .   ? 1.624   3.367   13.884  1.00 30.36 ? 1258 HOH A O     1 
HETATM 1454 O  O     . HOH D 4 .   ? -6.331  2.080   -13.376 1.00 37.96 ? 1259 HOH A O     1 
HETATM 1455 O  O     . HOH D 4 .   ? 4.195   15.895  8.724   1.00 32.98 ? 1260 HOH A O     1 
HETATM 1456 O  O     . HOH D 4 .   ? 6.132   11.786  -6.542  1.00 30.86 ? 1261 HOH A O     1 
HETATM 1457 O  O     . HOH D 4 .   ? 6.992   -8.675  15.978  1.00 35.72 ? 1262 HOH A O     1 
HETATM 1458 O  O     . HOH D 4 .   ? -13.141 7.209   2.153   1.00 26.27 ? 1263 HOH A O     1 
HETATM 1459 O  O     . HOH D 4 .   ? 4.866   23.850  -0.445  1.00 42.88 ? 1264 HOH A O     1 
HETATM 1460 O  O     . HOH D 4 .   ? 0.683   13.353  8.746   1.00 35.69 ? 1265 HOH A O     1 
HETATM 1461 O  O     . HOH D 4 .   ? 4.624   -16.257 18.948  1.00 32.45 ? 1266 HOH A O     1 
HETATM 1462 O  O     . HOH D 4 .   ? 3.541   -20.748 -5.207  1.00 34.74 ? 1267 HOH A O     1 
HETATM 1463 O  O     . HOH D 4 .   ? 16.978  -6.039  -0.810  1.00 34.27 ? 1268 HOH A O     1 
HETATM 1464 O  O     . HOH D 4 .   ? -14.815 20.315  -4.244  1.00 38.58 ? 1269 HOH A O     1 
HETATM 1465 O  O     . HOH D 4 .   ? -3.355  1.252   15.416  1.00 34.22 ? 1270 HOH A O     1 
HETATM 1466 O  O     . HOH D 4 .   ? -6.039  23.089  2.669   1.00 32.81 ? 1271 HOH A O     1 
HETATM 1467 O  O     . HOH D 4 .   ? 15.155  4.020   -3.017  1.00 30.55 ? 1272 HOH A O     1 
HETATM 1468 O  O     . HOH D 4 .   ? -13.946 -4.668  -0.386  1.00 29.62 ? 1273 HOH A O     1 
HETATM 1469 O  O     . HOH D 4 .   ? 4.281   -9.862  17.010  1.00 30.72 ? 1274 HOH A O     1 
HETATM 1470 O  O     . HOH D 4 .   ? 0.186   -16.233 -6.379  1.00 42.03 ? 1275 HOH A O     1 
HETATM 1471 O  O     . HOH D 4 .   ? 5.875   3.104   9.567   1.00 29.39 ? 1276 HOH A O     1 
HETATM 1472 O  O     . HOH D 4 .   ? 17.189  -7.146  4.025   1.00 34.96 ? 1277 HOH A O     1 
HETATM 1473 O  O     . HOH D 4 .   ? 19.013  -1.569  7.511   1.00 31.94 ? 1278 HOH A O     1 
HETATM 1474 O  O     . HOH D 4 .   ? 4.509   -17.458 -5.478  1.00 39.59 ? 1279 HOH A O     1 
HETATM 1475 O  O     . HOH D 4 .   ? -4.006  4.047   -15.197 1.00 36.43 ? 1280 HOH A O     1 
HETATM 1476 O  O     . HOH D 4 .   ? 7.091   18.514  -11.749 1.00 33.14 ? 1281 HOH A O     1 
HETATM 1477 O  O     . HOH D 4 .   ? -9.793  -10.731 -5.700  1.00 48.89 ? 1282 HOH A O     1 
HETATM 1478 O  O     . HOH D 4 .   ? -11.450 0.683   12.456  1.00 38.02 ? 1283 HOH A O     1 
HETATM 1479 O  O     . HOH D 4 .   ? 0.026   16.908  9.448   1.00 34.31 ? 1284 HOH A O     1 
HETATM 1480 O  O     . HOH D 4 .   ? -10.463 -12.484 8.714   1.00 35.65 ? 1285 HOH A O     1 
HETATM 1481 O  O     . HOH D 4 .   ? 9.021   -6.066  17.030  1.00 35.14 ? 1286 HOH A O     1 
HETATM 1482 O  O     . HOH D 4 .   ? 13.986  21.908  -9.525  1.00 37.44 ? 1287 HOH A O     1 
HETATM 1483 O  O     . HOH D 4 .   ? 10.013  24.622  -13.587 1.00 40.21 ? 1288 HOH A O     1 
HETATM 1484 O  O     . HOH D 4 .   ? -3.382  16.763  10.196  1.00 38.36 ? 1289 HOH A O     1 
HETATM 1485 O  O     . HOH D 4 .   ? -15.709 -2.438  0.003   1.00 33.28 ? 1290 HOH A O     1 
HETATM 1486 O  O     . HOH D 4 .   ? 2.173   -16.955 19.174  1.00 32.17 ? 1291 HOH A O     1 
HETATM 1487 O  O     . HOH D 4 .   ? 9.510   -21.088 0.061   1.00 38.06 ? 1292 HOH A O     1 
HETATM 1488 O  O     . HOH D 4 .   ? -14.252 11.485  -4.327  1.00 30.06 ? 1293 HOH A O     1 
HETATM 1489 O  O     . HOH D 4 .   ? 12.901  -15.560 8.949   1.00 40.04 ? 1294 HOH A O     1 
HETATM 1490 O  O     . HOH D 4 .   ? 13.146  -11.439 14.744  1.00 29.78 ? 1295 HOH A O     1 
HETATM 1491 O  O     . HOH D 4 .   ? -9.683  -9.247  -2.505  1.00 10.53 ? 1296 HOH A O     1 
HETATM 1492 O  O     . HOH D 4 .   ? -9.505  -7.602  -4.847  1.00 9.90  ? 1297 HOH A O     1 
HETATM 1493 O  O     . HOH D 4 .   ? -6.812  -6.706  -4.170  1.00 8.84  ? 1298 HOH A O     1 
HETATM 1494 O  O     . HOH D 4 .   ? -7.282  -9.552  -4.199  1.00 10.34 ? 1299 HOH A O     1 
HETATM 1495 O  O     . HOH D 4 .   ? -2.065  24.725  -0.934  1.00 41.56 ? 1300 HOH A O     1 
HETATM 1496 O  O     . HOH D 4 .   ? -9.094  1.454   10.745  1.00 43.29 ? 1301 HOH A O     1 
HETATM 1497 O  O     . HOH D 4 .   ? 6.476   20.785  2.277   1.00 36.30 ? 1302 HOH A O     1 
HETATM 1498 O  O     . HOH D 4 .   ? -18.312 2.917   8.027   1.00 33.07 ? 1303 HOH A O     1 
HETATM 1499 O  O     . HOH D 4 .   ? 8.564   22.321  1.426   1.00 38.51 ? 1304 HOH A O     1 
HETATM 1500 O  O     . HOH D 4 .   ? -6.216  20.893  8.500   1.00 37.37 ? 1305 HOH A O     1 
HETATM 1501 O  O     . HOH D 4 .   ? -5.543  -3.320  17.537  1.00 35.03 ? 1306 HOH A O     1 
HETATM 1502 O  O     . HOH D 4 .   ? 4.741   -12.738 16.668  1.00 40.50 ? 1307 HOH A O     1 
HETATM 1503 O  O     . HOH D 4 .   ? 12.324  -12.959 -2.083  1.00 33.17 ? 1308 HOH A O     1 
HETATM 1504 O  O     . HOH D 4 .   ? 8.136   18.438  -9.247  1.00 32.19 ? 1309 HOH A O     1 
HETATM 1505 O  O     . HOH D 4 .   ? -7.896  11.034  -10.916 1.00 42.34 ? 1310 HOH A O     1 
HETATM 1506 O  O     . HOH D 4 .   ? 2.754   8.271   12.192  1.00 45.86 ? 1311 HOH A O     1 
HETATM 1507 O  O     . HOH D 4 .   ? 2.987   -5.772  14.821  1.00 29.92 ? 1312 HOH A O     1 
HETATM 1508 O  O     . HOH D 4 .   ? -11.122 -13.664 11.393  1.00 39.32 ? 1313 HOH A O     1 
HETATM 1509 O  O     . HOH D 4 .   ? 6.504   17.988  -7.080  1.00 39.67 ? 1314 HOH A O     1 
HETATM 1510 O  O     . HOH D 4 .   ? 3.451   0.033   14.771  1.00 34.19 ? 1315 HOH A O     1 
HETATM 1511 O  O     . HOH D 4 .   ? 11.286  -10.083 -0.370  1.00 29.28 ? 1316 HOH A O     1 
HETATM 1512 O  O     . HOH D 4 .   ? 9.864   4.639   -1.024  1.00 29.90 ? 1317 HOH A O     1 
HETATM 1513 O  O     . HOH D 4 .   ? 13.556  -10.446 -0.329  1.00 31.61 ? 1318 HOH A O     1 
HETATM 1514 O  O     . HOH D 4 .   ? -11.345 13.911  -7.287  1.00 36.53 ? 1319 HOH A O     1 
HETATM 1515 O  O     . HOH D 4 .   ? 8.712   5.167   1.206   1.00 36.15 ? 1320 HOH A O     1 
HETATM 1516 O  O     . HOH D 4 .   ? -16.499 -3.880  9.279   1.00 35.14 ? 1321 HOH A O     1 
HETATM 1517 O  O     . HOH D 4 .   ? -17.190 -3.979  -8.908  1.00 39.45 ? 1322 HOH A O     1 
HETATM 1518 O  O     . HOH D 4 .   ? -10.669 9.728   -11.380 1.00 45.08 ? 1323 HOH A O     1 
HETATM 1519 O  O     . HOH D 4 .   ? -13.007 -9.665  -11.747 1.00 40.47 ? 1324 HOH A O     1 
HETATM 1520 O  O     . HOH D 4 .   ? -12.945 17.901  -5.081  1.00 41.26 ? 1325 HOH A O     1 
HETATM 1521 O  O     . HOH D 4 .   ? -11.698 -13.416 -11.854 1.00 46.40 ? 1326 HOH A O     1 
HETATM 1522 O  O     . HOH D 4 .   ? 0.811   -4.494  15.930  1.00 37.22 ? 1327 HOH A O     1 
HETATM 1523 O  O     . HOH D 4 .   ? -10.445 3.226   9.280   1.00 31.31 ? 1328 HOH A O     1 
HETATM 1524 O  O     . HOH D 4 .   ? 0.132   -16.012 -15.079 1.00 38.75 ? 1329 HOH A O     1 
HETATM 1525 O  O     . HOH D 4 .   ? 1.993   -1.908  16.732  1.00 37.29 ? 1330 HOH A O     1 
HETATM 1526 O  O     . HOH D 4 .   ? 3.868   6.179   -13.805 1.00 42.70 ? 1331 HOH A O     1 
HETATM 1527 O  O     . HOH D 4 .   ? 6.169   6.410   4.278   1.00 39.64 ? 1332 HOH A O     1 
HETATM 1528 O  O     . HOH D 4 .   ? 2.325   10.551  -14.006 1.00 41.54 ? 1333 HOH A O     1 
HETATM 1529 O  O     . HOH D 4 .   ? -5.391  6.631   -12.648 1.00 39.53 ? 1334 HOH A O     1 
HETATM 1530 O  O     . HOH D 4 .   ? -12.894 -14.925 6.323   1.00 42.32 ? 1335 HOH A O     1 
HETATM 1531 O  O     . HOH D 4 .   ? -15.827 -2.860  12.931  1.00 44.84 ? 1336 HOH A O     1 
HETATM 1532 O  O     . HOH D 4 .   ? -16.351 -5.501  -3.041  1.00 42.07 ? 1337 HOH A O     1 
HETATM 1533 O  O     . HOH D 4 .   ? -13.473 -1.124  14.376  1.00 43.44 ? 1338 HOH A O     1 
HETATM 1534 O  O     . HOH D 4 .   ? 18.786  -2.723  -2.613  1.00 40.32 ? 1339 HOH A O     1 
HETATM 1535 O  O     . HOH D 4 .   ? 11.887  -1.791  -11.331 1.00 41.14 ? 1340 HOH A O     1 
HETATM 1536 O  O     . HOH D 4 .   ? 6.781   9.905   -8.820  1.00 35.82 ? 1341 HOH A O     1 
HETATM 1537 O  O     . HOH D 4 .   ? 2.827   -10.857 -10.868 1.00 38.93 ? 1342 HOH A O     1 
HETATM 1538 O  O     . HOH D 4 .   ? 10.619  3.727   -6.058  1.00 42.68 ? 1343 HOH A O     1 
HETATM 1539 O  O     . HOH D 4 .   ? 11.546  17.392  -9.361  1.00 47.02 ? 1344 HOH A O     1 
HETATM 1540 O  O     . HOH D 4 .   ? 3.801   9.426   -12.120 1.00 49.59 ? 1345 HOH A O     1 
HETATM 1541 O  O     . HOH D 4 .   ? 12.124  3.484   -2.366  1.00 34.18 ? 1346 HOH A O     1 
HETATM 1542 O  O     . HOH D 4 .   ? 1.603   -8.728  -12.543 1.00 37.03 ? 1347 HOH A O     1 
HETATM 1543 O  O     . HOH D 4 .   ? -17.044 -1.141  1.748   1.00 50.52 ? 1348 HOH A O     1 
HETATM 1544 O  O     . HOH D 4 .   ? 4.416   -7.081  -15.595 1.00 40.20 ? 1349 HOH A O     1 
HETATM 1545 O  O     . HOH D 4 .   ? 0.890   -4.277  -19.065 1.00 37.71 ? 1350 HOH A O     1 
HETATM 1546 O  O     . HOH D 4 .   ? 3.635   5.855   -18.623 1.00 42.03 ? 1351 HOH A O     1 
HETATM 1547 O  O     . HOH D 4 .   ? 5.322   19.089  6.803   1.00 44.81 ? 1352 HOH A O     1 
HETATM 1548 O  O     . HOH D 4 .   ? -8.476  2.727   8.629   1.00 38.35 ? 1353 HOH A O     1 
HETATM 1549 O  O     . HOH D 4 .   ? -10.407 -6.082  16.666  1.00 38.54 ? 1354 HOH A O     1 
HETATM 1550 O  O     . HOH D 4 .   ? 1.506   -9.905  20.366  1.00 46.39 ? 1355 HOH A O     1 
HETATM 1551 O  O     . HOH D 4 .   ? -18.500 -1.930  -1.204  1.00 41.99 ? 1356 HOH A O     1 
HETATM 1552 O  O     . HOH D 4 .   ? 8.444   8.252   -10.543 1.00 70.46 ? 1357 HOH A O     1 
HETATM 1553 O  O     . HOH D 4 .   ? 18.968  -9.620  -9.229  1.00 60.69 ? 1358 HOH A O     1 
HETATM 1554 O  O     . HOH D 4 .   ? -11.329 0.081   16.782  1.00 46.01 ? 1359 HOH A O     1 
HETATM 1555 O  O     . HOH D 4 .   ? -0.808  3.190   -19.097 1.00 40.86 ? 1360 HOH A O     1 
# 
loop_
_pdbx_poly_seq_scheme.asym_id 
_pdbx_poly_seq_scheme.entity_id 
_pdbx_poly_seq_scheme.seq_id 
_pdbx_poly_seq_scheme.mon_id 
_pdbx_poly_seq_scheme.ndb_seq_num 
_pdbx_poly_seq_scheme.pdb_seq_num 
_pdbx_poly_seq_scheme.auth_seq_num 
_pdbx_poly_seq_scheme.pdb_mon_id 
_pdbx_poly_seq_scheme.auth_mon_id 
_pdbx_poly_seq_scheme.pdb_strand_id 
_pdbx_poly_seq_scheme.pdb_ins_code 
_pdbx_poly_seq_scheme.hetero 
A 1 1   MET 1   7   7   MET MET A . n 
A 1 2   TYR 2   8   8   TYR TYR A . n 
A 1 3   ASP 3   9   9   ASP ASP A . n 
A 1 4   TYR 4   10  10  TYR TYR A . n 
A 1 5   LEU 5   11  11  LEU LEU A . n 
A 1 6   PHE 6   12  12  PHE PHE A . n 
A 1 7   LYS 7   13  13  LYS LYS A . n 
A 1 8   VAL 8   14  14  VAL VAL A . n 
A 1 9   VAL 9   15  15  VAL VAL A . n 
A 1 10  LEU 10  16  16  LEU LEU A . n 
A 1 11  ILE 11  17  17  ILE ILE A . n 
A 1 12  GLY 12  18  18  GLY GLY A . n 
A 1 13  ASP 13  19  19  ASP ASP A . n 
A 1 14  SER 14  20  20  SER SER A . n 
A 1 15  GLY 15  21  21  GLY GLY A . n 
A 1 16  VAL 16  22  22  VAL VAL A . n 
A 1 17  GLY 17  23  23  GLY GLY A . n 
A 1 18  LYS 18  24  24  LYS LYS A . n 
A 1 19  SER 19  25  25  SER SER A . n 
A 1 20  ASN 20  26  26  ASN ASN A . n 
A 1 21  LEU 21  27  27  LEU LEU A . n 
A 1 22  LEU 22  28  28  LEU LEU A . n 
A 1 23  SER 23  29  29  SER SER A . n 
A 1 24  ARG 24  30  30  ARG ARG A . n 
A 1 25  PHE 25  31  31  PHE PHE A . n 
A 1 26  THR 26  32  32  THR THR A . n 
A 1 27  ARG 27  33  33  ARG ARG A . n 
A 1 28  ASN 28  34  34  ASN ASN A . n 
A 1 29  GLU 29  35  35  GLU GLU A . n 
A 1 30  PHE 30  36  36  PHE PHE A . n 
A 1 31  ASN 31  37  37  ASN ASN A . n 
A 1 32  LEU 32  38  38  LEU LEU A . n 
A 1 33  GLU 33  39  ?   ?   ?   A . n 
A 1 34  SER 34  40  ?   ?   ?   A . n 
A 1 35  LYS 35  41  ?   ?   ?   A . n 
A 1 36  SER 36  42  42  SER SER A . n 
A 1 37  THR 37  43  43  THR THR A . n 
A 1 38  ILE 38  44  44  ILE ILE A . n 
A 1 39  GLY 39  45  45  GLY GLY A . n 
A 1 40  VAL 40  46  46  VAL VAL A . n 
A 1 41  GLU 41  47  47  GLU GLU A . n 
A 1 42  PHE 42  48  48  PHE PHE A . n 
A 1 43  ALA 43  49  49  ALA ALA A . n 
A 1 44  THR 44  50  50  THR THR A . n 
A 1 45  ARG 45  51  51  ARG ARG A . n 
A 1 46  SER 46  52  52  SER SER A . n 
A 1 47  ILE 47  53  53  ILE ILE A . n 
A 1 48  GLN 48  54  54  GLN GLN A . n 
A 1 49  VAL 49  55  55  VAL VAL A . n 
A 1 50  ASP 50  56  56  ASP ASP A . n 
A 1 51  GLY 51  57  57  GLY GLY A . n 
A 1 52  LYS 52  58  58  LYS LYS A . n 
A 1 53  THR 53  59  59  THR THR A . n 
A 1 54  ILE 54  60  60  ILE ILE A . n 
A 1 55  LYS 55  61  61  LYS LYS A . n 
A 1 56  ALA 56  62  62  ALA ALA A . n 
A 1 57  GLN 57  63  63  GLN GLN A . n 
A 1 58  ILE 58  64  64  ILE ILE A . n 
A 1 59  TRP 59  65  65  TRP TRP A . n 
A 1 60  ASP 60  66  66  ASP ASP A . n 
A 1 61  THR 61  67  67  THR THR A . n 
A 1 62  ALA 62  68  68  ALA ALA A . n 
A 1 63  GLY 63  69  69  GLY GLY A . n 
A 1 64  GLN 64  70  70  GLN GLN A . n 
A 1 65  GLU 65  71  71  GLU GLU A . n 
A 1 66  ARG 66  72  72  ARG ARG A . n 
A 1 67  TYR 67  73  73  TYR TYR A . n 
A 1 68  ARG 68  74  74  ARG ARG A . n 
A 1 69  ARG 69  75  75  ARG ALA A . n 
A 1 70  ILE 70  76  76  ILE ILE A . n 
A 1 71  THR 71  77  77  THR THR A . n 
A 1 72  SER 72  78  78  SER SER A . n 
A 1 73  ALA 73  79  79  ALA ALA A . n 
A 1 74  TYR 74  80  80  TYR TYR A . n 
A 1 75  TYR 75  81  81  TYR TYR A . n 
A 1 76  ARG 76  82  82  ARG ARG A . n 
A 1 77  GLY 77  83  83  GLY GLY A . n 
A 1 78  ALA 78  84  84  ALA ALA A . n 
A 1 79  VAL 79  85  85  VAL VAL A . n 
A 1 80  GLY 80  86  86  GLY GLY A . n 
A 1 81  ALA 81  87  87  ALA ALA A . n 
A 1 82  LEU 82  88  88  LEU LEU A . n 
A 1 83  LEU 83  89  89  LEU LEU A . n 
A 1 84  VAL 84  90  90  VAL VAL A . n 
A 1 85  TYR 85  91  91  TYR TYR A . n 
A 1 86  ASP 86  92  92  ASP ASP A . n 
A 1 87  ILE 87  93  93  ILE ILE A . n 
A 1 88  ALA 88  94  94  ALA ALA A . n 
A 1 89  LYS 89  95  95  LYS LYS A . n 
A 1 90  HIS 90  96  96  HIS HIS A . n 
A 1 91  LEU 91  97  97  LEU LEU A . n 
A 1 92  THR 92  98  98  THR THR A . n 
A 1 93  TYR 93  99  99  TYR TYR A . n 
A 1 94  GLU 94  100 100 GLU GLU A . n 
A 1 95  ASN 95  101 101 ASN ASN A . n 
A 1 96  VAL 96  102 102 VAL VAL A . n 
A 1 97  GLU 97  103 103 GLU GLU A . n 
A 1 98  ARG 98  104 104 ARG ARG A . n 
A 1 99  TRP 99  105 105 TRP TRP A . n 
A 1 100 LEU 100 106 106 LEU LEU A . n 
A 1 101 LYS 101 107 107 LYS LYS A . n 
A 1 102 GLU 102 108 108 GLU GLU A . n 
A 1 103 LEU 103 109 109 LEU LEU A . n 
A 1 104 ARG 104 110 110 ARG ARG A . n 
A 1 105 ASP 105 111 111 ASP ASP A . n 
A 1 106 HIS 106 112 112 HIS HIS A . n 
A 1 107 ALA 107 113 113 ALA ALA A . n 
A 1 108 ASP 108 114 114 ASP ASP A . n 
A 1 109 SER 109 115 115 SER SER A . n 
A 1 110 ASN 110 116 116 ASN ASN A . n 
A 1 111 ILE 111 117 117 ILE ILE A . n 
A 1 112 VAL 112 118 118 VAL VAL A . n 
A 1 113 ILE 113 119 119 ILE ILE A . n 
A 1 114 MET 114 120 120 MET MET A . n 
A 1 115 LEU 115 121 121 LEU LEU A . n 
A 1 116 VAL 116 122 122 VAL VAL A . n 
A 1 117 GLY 117 123 123 GLY GLY A . n 
A 1 118 ASN 118 124 124 ASN ASN A . n 
A 1 119 LYS 119 125 125 LYS LYS A . n 
A 1 120 SER 120 126 126 SER SER A . n 
A 1 121 ASP 121 127 127 ASP ASP A . n 
A 1 122 LEU 122 128 128 LEU LEU A . n 
A 1 123 ARG 123 129 129 ARG ARG A . n 
A 1 124 HIS 124 130 130 HIS HIS A . n 
A 1 125 LEU 125 131 131 LEU LEU A . n 
A 1 126 ARG 126 132 132 ARG ARG A . n 
A 1 127 ALA 127 133 133 ALA ALA A . n 
A 1 128 VAL 128 134 134 VAL VAL A . n 
A 1 129 PRO 129 135 135 PRO PRO A . n 
A 1 130 THR 130 136 136 THR THR A . n 
A 1 131 ASP 131 137 137 ASP ASP A . n 
A 1 132 GLU 132 138 138 GLU GLU A . n 
A 1 133 ALA 133 139 139 ALA ALA A . n 
A 1 134 ARG 134 140 140 ARG ARG A . n 
A 1 135 ALA 135 141 141 ALA ALA A . n 
A 1 136 PHE 136 142 142 PHE PHE A . n 
A 1 137 ALA 137 143 143 ALA ALA A . n 
A 1 138 GLU 138 144 144 GLU GLU A . n 
A 1 139 LYS 139 145 145 LYS LYS A . n 
A 1 140 ASN 140 146 146 ASN ASN A . n 
A 1 141 ASN 141 147 147 ASN ASN A . n 
A 1 142 LEU 142 148 148 LEU LEU A . n 
A 1 143 SER 143 149 149 SER SER A . n 
A 1 144 PHE 144 150 150 PHE PHE A . n 
A 1 145 ILE 145 151 151 ILE ILE A . n 
A 1 146 GLU 146 152 152 GLU GLU A . n 
A 1 147 THR 147 153 153 THR THR A . n 
A 1 148 SER 148 154 154 SER SER A . n 
A 1 149 ALA 149 155 155 ALA ALA A . n 
A 1 150 LEU 150 156 156 LEU LEU A . n 
A 1 151 ASP 151 157 157 ASP ASP A . n 
A 1 152 SER 152 158 158 SER SER A . n 
A 1 153 THR 153 159 159 THR THR A . n 
A 1 154 ASN 154 160 160 ASN ASN A . n 
A 1 155 VAL 155 161 161 VAL VAL A . n 
A 1 156 GLU 156 162 162 GLU GLU A . n 
A 1 157 GLU 157 163 163 GLU GLU A . n 
A 1 158 ALA 158 164 164 ALA ALA A . n 
A 1 159 PHE 159 165 165 PHE PHE A . n 
A 1 160 LYS 160 166 166 LYS LYS A . n 
A 1 161 ASN 161 167 167 ASN ASN A . n 
A 1 162 ILE 162 168 168 ILE ILE A . n 
A 1 163 LEU 163 169 169 LEU LEU A . n 
A 1 164 THR 164 170 170 THR THR A . n 
A 1 165 GLU 165 171 171 GLU GLU A . n 
A 1 166 ILE 166 172 172 ILE ILE A . n 
A 1 167 TYR 167 173 173 TYR TYR A . n 
A 1 168 ARG 168 174 174 ARG ARG A . n 
A 1 169 ILE 169 175 175 ILE ILE A . n 
A 1 170 VAL 170 176 176 VAL VAL A . n 
A 1 171 SER 171 177 177 SER SER A . n 
A 1 172 GLN 172 178 178 GLN GLN A . n 
A 1 173 LYS 173 179 179 LYS LYS A . n 
A 1 174 GLN 174 180 180 GLN GLN A . n 
A 1 175 ILE 175 181 181 ILE ILE A . n 
A 1 176 ALA 176 182 182 ALA ALA A . n 
A 1 177 ASP 177 183 ?   ?   ?   A . n 
A 1 178 ARG 178 184 ?   ?   ?   A . n 
A 1 179 ALA 179 185 ?   ?   ?   A . n 
A 1 180 ALA 180 186 ?   ?   ?   A . n 
A 1 181 HIS 181 187 ?   ?   ?   A . n 
A 1 182 ASP 182 188 ?   ?   ?   A . n 
A 1 183 GLU 183 189 ?   ?   ?   A . n 
A 1 184 SER 184 190 ?   ?   ?   A . n 
A 1 185 PRO 185 191 ?   ?   ?   A . n 
A 1 186 GLY 186 192 ?   ?   ?   A . n 
A 1 187 ASN 187 193 ?   ?   ?   A . n 
A 1 188 ASN 188 194 ?   ?   ?   A . n 
A 1 189 VAL 189 195 ?   ?   ?   A . n 
A 1 190 VAL 190 196 ?   ?   ?   A . n 
A 1 191 ASP 191 197 ?   ?   ?   A . n 
A 1 192 ILE 192 198 ?   ?   ?   A . n 
A 1 193 SER 193 199 ?   ?   ?   A . n 
A 1 194 VAL 194 200 ?   ?   ?   A . n 
A 1 195 PRO 195 201 ?   ?   ?   A . n 
A 1 196 PRO 196 202 ?   ?   ?   A . n 
A 1 197 THR 197 203 ?   ?   ?   A . n 
A 1 198 THR 198 204 ?   ?   ?   A . n 
A 1 199 ASP 199 205 ?   ?   ?   A . n 
# 
loop_
_pdbx_nonpoly_scheme.asym_id 
_pdbx_nonpoly_scheme.entity_id 
_pdbx_nonpoly_scheme.mon_id 
_pdbx_nonpoly_scheme.ndb_seq_num 
_pdbx_nonpoly_scheme.pdb_seq_num 
_pdbx_nonpoly_scheme.auth_seq_num 
_pdbx_nonpoly_scheme.pdb_mon_id 
_pdbx_nonpoly_scheme.auth_mon_id 
_pdbx_nonpoly_scheme.pdb_strand_id 
_pdbx_nonpoly_scheme.pdb_ins_code 
B 2 MG  1   1175 1175 MG  MG  A . 
C 3 GDP 1   1174 1174 GDP GDP A . 
D 4 HOH 1   1176 1    HOH HOH A . 
D 4 HOH 2   1177 2    HOH HOH A . 
D 4 HOH 3   1178 3    HOH HOH A . 
D 4 HOH 4   1179 4    HOH HOH A . 
D 4 HOH 5   1180 5    HOH HOH A . 
D 4 HOH 6   1181 6    HOH HOH A . 
D 4 HOH 7   1182 7    HOH HOH A . 
D 4 HOH 8   1183 8    HOH HOH A . 
D 4 HOH 9   1184 9    HOH HOH A . 
D 4 HOH 10  1185 10   HOH HOH A . 
D 4 HOH 11  1186 11   HOH HOH A . 
D 4 HOH 12  1187 12   HOH HOH A . 
D 4 HOH 13  1188 13   HOH HOH A . 
D 4 HOH 14  1189 14   HOH HOH A . 
D 4 HOH 15  1190 15   HOH HOH A . 
D 4 HOH 16  1191 16   HOH HOH A . 
D 4 HOH 17  1192 17   HOH HOH A . 
D 4 HOH 18  1193 18   HOH HOH A . 
D 4 HOH 19  1194 19   HOH HOH A . 
D 4 HOH 20  1195 20   HOH HOH A . 
D 4 HOH 21  1196 21   HOH HOH A . 
D 4 HOH 22  1197 22   HOH HOH A . 
D 4 HOH 23  1198 23   HOH HOH A . 
D 4 HOH 24  1199 24   HOH HOH A . 
D 4 HOH 25  1200 25   HOH HOH A . 
D 4 HOH 26  1201 26   HOH HOH A . 
D 4 HOH 27  1202 27   HOH HOH A . 
D 4 HOH 28  1203 28   HOH HOH A . 
D 4 HOH 29  1204 29   HOH HOH A . 
D 4 HOH 30  1205 30   HOH HOH A . 
D 4 HOH 31  1206 31   HOH HOH A . 
D 4 HOH 32  1207 32   HOH HOH A . 
D 4 HOH 33  1208 33   HOH HOH A . 
D 4 HOH 34  1209 34   HOH HOH A . 
D 4 HOH 35  1210 35   HOH HOH A . 
D 4 HOH 36  1211 36   HOH HOH A . 
D 4 HOH 37  1212 37   HOH HOH A . 
D 4 HOH 38  1213 38   HOH HOH A . 
D 4 HOH 39  1214 39   HOH HOH A . 
D 4 HOH 40  1215 40   HOH HOH A . 
D 4 HOH 41  1216 41   HOH HOH A . 
D 4 HOH 42  1217 42   HOH HOH A . 
D 4 HOH 43  1218 43   HOH HOH A . 
D 4 HOH 44  1219 44   HOH HOH A . 
D 4 HOH 45  1220 45   HOH HOH A . 
D 4 HOH 46  1221 46   HOH HOH A . 
D 4 HOH 47  1222 47   HOH HOH A . 
D 4 HOH 48  1223 48   HOH HOH A . 
D 4 HOH 49  1224 49   HOH HOH A . 
D 4 HOH 50  1225 50   HOH HOH A . 
D 4 HOH 51  1226 51   HOH HOH A . 
D 4 HOH 52  1227 52   HOH HOH A . 
D 4 HOH 53  1228 53   HOH HOH A . 
D 4 HOH 54  1229 54   HOH HOH A . 
D 4 HOH 55  1230 55   HOH HOH A . 
D 4 HOH 56  1231 56   HOH HOH A . 
D 4 HOH 57  1232 57   HOH HOH A . 
D 4 HOH 58  1233 58   HOH HOH A . 
D 4 HOH 59  1234 59   HOH HOH A . 
D 4 HOH 60  1235 60   HOH HOH A . 
D 4 HOH 61  1236 61   HOH HOH A . 
D 4 HOH 62  1237 62   HOH HOH A . 
D 4 HOH 63  1238 63   HOH HOH A . 
D 4 HOH 64  1239 64   HOH HOH A . 
D 4 HOH 65  1240 65   HOH HOH A . 
D 4 HOH 66  1241 66   HOH HOH A . 
D 4 HOH 67  1242 67   HOH HOH A . 
D 4 HOH 68  1243 68   HOH HOH A . 
D 4 HOH 69  1244 69   HOH HOH A . 
D 4 HOH 70  1245 70   HOH HOH A . 
D 4 HOH 71  1246 71   HOH HOH A . 
D 4 HOH 72  1247 72   HOH HOH A . 
D 4 HOH 73  1248 73   HOH HOH A . 
D 4 HOH 74  1249 74   HOH HOH A . 
D 4 HOH 75  1250 75   HOH HOH A . 
D 4 HOH 76  1251 76   HOH HOH A . 
D 4 HOH 77  1252 77   HOH HOH A . 
D 4 HOH 78  1253 78   HOH HOH A . 
D 4 HOH 79  1254 79   HOH HOH A . 
D 4 HOH 80  1255 80   HOH HOH A . 
D 4 HOH 81  1256 81   HOH HOH A . 
D 4 HOH 82  1257 82   HOH HOH A . 
D 4 HOH 83  1258 83   HOH HOH A . 
D 4 HOH 84  1259 84   HOH HOH A . 
D 4 HOH 85  1260 85   HOH HOH A . 
D 4 HOH 86  1261 86   HOH HOH A . 
D 4 HOH 87  1262 87   HOH HOH A . 
D 4 HOH 88  1263 88   HOH HOH A . 
D 4 HOH 89  1264 89   HOH HOH A . 
D 4 HOH 90  1265 90   HOH HOH A . 
D 4 HOH 91  1266 91   HOH HOH A . 
D 4 HOH 92  1267 92   HOH HOH A . 
D 4 HOH 93  1268 93   HOH HOH A . 
D 4 HOH 94  1269 94   HOH HOH A . 
D 4 HOH 95  1270 95   HOH HOH A . 
D 4 HOH 96  1271 96   HOH HOH A . 
D 4 HOH 97  1272 97   HOH HOH A . 
D 4 HOH 98  1273 98   HOH HOH A . 
D 4 HOH 99  1274 99   HOH HOH A . 
D 4 HOH 100 1275 100  HOH HOH A . 
D 4 HOH 101 1276 101  HOH HOH A . 
D 4 HOH 102 1277 102  HOH HOH A . 
D 4 HOH 103 1278 103  HOH HOH A . 
D 4 HOH 104 1279 104  HOH HOH A . 
D 4 HOH 105 1280 105  HOH HOH A . 
D 4 HOH 106 1281 106  HOH HOH A . 
D 4 HOH 107 1282 107  HOH HOH A . 
D 4 HOH 108 1283 108  HOH HOH A . 
D 4 HOH 109 1284 109  HOH HOH A . 
D 4 HOH 110 1285 110  HOH HOH A . 
D 4 HOH 111 1286 111  HOH HOH A . 
D 4 HOH 112 1287 112  HOH HOH A . 
D 4 HOH 113 1288 113  HOH HOH A . 
D 4 HOH 114 1289 114  HOH HOH A . 
D 4 HOH 115 1290 115  HOH HOH A . 
D 4 HOH 116 1291 116  HOH HOH A . 
D 4 HOH 117 1292 117  HOH HOH A . 
D 4 HOH 118 1293 118  HOH HOH A . 
D 4 HOH 119 1294 119  HOH HOH A . 
D 4 HOH 120 1295 120  HOH HOH A . 
D 4 HOH 121 1296 121  HOH HOH A . 
D 4 HOH 122 1297 122  HOH HOH A . 
D 4 HOH 123 1298 123  HOH HOH A . 
D 4 HOH 124 1299 124  HOH HOH A . 
D 4 HOH 125 1300 125  HOH HOH A . 
D 4 HOH 126 1301 126  HOH HOH A . 
D 4 HOH 127 1302 127  HOH HOH A . 
D 4 HOH 128 1303 128  HOH HOH A . 
D 4 HOH 129 1304 129  HOH HOH A . 
D 4 HOH 130 1305 130  HOH HOH A . 
D 4 HOH 131 1306 131  HOH HOH A . 
D 4 HOH 132 1307 132  HOH HOH A . 
D 4 HOH 133 1308 133  HOH HOH A . 
D 4 HOH 134 1309 134  HOH HOH A . 
D 4 HOH 135 1310 135  HOH HOH A . 
D 4 HOH 136 1311 136  HOH HOH A . 
D 4 HOH 137 1312 137  HOH HOH A . 
D 4 HOH 138 1313 138  HOH HOH A . 
D 4 HOH 139 1314 139  HOH HOH A . 
D 4 HOH 140 1315 140  HOH HOH A . 
D 4 HOH 141 1316 141  HOH HOH A . 
D 4 HOH 142 1317 142  HOH HOH A . 
D 4 HOH 143 1318 143  HOH HOH A . 
D 4 HOH 144 1319 144  HOH HOH A . 
D 4 HOH 145 1320 145  HOH HOH A . 
D 4 HOH 146 1321 146  HOH HOH A . 
D 4 HOH 147 1322 147  HOH HOH A . 
D 4 HOH 148 1323 148  HOH HOH A . 
D 4 HOH 149 1324 149  HOH HOH A . 
D 4 HOH 150 1325 150  HOH HOH A . 
D 4 HOH 151 1326 151  HOH HOH A . 
D 4 HOH 152 1327 152  HOH HOH A . 
D 4 HOH 153 1328 153  HOH HOH A . 
D 4 HOH 154 1329 154  HOH HOH A . 
D 4 HOH 155 1330 155  HOH HOH A . 
D 4 HOH 156 1331 156  HOH HOH A . 
D 4 HOH 157 1332 157  HOH HOH A . 
D 4 HOH 158 1333 158  HOH HOH A . 
D 4 HOH 159 1334 159  HOH HOH A . 
D 4 HOH 160 1335 160  HOH HOH A . 
D 4 HOH 161 1336 161  HOH HOH A . 
D 4 HOH 162 1337 162  HOH HOH A . 
D 4 HOH 163 1338 163  HOH HOH A . 
D 4 HOH 164 1339 164  HOH HOH A . 
D 4 HOH 165 1340 165  HOH HOH A . 
D 4 HOH 166 1341 166  HOH HOH A . 
D 4 HOH 167 1342 167  HOH HOH A . 
D 4 HOH 168 1343 168  HOH HOH A . 
D 4 HOH 169 1344 169  HOH HOH A . 
D 4 HOH 170 1345 170  HOH HOH A . 
D 4 HOH 171 1346 171  HOH HOH A . 
D 4 HOH 172 1347 172  HOH HOH A . 
D 4 HOH 173 1348 173  HOH HOH A . 
D 4 HOH 174 1349 174  HOH HOH A . 
D 4 HOH 175 1350 175  HOH HOH A . 
D 4 HOH 176 1351 176  HOH HOH A . 
D 4 HOH 177 1352 177  HOH HOH A . 
D 4 HOH 178 1353 178  HOH HOH A . 
D 4 HOH 179 1354 179  HOH HOH A . 
D 4 HOH 180 1355 180  HOH HOH A . 
D 4 HOH 181 1356 181  HOH HOH A . 
D 4 HOH 182 1357 182  HOH HOH A . 
D 4 HOH 183 1358 183  HOH HOH A . 
D 4 HOH 184 1359 184  HOH HOH A . 
D 4 HOH 185 1360 185  HOH HOH A . 
# 
_pdbx_struct_assembly.id                   1 
_pdbx_struct_assembly.details              author_defined_assembly 
_pdbx_struct_assembly.method_details       ? 
_pdbx_struct_assembly.oligomeric_details   monomeric 
_pdbx_struct_assembly.oligomeric_count     1 
# 
_pdbx_struct_assembly_gen.assembly_id       1 
_pdbx_struct_assembly_gen.oper_expression   1 
_pdbx_struct_assembly_gen.asym_id_list      A,B,C,D 
# 
_pdbx_struct_oper_list.id                   1 
_pdbx_struct_oper_list.type                 'identity operation' 
_pdbx_struct_oper_list.name                 1_555 
_pdbx_struct_oper_list.symmetry_operation   x,y,z 
_pdbx_struct_oper_list.matrix[1][1]         1.0000000000 
_pdbx_struct_oper_list.matrix[1][2]         0.0000000000 
_pdbx_struct_oper_list.matrix[1][3]         0.0000000000 
_pdbx_struct_oper_list.vector[1]            0.0000000000 
_pdbx_struct_oper_list.matrix[2][1]         0.0000000000 
_pdbx_struct_oper_list.matrix[2][2]         1.0000000000 
_pdbx_struct_oper_list.matrix[2][3]         0.0000000000 
_pdbx_struct_oper_list.vector[2]            0.0000000000 
_pdbx_struct_oper_list.matrix[3][1]         0.0000000000 
_pdbx_struct_oper_list.matrix[3][2]         0.0000000000 
_pdbx_struct_oper_list.matrix[3][3]         1.0000000000 
_pdbx_struct_oper_list.vector[3]            0.0000000000 
# 
loop_
_pdbx_struct_conn_angle.id 
_pdbx_struct_conn_angle.ptnr1_label_atom_id 
_pdbx_struct_conn_angle.ptnr1_label_alt_id 
_pdbx_struct_conn_angle.ptnr1_label_asym_id 
_pdbx_struct_conn_angle.ptnr1_label_comp_id 
_pdbx_struct_conn_angle.ptnr1_label_seq_id 
_pdbx_struct_conn_angle.ptnr1_auth_atom_id 
_pdbx_struct_conn_angle.ptnr1_auth_asym_id 
_pdbx_struct_conn_angle.ptnr1_auth_comp_id 
_pdbx_struct_conn_angle.ptnr1_auth_seq_id 
_pdbx_struct_conn_angle.ptnr1_PDB_ins_code 
_pdbx_struct_conn_angle.ptnr1_symmetry 
_pdbx_struct_conn_angle.ptnr2_label_atom_id 
_pdbx_struct_conn_angle.ptnr2_label_alt_id 
_pdbx_struct_conn_angle.ptnr2_label_asym_id 
_pdbx_struct_conn_angle.ptnr2_label_comp_id 
_pdbx_struct_conn_angle.ptnr2_label_seq_id 
_pdbx_struct_conn_angle.ptnr2_auth_atom_id 
_pdbx_struct_conn_angle.ptnr2_auth_asym_id 
_pdbx_struct_conn_angle.ptnr2_auth_comp_id 
_pdbx_struct_conn_angle.ptnr2_auth_seq_id 
_pdbx_struct_conn_angle.ptnr2_PDB_ins_code 
_pdbx_struct_conn_angle.ptnr2_symmetry 
_pdbx_struct_conn_angle.ptnr3_label_atom_id 
_pdbx_struct_conn_angle.ptnr3_label_alt_id 
_pdbx_struct_conn_angle.ptnr3_label_asym_id 
_pdbx_struct_conn_angle.ptnr3_label_comp_id 
_pdbx_struct_conn_angle.ptnr3_label_seq_id 
_pdbx_struct_conn_angle.ptnr3_auth_atom_id 
_pdbx_struct_conn_angle.ptnr3_auth_asym_id 
_pdbx_struct_conn_angle.ptnr3_auth_comp_id 
_pdbx_struct_conn_angle.ptnr3_auth_seq_id 
_pdbx_struct_conn_angle.ptnr3_PDB_ins_code 
_pdbx_struct_conn_angle.ptnr3_symmetry 
_pdbx_struct_conn_angle.value 
_pdbx_struct_conn_angle.value_esd 
1  OG  ? A SER 19 ? A SER 25   ? 1_555 MG ? B MG . ? A MG 1175 ? 1_555 O3B ? C GDP . ? A GDP 1174 ? 1_555 87.7  ? 
2  OG  ? A SER 19 ? A SER 25   ? 1_555 MG ? B MG . ? A MG 1175 ? 1_555 O   ? D HOH . ? A HOH 1296 ? 1_555 93.9  ? 
3  O3B ? C GDP .  ? A GDP 1174 ? 1_555 MG ? B MG . ? A MG 1175 ? 1_555 O   ? D HOH . ? A HOH 1296 ? 1_555 89.8  ? 
4  OG  ? A SER 19 ? A SER 25   ? 1_555 MG ? B MG . ? A MG 1175 ? 1_555 O   ? D HOH . ? A HOH 1297 ? 1_555 85.7  ? 
5  O3B ? C GDP .  ? A GDP 1174 ? 1_555 MG ? B MG . ? A MG 1175 ? 1_555 O   ? D HOH . ? A HOH 1297 ? 1_555 173.2 ? 
6  O   ? D HOH .  ? A HOH 1296 ? 1_555 MG ? B MG . ? A MG 1175 ? 1_555 O   ? D HOH . ? A HOH 1297 ? 1_555 89.1  ? 
7  OG  ? A SER 19 ? A SER 25   ? 1_555 MG ? B MG . ? A MG 1175 ? 1_555 O   ? D HOH . ? A HOH 1298 ? 1_555 88.2  ? 
8  O3B ? C GDP .  ? A GDP 1174 ? 1_555 MG ? B MG . ? A MG 1175 ? 1_555 O   ? D HOH . ? A HOH 1298 ? 1_555 93.1  ? 
9  O   ? D HOH .  ? A HOH 1296 ? 1_555 MG ? B MG . ? A MG 1175 ? 1_555 O   ? D HOH . ? A HOH 1298 ? 1_555 176.5 ? 
10 O   ? D HOH .  ? A HOH 1297 ? 1_555 MG ? B MG . ? A MG 1175 ? 1_555 O   ? D HOH . ? A HOH 1298 ? 1_555 88.3  ? 
11 OG  ? A SER 19 ? A SER 25   ? 1_555 MG ? B MG . ? A MG 1175 ? 1_555 O   ? D HOH . ? A HOH 1299 ? 1_555 174.5 ? 
12 O3B ? C GDP .  ? A GDP 1174 ? 1_555 MG ? B MG . ? A MG 1175 ? 1_555 O   ? D HOH . ? A HOH 1299 ? 1_555 92.3  ? 
13 O   ? D HOH .  ? A HOH 1296 ? 1_555 MG ? B MG . ? A MG 1175 ? 1_555 O   ? D HOH . ? A HOH 1299 ? 1_555 91.6  ? 
14 O   ? D HOH .  ? A HOH 1297 ? 1_555 MG ? B MG . ? A MG 1175 ? 1_555 O   ? D HOH . ? A HOH 1299 ? 1_555 94.4  ? 
15 O   ? D HOH .  ? A HOH 1298 ? 1_555 MG ? B MG . ? A MG 1175 ? 1_555 O   ? D HOH . ? A HOH 1299 ? 1_555 86.2  ? 
# 
loop_
_pdbx_audit_revision_history.ordinal 
_pdbx_audit_revision_history.data_content_type 
_pdbx_audit_revision_history.major_revision 
_pdbx_audit_revision_history.minor_revision 
_pdbx_audit_revision_history.revision_date 
1 'Structure model' 1 0 2006-04-04 
2 'Structure model' 1 1 2008-05-01 
3 'Structure model' 1 2 2011-07-13 
4 'Structure model' 1 3 2017-10-18 
5 'Structure model' 1 4 2023-08-30 
# 
_pdbx_audit_revision_details.ordinal             1 
_pdbx_audit_revision_details.revision_ordinal    1 
_pdbx_audit_revision_details.data_content_type   'Structure model' 
_pdbx_audit_revision_details.provider            repository 
_pdbx_audit_revision_details.type                'Initial release' 
_pdbx_audit_revision_details.description         ? 
_pdbx_audit_revision_details.details             ? 
# 
loop_
_pdbx_audit_revision_group.ordinal 
_pdbx_audit_revision_group.revision_ordinal 
_pdbx_audit_revision_group.data_content_type 
_pdbx_audit_revision_group.group 
1 2 'Structure model' 'Version format compliance' 
2 3 'Structure model' 'Version format compliance' 
3 4 'Structure model' 'Refinement description'    
4 5 'Structure model' 'Data collection'           
5 5 'Structure model' 'Database references'       
6 5 'Structure model' 'Derived calculations'      
7 5 'Structure model' 'Refinement description'    
# 
loop_
_pdbx_audit_revision_category.ordinal 
_pdbx_audit_revision_category.revision_ordinal 
_pdbx_audit_revision_category.data_content_type 
_pdbx_audit_revision_category.category 
1 4 'Structure model' software                      
2 5 'Structure model' chem_comp_atom                
3 5 'Structure model' chem_comp_bond                
4 5 'Structure model' database_2                    
5 5 'Structure model' pdbx_initial_refinement_model 
6 5 'Structure model' pdbx_struct_conn_angle        
7 5 'Structure model' struct_conn                   
8 5 'Structure model' struct_ref_seq_dif            
9 5 'Structure model' struct_site                   
# 
loop_
_pdbx_audit_revision_item.ordinal 
_pdbx_audit_revision_item.revision_ordinal 
_pdbx_audit_revision_item.data_content_type 
_pdbx_audit_revision_item.item 
1  4 'Structure model' '_software.classification'                    
2  4 'Structure model' '_software.name'                              
3  5 'Structure model' '_database_2.pdbx_DOI'                        
4  5 'Structure model' '_database_2.pdbx_database_accession'         
5  5 'Structure model' '_pdbx_struct_conn_angle.ptnr1_auth_comp_id'  
6  5 'Structure model' '_pdbx_struct_conn_angle.ptnr1_auth_seq_id'   
7  5 'Structure model' '_pdbx_struct_conn_angle.ptnr1_label_asym_id' 
8  5 'Structure model' '_pdbx_struct_conn_angle.ptnr1_label_atom_id' 
9  5 'Structure model' '_pdbx_struct_conn_angle.ptnr1_label_comp_id' 
10 5 'Structure model' '_pdbx_struct_conn_angle.ptnr1_label_seq_id'  
11 5 'Structure model' '_pdbx_struct_conn_angle.ptnr3_auth_comp_id'  
12 5 'Structure model' '_pdbx_struct_conn_angle.ptnr3_auth_seq_id'   
13 5 'Structure model' '_pdbx_struct_conn_angle.ptnr3_label_asym_id' 
14 5 'Structure model' '_pdbx_struct_conn_angle.ptnr3_label_atom_id' 
15 5 'Structure model' '_pdbx_struct_conn_angle.ptnr3_label_comp_id' 
16 5 'Structure model' '_pdbx_struct_conn_angle.ptnr3_label_seq_id'  
17 5 'Structure model' '_pdbx_struct_conn_angle.value'               
18 5 'Structure model' '_struct_conn.pdbx_dist_value'                
19 5 'Structure model' '_struct_conn.ptnr1_auth_comp_id'             
20 5 'Structure model' '_struct_conn.ptnr1_auth_seq_id'              
21 5 'Structure model' '_struct_conn.ptnr1_label_asym_id'            
22 5 'Structure model' '_struct_conn.ptnr1_label_atom_id'            
23 5 'Structure model' '_struct_conn.ptnr1_label_comp_id'            
24 5 'Structure model' '_struct_conn.ptnr1_label_seq_id'             
25 5 'Structure model' '_struct_conn.ptnr2_auth_comp_id'             
26 5 'Structure model' '_struct_conn.ptnr2_auth_seq_id'              
27 5 'Structure model' '_struct_conn.ptnr2_label_asym_id'            
28 5 'Structure model' '_struct_conn.ptnr2_label_atom_id'            
29 5 'Structure model' '_struct_conn.ptnr2_label_comp_id'            
30 5 'Structure model' '_struct_conn.ptnr2_label_seq_id'             
31 5 'Structure model' '_struct_ref_seq_dif.details'                 
32 5 'Structure model' '_struct_site.pdbx_auth_asym_id'              
33 5 'Structure model' '_struct_site.pdbx_auth_comp_id'              
34 5 'Structure model' '_struct_site.pdbx_auth_seq_id'               
# 
loop_
_software.name 
_software.classification 
_software.version 
_software.citation_id 
_software.pdbx_ordinal 
REFMAC refinement        5.2.0005  ? 1 
MAR345 'data collection' .         ? 2 
MOSFLM 'data reduction'  .         ? 3 
CCP4   'data scaling'    '(SCALA)' ? 4 
AMoRE  phasing           .         ? 5 
# 
loop_
_pdbx_validate_close_contact.id 
_pdbx_validate_close_contact.PDB_model_num 
_pdbx_validate_close_contact.auth_atom_id_1 
_pdbx_validate_close_contact.auth_asym_id_1 
_pdbx_validate_close_contact.auth_comp_id_1 
_pdbx_validate_close_contact.auth_seq_id_1 
_pdbx_validate_close_contact.PDB_ins_code_1 
_pdbx_validate_close_contact.label_alt_id_1 
_pdbx_validate_close_contact.auth_atom_id_2 
_pdbx_validate_close_contact.auth_asym_id_2 
_pdbx_validate_close_contact.auth_comp_id_2 
_pdbx_validate_close_contact.auth_seq_id_2 
_pdbx_validate_close_contact.PDB_ins_code_2 
_pdbx_validate_close_contact.label_alt_id_2 
_pdbx_validate_close_contact.dist 
1 1 C A ASP 114  ? ? O A HOH 1357 ? ? 2.00 
2 1 O A HOH 1328 ? ? O A HOH 1353 ? ? 2.13 
# 
loop_
_pdbx_validate_symm_contact.id 
_pdbx_validate_symm_contact.PDB_model_num 
_pdbx_validate_symm_contact.auth_atom_id_1 
_pdbx_validate_symm_contact.auth_asym_id_1 
_pdbx_validate_symm_contact.auth_comp_id_1 
_pdbx_validate_symm_contact.auth_seq_id_1 
_pdbx_validate_symm_contact.PDB_ins_code_1 
_pdbx_validate_symm_contact.label_alt_id_1 
_pdbx_validate_symm_contact.site_symmetry_1 
_pdbx_validate_symm_contact.auth_atom_id_2 
_pdbx_validate_symm_contact.auth_asym_id_2 
_pdbx_validate_symm_contact.auth_comp_id_2 
_pdbx_validate_symm_contact.auth_seq_id_2 
_pdbx_validate_symm_contact.PDB_ins_code_2 
_pdbx_validate_symm_contact.label_alt_id_2 
_pdbx_validate_symm_contact.site_symmetry_2 
_pdbx_validate_symm_contact.dist 
1 1 CB A ARG 82   ? ? 1_555 O A HOH 1358 ? ? 4_556 2.04 
2 1 O  A HOH 1328 ? ? 1_555 O A HOH 1355 ? ? 4_555 2.19 
# 
_pdbx_validate_rmsd_angle.id                         1 
_pdbx_validate_rmsd_angle.PDB_model_num              1 
_pdbx_validate_rmsd_angle.auth_atom_id_1             CG 
_pdbx_validate_rmsd_angle.auth_asym_id_1             A 
_pdbx_validate_rmsd_angle.auth_comp_id_1             MET 
_pdbx_validate_rmsd_angle.auth_seq_id_1              120 
_pdbx_validate_rmsd_angle.PDB_ins_code_1             ? 
_pdbx_validate_rmsd_angle.label_alt_id_1             ? 
_pdbx_validate_rmsd_angle.auth_atom_id_2             SD 
_pdbx_validate_rmsd_angle.auth_asym_id_2             A 
_pdbx_validate_rmsd_angle.auth_comp_id_2             MET 
_pdbx_validate_rmsd_angle.auth_seq_id_2              120 
_pdbx_validate_rmsd_angle.PDB_ins_code_2             ? 
_pdbx_validate_rmsd_angle.label_alt_id_2             ? 
_pdbx_validate_rmsd_angle.auth_atom_id_3             CE 
_pdbx_validate_rmsd_angle.auth_asym_id_3             A 
_pdbx_validate_rmsd_angle.auth_comp_id_3             MET 
_pdbx_validate_rmsd_angle.auth_seq_id_3              120 
_pdbx_validate_rmsd_angle.PDB_ins_code_3             ? 
_pdbx_validate_rmsd_angle.label_alt_id_3             ? 
_pdbx_validate_rmsd_angle.angle_value                83.71 
_pdbx_validate_rmsd_angle.angle_target_value         100.20 
_pdbx_validate_rmsd_angle.angle_deviation            -16.49 
_pdbx_validate_rmsd_angle.angle_standard_deviation   1.60 
_pdbx_validate_rmsd_angle.linker_flag                N 
# 
loop_
_pdbx_validate_torsion.id 
_pdbx_validate_torsion.PDB_model_num 
_pdbx_validate_torsion.auth_comp_id 
_pdbx_validate_torsion.auth_asym_id 
_pdbx_validate_torsion.auth_seq_id 
_pdbx_validate_torsion.PDB_ins_code 
_pdbx_validate_torsion.label_alt_id 
_pdbx_validate_torsion.phi 
_pdbx_validate_torsion.psi 
1 1 ARG A 74  ? ? 79.58  32.70  
2 1 LEU A 109 ? ? -64.26 -80.29 
3 1 ARG A 110 ? ? -26.95 -43.58 
4 1 ASP A 111 ? ? -68.39 -75.49 
5 1 SER A 115 ? ? -31.42 -35.21 
6 1 LYS A 125 ? ? 72.49  37.29  
7 1 SER A 158 ? ? 74.68  -3.05  
# 
loop_
_pdbx_unobs_or_zero_occ_atoms.id 
_pdbx_unobs_or_zero_occ_atoms.PDB_model_num 
_pdbx_unobs_or_zero_occ_atoms.polymer_flag 
_pdbx_unobs_or_zero_occ_atoms.occupancy_flag 
_pdbx_unobs_or_zero_occ_atoms.auth_asym_id 
_pdbx_unobs_or_zero_occ_atoms.auth_comp_id 
_pdbx_unobs_or_zero_occ_atoms.auth_seq_id 
_pdbx_unobs_or_zero_occ_atoms.PDB_ins_code 
_pdbx_unobs_or_zero_occ_atoms.auth_atom_id 
_pdbx_unobs_or_zero_occ_atoms.label_alt_id 
_pdbx_unobs_or_zero_occ_atoms.label_asym_id 
_pdbx_unobs_or_zero_occ_atoms.label_comp_id 
_pdbx_unobs_or_zero_occ_atoms.label_seq_id 
_pdbx_unobs_or_zero_occ_atoms.label_atom_id 
1  1 Y 1 A MET 7   ? CB  ? A MET 1   CB  
2  1 Y 1 A MET 7   ? CG  ? A MET 1   CG  
3  1 Y 1 A MET 7   ? SD  ? A MET 1   SD  
4  1 Y 1 A MET 7   ? CE  ? A MET 1   CE  
5  1 Y 1 A SER 42  ? OG  ? A SER 36  OG  
6  1 Y 1 A ARG 74  ? CB  ? A ARG 68  CB  
7  1 Y 1 A ARG 74  ? CG  ? A ARG 68  CG  
8  1 Y 1 A ARG 74  ? CD  ? A ARG 68  CD  
9  1 Y 1 A ARG 74  ? NE  ? A ARG 68  NE  
10 1 Y 1 A ARG 74  ? CZ  ? A ARG 68  CZ  
11 1 Y 1 A ARG 74  ? NH1 ? A ARG 68  NH1 
12 1 Y 1 A ARG 74  ? NH2 ? A ARG 68  NH2 
13 1 Y 1 A ARG 75  ? CG  ? A ARG 69  CG  
14 1 Y 1 A ARG 75  ? CD  ? A ARG 69  CD  
15 1 Y 1 A ARG 75  ? NE  ? A ARG 69  NE  
16 1 Y 1 A ARG 75  ? CZ  ? A ARG 69  CZ  
17 1 Y 1 A ARG 75  ? NH1 ? A ARG 69  NH1 
18 1 Y 1 A ARG 75  ? NH2 ? A ARG 69  NH2 
19 1 Y 1 A ARG 82  ? CG  ? A ARG 76  CG  
20 1 Y 1 A ARG 82  ? CD  ? A ARG 76  CD  
21 1 Y 1 A ARG 82  ? NE  ? A ARG 76  NE  
22 1 Y 1 A ARG 82  ? CZ  ? A ARG 76  CZ  
23 1 Y 1 A ARG 82  ? NH1 ? A ARG 76  NH1 
24 1 Y 1 A ARG 82  ? NH2 ? A ARG 76  NH2 
25 1 Y 1 A ARG 104 ? CG  ? A ARG 98  CG  
26 1 Y 1 A ARG 104 ? CD  ? A ARG 98  CD  
27 1 Y 1 A ARG 104 ? NE  ? A ARG 98  NE  
28 1 Y 1 A ARG 104 ? CZ  ? A ARG 98  CZ  
29 1 Y 1 A ARG 104 ? NH1 ? A ARG 98  NH1 
30 1 Y 1 A ARG 104 ? NH2 ? A ARG 98  NH2 
31 1 Y 1 A LYS 107 ? CG  ? A LYS 101 CG  
32 1 Y 1 A LYS 107 ? CD  ? A LYS 101 CD  
33 1 Y 1 A LYS 107 ? CE  ? A LYS 101 CE  
34 1 Y 1 A LYS 107 ? NZ  ? A LYS 101 NZ  
35 1 Y 1 A ARG 110 ? CG  ? A ARG 104 CG  
36 1 Y 1 A ARG 110 ? CD  ? A ARG 104 CD  
37 1 Y 1 A ARG 110 ? NE  ? A ARG 104 NE  
38 1 Y 1 A ARG 110 ? CZ  ? A ARG 104 CZ  
39 1 Y 1 A ARG 110 ? NH1 ? A ARG 104 NH1 
40 1 Y 1 A ARG 110 ? NH2 ? A ARG 104 NH2 
41 1 Y 1 A HIS 112 ? CG  ? A HIS 106 CG  
42 1 Y 1 A HIS 112 ? ND1 ? A HIS 106 ND1 
43 1 Y 1 A HIS 112 ? CD2 ? A HIS 106 CD2 
44 1 Y 1 A HIS 112 ? CE1 ? A HIS 106 CE1 
45 1 Y 1 A HIS 112 ? NE2 ? A HIS 106 NE2 
46 1 Y 1 A SER 115 ? OG  ? A SER 109 OG  
47 1 Y 1 A LYS 145 ? CG  ? A LYS 139 CG  
48 1 Y 1 A LYS 145 ? CD  ? A LYS 139 CD  
49 1 Y 1 A LYS 145 ? CE  ? A LYS 139 CE  
50 1 Y 1 A LYS 145 ? NZ  ? A LYS 139 NZ  
# 
loop_
_pdbx_unobs_or_zero_occ_residues.id 
_pdbx_unobs_or_zero_occ_residues.PDB_model_num 
_pdbx_unobs_or_zero_occ_residues.polymer_flag 
_pdbx_unobs_or_zero_occ_residues.occupancy_flag 
_pdbx_unobs_or_zero_occ_residues.auth_asym_id 
_pdbx_unobs_or_zero_occ_residues.auth_comp_id 
_pdbx_unobs_or_zero_occ_residues.auth_seq_id 
_pdbx_unobs_or_zero_occ_residues.PDB_ins_code 
_pdbx_unobs_or_zero_occ_residues.label_asym_id 
_pdbx_unobs_or_zero_occ_residues.label_comp_id 
_pdbx_unobs_or_zero_occ_residues.label_seq_id 
1  1 Y 1 A GLU 39  ? A GLU 33  
2  1 Y 1 A SER 40  ? A SER 34  
3  1 Y 1 A LYS 41  ? A LYS 35  
4  1 Y 1 A ASP 183 ? A ASP 177 
5  1 Y 1 A ARG 184 ? A ARG 178 
6  1 Y 1 A ALA 185 ? A ALA 179 
7  1 Y 1 A ALA 186 ? A ALA 180 
8  1 Y 1 A HIS 187 ? A HIS 181 
9  1 Y 1 A ASP 188 ? A ASP 182 
10 1 Y 1 A GLU 189 ? A GLU 183 
11 1 Y 1 A SER 190 ? A SER 184 
12 1 Y 1 A PRO 191 ? A PRO 185 
13 1 Y 1 A GLY 192 ? A GLY 186 
14 1 Y 1 A ASN 193 ? A ASN 187 
15 1 Y 1 A ASN 194 ? A ASN 188 
16 1 Y 1 A VAL 195 ? A VAL 189 
17 1 Y 1 A VAL 196 ? A VAL 190 
18 1 Y 1 A ASP 197 ? A ASP 191 
19 1 Y 1 A ILE 198 ? A ILE 192 
20 1 Y 1 A SER 199 ? A SER 193 
21 1 Y 1 A VAL 200 ? A VAL 194 
22 1 Y 1 A PRO 201 ? A PRO 195 
23 1 Y 1 A PRO 202 ? A PRO 196 
24 1 Y 1 A THR 203 ? A THR 197 
25 1 Y 1 A THR 204 ? A THR 198 
26 1 Y 1 A ASP 205 ? A ASP 199 
# 
loop_
_chem_comp_atom.comp_id 
_chem_comp_atom.atom_id 
_chem_comp_atom.type_symbol 
_chem_comp_atom.pdbx_aromatic_flag 
_chem_comp_atom.pdbx_stereo_config 
_chem_comp_atom.pdbx_ordinal 
ALA N      N  N N 1   
ALA CA     C  N S 2   
ALA C      C  N N 3   
ALA O      O  N N 4   
ALA CB     C  N N 5   
ALA OXT    O  N N 6   
ALA H      H  N N 7   
ALA H2     H  N N 8   
ALA HA     H  N N 9   
ALA HB1    H  N N 10  
ALA HB2    H  N N 11  
ALA HB3    H  N N 12  
ALA HXT    H  N N 13  
ARG N      N  N N 14  
ARG CA     C  N S 15  
ARG C      C  N N 16  
ARG O      O  N N 17  
ARG CB     C  N N 18  
ARG CG     C  N N 19  
ARG CD     C  N N 20  
ARG NE     N  N N 21  
ARG CZ     C  N N 22  
ARG NH1    N  N N 23  
ARG NH2    N  N N 24  
ARG OXT    O  N N 25  
ARG H      H  N N 26  
ARG H2     H  N N 27  
ARG HA     H  N N 28  
ARG HB2    H  N N 29  
ARG HB3    H  N N 30  
ARG HG2    H  N N 31  
ARG HG3    H  N N 32  
ARG HD2    H  N N 33  
ARG HD3    H  N N 34  
ARG HE     H  N N 35  
ARG HH11   H  N N 36  
ARG HH12   H  N N 37  
ARG HH21   H  N N 38  
ARG HH22   H  N N 39  
ARG HXT    H  N N 40  
ASN N      N  N N 41  
ASN CA     C  N S 42  
ASN C      C  N N 43  
ASN O      O  N N 44  
ASN CB     C  N N 45  
ASN CG     C  N N 46  
ASN OD1    O  N N 47  
ASN ND2    N  N N 48  
ASN OXT    O  N N 49  
ASN H      H  N N 50  
ASN H2     H  N N 51  
ASN HA     H  N N 52  
ASN HB2    H  N N 53  
ASN HB3    H  N N 54  
ASN HD21   H  N N 55  
ASN HD22   H  N N 56  
ASN HXT    H  N N 57  
ASP N      N  N N 58  
ASP CA     C  N S 59  
ASP C      C  N N 60  
ASP O      O  N N 61  
ASP CB     C  N N 62  
ASP CG     C  N N 63  
ASP OD1    O  N N 64  
ASP OD2    O  N N 65  
ASP OXT    O  N N 66  
ASP H      H  N N 67  
ASP H2     H  N N 68  
ASP HA     H  N N 69  
ASP HB2    H  N N 70  
ASP HB3    H  N N 71  
ASP HD2    H  N N 72  
ASP HXT    H  N N 73  
GDP PB     P  N N 74  
GDP O1B    O  N N 75  
GDP O2B    O  N N 76  
GDP O3B    O  N N 77  
GDP O3A    O  N N 78  
GDP PA     P  N N 79  
GDP O1A    O  N N 80  
GDP O2A    O  N N 81  
GDP "O5'"  O  N N 82  
GDP "C5'"  C  N N 83  
GDP "C4'"  C  N R 84  
GDP "O4'"  O  N N 85  
GDP "C3'"  C  N S 86  
GDP "O3'"  O  N N 87  
GDP "C2'"  C  N R 88  
GDP "O2'"  O  N N 89  
GDP "C1'"  C  N R 90  
GDP N9     N  Y N 91  
GDP C8     C  Y N 92  
GDP N7     N  Y N 93  
GDP C5     C  Y N 94  
GDP C6     C  N N 95  
GDP O6     O  N N 96  
GDP N1     N  N N 97  
GDP C2     C  N N 98  
GDP N2     N  N N 99  
GDP N3     N  N N 100 
GDP C4     C  Y N 101 
GDP HOB2   H  N N 102 
GDP HOB3   H  N N 103 
GDP HOA2   H  N N 104 
GDP "H5'"  H  N N 105 
GDP "H5''" H  N N 106 
GDP "H4'"  H  N N 107 
GDP "H3'"  H  N N 108 
GDP "HO3'" H  N N 109 
GDP "H2'"  H  N N 110 
GDP "HO2'" H  N N 111 
GDP "H1'"  H  N N 112 
GDP H8     H  N N 113 
GDP HN1    H  N N 114 
GDP HN21   H  N N 115 
GDP HN22   H  N N 116 
GLN N      N  N N 117 
GLN CA     C  N S 118 
GLN C      C  N N 119 
GLN O      O  N N 120 
GLN CB     C  N N 121 
GLN CG     C  N N 122 
GLN CD     C  N N 123 
GLN OE1    O  N N 124 
GLN NE2    N  N N 125 
GLN OXT    O  N N 126 
GLN H      H  N N 127 
GLN H2     H  N N 128 
GLN HA     H  N N 129 
GLN HB2    H  N N 130 
GLN HB3    H  N N 131 
GLN HG2    H  N N 132 
GLN HG3    H  N N 133 
GLN HE21   H  N N 134 
GLN HE22   H  N N 135 
GLN HXT    H  N N 136 
GLU N      N  N N 137 
GLU CA     C  N S 138 
GLU C      C  N N 139 
GLU O      O  N N 140 
GLU CB     C  N N 141 
GLU CG     C  N N 142 
GLU CD     C  N N 143 
GLU OE1    O  N N 144 
GLU OE2    O  N N 145 
GLU OXT    O  N N 146 
GLU H      H  N N 147 
GLU H2     H  N N 148 
GLU HA     H  N N 149 
GLU HB2    H  N N 150 
GLU HB3    H  N N 151 
GLU HG2    H  N N 152 
GLU HG3    H  N N 153 
GLU HE2    H  N N 154 
GLU HXT    H  N N 155 
GLY N      N  N N 156 
GLY CA     C  N N 157 
GLY C      C  N N 158 
GLY O      O  N N 159 
GLY OXT    O  N N 160 
GLY H      H  N N 161 
GLY H2     H  N N 162 
GLY HA2    H  N N 163 
GLY HA3    H  N N 164 
GLY HXT    H  N N 165 
HIS N      N  N N 166 
HIS CA     C  N S 167 
HIS C      C  N N 168 
HIS O      O  N N 169 
HIS CB     C  N N 170 
HIS CG     C  Y N 171 
HIS ND1    N  Y N 172 
HIS CD2    C  Y N 173 
HIS CE1    C  Y N 174 
HIS NE2    N  Y N 175 
HIS OXT    O  N N 176 
HIS H      H  N N 177 
HIS H2     H  N N 178 
HIS HA     H  N N 179 
HIS HB2    H  N N 180 
HIS HB3    H  N N 181 
HIS HD1    H  N N 182 
HIS HD2    H  N N 183 
HIS HE1    H  N N 184 
HIS HE2    H  N N 185 
HIS HXT    H  N N 186 
HOH O      O  N N 187 
HOH H1     H  N N 188 
HOH H2     H  N N 189 
ILE N      N  N N 190 
ILE CA     C  N S 191 
ILE C      C  N N 192 
ILE O      O  N N 193 
ILE CB     C  N S 194 
ILE CG1    C  N N 195 
ILE CG2    C  N N 196 
ILE CD1    C  N N 197 
ILE OXT    O  N N 198 
ILE H      H  N N 199 
ILE H2     H  N N 200 
ILE HA     H  N N 201 
ILE HB     H  N N 202 
ILE HG12   H  N N 203 
ILE HG13   H  N N 204 
ILE HG21   H  N N 205 
ILE HG22   H  N N 206 
ILE HG23   H  N N 207 
ILE HD11   H  N N 208 
ILE HD12   H  N N 209 
ILE HD13   H  N N 210 
ILE HXT    H  N N 211 
LEU N      N  N N 212 
LEU CA     C  N S 213 
LEU C      C  N N 214 
LEU O      O  N N 215 
LEU CB     C  N N 216 
LEU CG     C  N N 217 
LEU CD1    C  N N 218 
LEU CD2    C  N N 219 
LEU OXT    O  N N 220 
LEU H      H  N N 221 
LEU H2     H  N N 222 
LEU HA     H  N N 223 
LEU HB2    H  N N 224 
LEU HB3    H  N N 225 
LEU HG     H  N N 226 
LEU HD11   H  N N 227 
LEU HD12   H  N N 228 
LEU HD13   H  N N 229 
LEU HD21   H  N N 230 
LEU HD22   H  N N 231 
LEU HD23   H  N N 232 
LEU HXT    H  N N 233 
LYS N      N  N N 234 
LYS CA     C  N S 235 
LYS C      C  N N 236 
LYS O      O  N N 237 
LYS CB     C  N N 238 
LYS CG     C  N N 239 
LYS CD     C  N N 240 
LYS CE     C  N N 241 
LYS NZ     N  N N 242 
LYS OXT    O  N N 243 
LYS H      H  N N 244 
LYS H2     H  N N 245 
LYS HA     H  N N 246 
LYS HB2    H  N N 247 
LYS HB3    H  N N 248 
LYS HG2    H  N N 249 
LYS HG3    H  N N 250 
LYS HD2    H  N N 251 
LYS HD3    H  N N 252 
LYS HE2    H  N N 253 
LYS HE3    H  N N 254 
LYS HZ1    H  N N 255 
LYS HZ2    H  N N 256 
LYS HZ3    H  N N 257 
LYS HXT    H  N N 258 
MET N      N  N N 259 
MET CA     C  N S 260 
MET C      C  N N 261 
MET O      O  N N 262 
MET CB     C  N N 263 
MET CG     C  N N 264 
MET SD     S  N N 265 
MET CE     C  N N 266 
MET OXT    O  N N 267 
MET H      H  N N 268 
MET H2     H  N N 269 
MET HA     H  N N 270 
MET HB2    H  N N 271 
MET HB3    H  N N 272 
MET HG2    H  N N 273 
MET HG3    H  N N 274 
MET HE1    H  N N 275 
MET HE2    H  N N 276 
MET HE3    H  N N 277 
MET HXT    H  N N 278 
MG  MG     MG N N 279 
PHE N      N  N N 280 
PHE CA     C  N S 281 
PHE C      C  N N 282 
PHE O      O  N N 283 
PHE CB     C  N N 284 
PHE CG     C  Y N 285 
PHE CD1    C  Y N 286 
PHE CD2    C  Y N 287 
PHE CE1    C  Y N 288 
PHE CE2    C  Y N 289 
PHE CZ     C  Y N 290 
PHE OXT    O  N N 291 
PHE H      H  N N 292 
PHE H2     H  N N 293 
PHE HA     H  N N 294 
PHE HB2    H  N N 295 
PHE HB3    H  N N 296 
PHE HD1    H  N N 297 
PHE HD2    H  N N 298 
PHE HE1    H  N N 299 
PHE HE2    H  N N 300 
PHE HZ     H  N N 301 
PHE HXT    H  N N 302 
PRO N      N  N N 303 
PRO CA     C  N S 304 
PRO C      C  N N 305 
PRO O      O  N N 306 
PRO CB     C  N N 307 
PRO CG     C  N N 308 
PRO CD     C  N N 309 
PRO OXT    O  N N 310 
PRO H      H  N N 311 
PRO HA     H  N N 312 
PRO HB2    H  N N 313 
PRO HB3    H  N N 314 
PRO HG2    H  N N 315 
PRO HG3    H  N N 316 
PRO HD2    H  N N 317 
PRO HD3    H  N N 318 
PRO HXT    H  N N 319 
SER N      N  N N 320 
SER CA     C  N S 321 
SER C      C  N N 322 
SER O      O  N N 323 
SER CB     C  N N 324 
SER OG     O  N N 325 
SER OXT    O  N N 326 
SER H      H  N N 327 
SER H2     H  N N 328 
SER HA     H  N N 329 
SER HB2    H  N N 330 
SER HB3    H  N N 331 
SER HG     H  N N 332 
SER HXT    H  N N 333 
THR N      N  N N 334 
THR CA     C  N S 335 
THR C      C  N N 336 
THR O      O  N N 337 
THR CB     C  N R 338 
THR OG1    O  N N 339 
THR CG2    C  N N 340 
THR OXT    O  N N 341 
THR H      H  N N 342 
THR H2     H  N N 343 
THR HA     H  N N 344 
THR HB     H  N N 345 
THR HG1    H  N N 346 
THR HG21   H  N N 347 
THR HG22   H  N N 348 
THR HG23   H  N N 349 
THR HXT    H  N N 350 
TRP N      N  N N 351 
TRP CA     C  N S 352 
TRP C      C  N N 353 
TRP O      O  N N 354 
TRP CB     C  N N 355 
TRP CG     C  Y N 356 
TRP CD1    C  Y N 357 
TRP CD2    C  Y N 358 
TRP NE1    N  Y N 359 
TRP CE2    C  Y N 360 
TRP CE3    C  Y N 361 
TRP CZ2    C  Y N 362 
TRP CZ3    C  Y N 363 
TRP CH2    C  Y N 364 
TRP OXT    O  N N 365 
TRP H      H  N N 366 
TRP H2     H  N N 367 
TRP HA     H  N N 368 
TRP HB2    H  N N 369 
TRP HB3    H  N N 370 
TRP HD1    H  N N 371 
TRP HE1    H  N N 372 
TRP HE3    H  N N 373 
TRP HZ2    H  N N 374 
TRP HZ3    H  N N 375 
TRP HH2    H  N N 376 
TRP HXT    H  N N 377 
TYR N      N  N N 378 
TYR CA     C  N S 379 
TYR C      C  N N 380 
TYR O      O  N N 381 
TYR CB     C  N N 382 
TYR CG     C  Y N 383 
TYR CD1    C  Y N 384 
TYR CD2    C  Y N 385 
TYR CE1    C  Y N 386 
TYR CE2    C  Y N 387 
TYR CZ     C  Y N 388 
TYR OH     O  N N 389 
TYR OXT    O  N N 390 
TYR H      H  N N 391 
TYR H2     H  N N 392 
TYR HA     H  N N 393 
TYR HB2    H  N N 394 
TYR HB3    H  N N 395 
TYR HD1    H  N N 396 
TYR HD2    H  N N 397 
TYR HE1    H  N N 398 
TYR HE2    H  N N 399 
TYR HH     H  N N 400 
TYR HXT    H  N N 401 
VAL N      N  N N 402 
VAL CA     C  N S 403 
VAL C      C  N N 404 
VAL O      O  N N 405 
VAL CB     C  N N 406 
VAL CG1    C  N N 407 
VAL CG2    C  N N 408 
VAL OXT    O  N N 409 
VAL H      H  N N 410 
VAL H2     H  N N 411 
VAL HA     H  N N 412 
VAL HB     H  N N 413 
VAL HG11   H  N N 414 
VAL HG12   H  N N 415 
VAL HG13   H  N N 416 
VAL HG21   H  N N 417 
VAL HG22   H  N N 418 
VAL HG23   H  N N 419 
VAL HXT    H  N N 420 
# 
loop_
_chem_comp_bond.comp_id 
_chem_comp_bond.atom_id_1 
_chem_comp_bond.atom_id_2 
_chem_comp_bond.value_order 
_chem_comp_bond.pdbx_aromatic_flag 
_chem_comp_bond.pdbx_stereo_config 
_chem_comp_bond.pdbx_ordinal 
ALA N     CA     sing N N 1   
ALA N     H      sing N N 2   
ALA N     H2     sing N N 3   
ALA CA    C      sing N N 4   
ALA CA    CB     sing N N 5   
ALA CA    HA     sing N N 6   
ALA C     O      doub N N 7   
ALA C     OXT    sing N N 8   
ALA CB    HB1    sing N N 9   
ALA CB    HB2    sing N N 10  
ALA CB    HB3    sing N N 11  
ALA OXT   HXT    sing N N 12  
ARG N     CA     sing N N 13  
ARG N     H      sing N N 14  
ARG N     H2     sing N N 15  
ARG CA    C      sing N N 16  
ARG CA    CB     sing N N 17  
ARG CA    HA     sing N N 18  
ARG C     O      doub N N 19  
ARG C     OXT    sing N N 20  
ARG CB    CG     sing N N 21  
ARG CB    HB2    sing N N 22  
ARG CB    HB3    sing N N 23  
ARG CG    CD     sing N N 24  
ARG CG    HG2    sing N N 25  
ARG CG    HG3    sing N N 26  
ARG CD    NE     sing N N 27  
ARG CD    HD2    sing N N 28  
ARG CD    HD3    sing N N 29  
ARG NE    CZ     sing N N 30  
ARG NE    HE     sing N N 31  
ARG CZ    NH1    sing N N 32  
ARG CZ    NH2    doub N N 33  
ARG NH1   HH11   sing N N 34  
ARG NH1   HH12   sing N N 35  
ARG NH2   HH21   sing N N 36  
ARG NH2   HH22   sing N N 37  
ARG OXT   HXT    sing N N 38  
ASN N     CA     sing N N 39  
ASN N     H      sing N N 40  
ASN N     H2     sing N N 41  
ASN CA    C      sing N N 42  
ASN CA    CB     sing N N 43  
ASN CA    HA     sing N N 44  
ASN C     O      doub N N 45  
ASN C     OXT    sing N N 46  
ASN CB    CG     sing N N 47  
ASN CB    HB2    sing N N 48  
ASN CB    HB3    sing N N 49  
ASN CG    OD1    doub N N 50  
ASN CG    ND2    sing N N 51  
ASN ND2   HD21   sing N N 52  
ASN ND2   HD22   sing N N 53  
ASN OXT   HXT    sing N N 54  
ASP N     CA     sing N N 55  
ASP N     H      sing N N 56  
ASP N     H2     sing N N 57  
ASP CA    C      sing N N 58  
ASP CA    CB     sing N N 59  
ASP CA    HA     sing N N 60  
ASP C     O      doub N N 61  
ASP C     OXT    sing N N 62  
ASP CB    CG     sing N N 63  
ASP CB    HB2    sing N N 64  
ASP CB    HB3    sing N N 65  
ASP CG    OD1    doub N N 66  
ASP CG    OD2    sing N N 67  
ASP OD2   HD2    sing N N 68  
ASP OXT   HXT    sing N N 69  
GDP PB    O1B    doub N N 70  
GDP PB    O2B    sing N N 71  
GDP PB    O3B    sing N N 72  
GDP PB    O3A    sing N N 73  
GDP O2B   HOB2   sing N N 74  
GDP O3B   HOB3   sing N N 75  
GDP O3A   PA     sing N N 76  
GDP PA    O1A    doub N N 77  
GDP PA    O2A    sing N N 78  
GDP PA    "O5'"  sing N N 79  
GDP O2A   HOA2   sing N N 80  
GDP "O5'" "C5'"  sing N N 81  
GDP "C5'" "C4'"  sing N N 82  
GDP "C5'" "H5'"  sing N N 83  
GDP "C5'" "H5''" sing N N 84  
GDP "C4'" "O4'"  sing N N 85  
GDP "C4'" "C3'"  sing N N 86  
GDP "C4'" "H4'"  sing N N 87  
GDP "O4'" "C1'"  sing N N 88  
GDP "C3'" "O3'"  sing N N 89  
GDP "C3'" "C2'"  sing N N 90  
GDP "C3'" "H3'"  sing N N 91  
GDP "O3'" "HO3'" sing N N 92  
GDP "C2'" "O2'"  sing N N 93  
GDP "C2'" "C1'"  sing N N 94  
GDP "C2'" "H2'"  sing N N 95  
GDP "O2'" "HO2'" sing N N 96  
GDP "C1'" N9     sing N N 97  
GDP "C1'" "H1'"  sing N N 98  
GDP N9    C8     sing Y N 99  
GDP N9    C4     sing Y N 100 
GDP C8    N7     doub Y N 101 
GDP C8    H8     sing N N 102 
GDP N7    C5     sing Y N 103 
GDP C5    C6     sing N N 104 
GDP C5    C4     doub Y N 105 
GDP C6    O6     doub N N 106 
GDP C6    N1     sing N N 107 
GDP N1    C2     sing N N 108 
GDP N1    HN1    sing N N 109 
GDP C2    N2     sing N N 110 
GDP C2    N3     doub N N 111 
GDP N2    HN21   sing N N 112 
GDP N2    HN22   sing N N 113 
GDP N3    C4     sing N N 114 
GLN N     CA     sing N N 115 
GLN N     H      sing N N 116 
GLN N     H2     sing N N 117 
GLN CA    C      sing N N 118 
GLN CA    CB     sing N N 119 
GLN CA    HA     sing N N 120 
GLN C     O      doub N N 121 
GLN C     OXT    sing N N 122 
GLN CB    CG     sing N N 123 
GLN CB    HB2    sing N N 124 
GLN CB    HB3    sing N N 125 
GLN CG    CD     sing N N 126 
GLN CG    HG2    sing N N 127 
GLN CG    HG3    sing N N 128 
GLN CD    OE1    doub N N 129 
GLN CD    NE2    sing N N 130 
GLN NE2   HE21   sing N N 131 
GLN NE2   HE22   sing N N 132 
GLN OXT   HXT    sing N N 133 
GLU N     CA     sing N N 134 
GLU N     H      sing N N 135 
GLU N     H2     sing N N 136 
GLU CA    C      sing N N 137 
GLU CA    CB     sing N N 138 
GLU CA    HA     sing N N 139 
GLU C     O      doub N N 140 
GLU C     OXT    sing N N 141 
GLU CB    CG     sing N N 142 
GLU CB    HB2    sing N N 143 
GLU CB    HB3    sing N N 144 
GLU CG    CD     sing N N 145 
GLU CG    HG2    sing N N 146 
GLU CG    HG3    sing N N 147 
GLU CD    OE1    doub N N 148 
GLU CD    OE2    sing N N 149 
GLU OE2   HE2    sing N N 150 
GLU OXT   HXT    sing N N 151 
GLY N     CA     sing N N 152 
GLY N     H      sing N N 153 
GLY N     H2     sing N N 154 
GLY CA    C      sing N N 155 
GLY CA    HA2    sing N N 156 
GLY CA    HA3    sing N N 157 
GLY C     O      doub N N 158 
GLY C     OXT    sing N N 159 
GLY OXT   HXT    sing N N 160 
HIS N     CA     sing N N 161 
HIS N     H      sing N N 162 
HIS N     H2     sing N N 163 
HIS CA    C      sing N N 164 
HIS CA    CB     sing N N 165 
HIS CA    HA     sing N N 166 
HIS C     O      doub N N 167 
HIS C     OXT    sing N N 168 
HIS CB    CG     sing N N 169 
HIS CB    HB2    sing N N 170 
HIS CB    HB3    sing N N 171 
HIS CG    ND1    sing Y N 172 
HIS CG    CD2    doub Y N 173 
HIS ND1   CE1    doub Y N 174 
HIS ND1   HD1    sing N N 175 
HIS CD2   NE2    sing Y N 176 
HIS CD2   HD2    sing N N 177 
HIS CE1   NE2    sing Y N 178 
HIS CE1   HE1    sing N N 179 
HIS NE2   HE2    sing N N 180 
HIS OXT   HXT    sing N N 181 
HOH O     H1     sing N N 182 
HOH O     H2     sing N N 183 
ILE N     CA     sing N N 184 
ILE N     H      sing N N 185 
ILE N     H2     sing N N 186 
ILE CA    C      sing N N 187 
ILE CA    CB     sing N N 188 
ILE CA    HA     sing N N 189 
ILE C     O      doub N N 190 
ILE C     OXT    sing N N 191 
ILE CB    CG1    sing N N 192 
ILE CB    CG2    sing N N 193 
ILE CB    HB     sing N N 194 
ILE CG1   CD1    sing N N 195 
ILE CG1   HG12   sing N N 196 
ILE CG1   HG13   sing N N 197 
ILE CG2   HG21   sing N N 198 
ILE CG2   HG22   sing N N 199 
ILE CG2   HG23   sing N N 200 
ILE CD1   HD11   sing N N 201 
ILE CD1   HD12   sing N N 202 
ILE CD1   HD13   sing N N 203 
ILE OXT   HXT    sing N N 204 
LEU N     CA     sing N N 205 
LEU N     H      sing N N 206 
LEU N     H2     sing N N 207 
LEU CA    C      sing N N 208 
LEU CA    CB     sing N N 209 
LEU CA    HA     sing N N 210 
LEU C     O      doub N N 211 
LEU C     OXT    sing N N 212 
LEU CB    CG     sing N N 213 
LEU CB    HB2    sing N N 214 
LEU CB    HB3    sing N N 215 
LEU CG    CD1    sing N N 216 
LEU CG    CD2    sing N N 217 
LEU CG    HG     sing N N 218 
LEU CD1   HD11   sing N N 219 
LEU CD1   HD12   sing N N 220 
LEU CD1   HD13   sing N N 221 
LEU CD2   HD21   sing N N 222 
LEU CD2   HD22   sing N N 223 
LEU CD2   HD23   sing N N 224 
LEU OXT   HXT    sing N N 225 
LYS N     CA     sing N N 226 
LYS N     H      sing N N 227 
LYS N     H2     sing N N 228 
LYS CA    C      sing N N 229 
LYS CA    CB     sing N N 230 
LYS CA    HA     sing N N 231 
LYS C     O      doub N N 232 
LYS C     OXT    sing N N 233 
LYS CB    CG     sing N N 234 
LYS CB    HB2    sing N N 235 
LYS CB    HB3    sing N N 236 
LYS CG    CD     sing N N 237 
LYS CG    HG2    sing N N 238 
LYS CG    HG3    sing N N 239 
LYS CD    CE     sing N N 240 
LYS CD    HD2    sing N N 241 
LYS CD    HD3    sing N N 242 
LYS CE    NZ     sing N N 243 
LYS CE    HE2    sing N N 244 
LYS CE    HE3    sing N N 245 
LYS NZ    HZ1    sing N N 246 
LYS NZ    HZ2    sing N N 247 
LYS NZ    HZ3    sing N N 248 
LYS OXT   HXT    sing N N 249 
MET N     CA     sing N N 250 
MET N     H      sing N N 251 
MET N     H2     sing N N 252 
MET CA    C      sing N N 253 
MET CA    CB     sing N N 254 
MET CA    HA     sing N N 255 
MET C     O      doub N N 256 
MET C     OXT    sing N N 257 
MET CB    CG     sing N N 258 
MET CB    HB2    sing N N 259 
MET CB    HB3    sing N N 260 
MET CG    SD     sing N N 261 
MET CG    HG2    sing N N 262 
MET CG    HG3    sing N N 263 
MET SD    CE     sing N N 264 
MET CE    HE1    sing N N 265 
MET CE    HE2    sing N N 266 
MET CE    HE3    sing N N 267 
MET OXT   HXT    sing N N 268 
PHE N     CA     sing N N 269 
PHE N     H      sing N N 270 
PHE N     H2     sing N N 271 
PHE CA    C      sing N N 272 
PHE CA    CB     sing N N 273 
PHE CA    HA     sing N N 274 
PHE C     O      doub N N 275 
PHE C     OXT    sing N N 276 
PHE CB    CG     sing N N 277 
PHE CB    HB2    sing N N 278 
PHE CB    HB3    sing N N 279 
PHE CG    CD1    doub Y N 280 
PHE CG    CD2    sing Y N 281 
PHE CD1   CE1    sing Y N 282 
PHE CD1   HD1    sing N N 283 
PHE CD2   CE2    doub Y N 284 
PHE CD2   HD2    sing N N 285 
PHE CE1   CZ     doub Y N 286 
PHE CE1   HE1    sing N N 287 
PHE CE2   CZ     sing Y N 288 
PHE CE2   HE2    sing N N 289 
PHE CZ    HZ     sing N N 290 
PHE OXT   HXT    sing N N 291 
PRO N     CA     sing N N 292 
PRO N     CD     sing N N 293 
PRO N     H      sing N N 294 
PRO CA    C      sing N N 295 
PRO CA    CB     sing N N 296 
PRO CA    HA     sing N N 297 
PRO C     O      doub N N 298 
PRO C     OXT    sing N N 299 
PRO CB    CG     sing N N 300 
PRO CB    HB2    sing N N 301 
PRO CB    HB3    sing N N 302 
PRO CG    CD     sing N N 303 
PRO CG    HG2    sing N N 304 
PRO CG    HG3    sing N N 305 
PRO CD    HD2    sing N N 306 
PRO CD    HD3    sing N N 307 
PRO OXT   HXT    sing N N 308 
SER N     CA     sing N N 309 
SER N     H      sing N N 310 
SER N     H2     sing N N 311 
SER CA    C      sing N N 312 
SER CA    CB     sing N N 313 
SER CA    HA     sing N N 314 
SER C     O      doub N N 315 
SER C     OXT    sing N N 316 
SER CB    OG     sing N N 317 
SER CB    HB2    sing N N 318 
SER CB    HB3    sing N N 319 
SER OG    HG     sing N N 320 
SER OXT   HXT    sing N N 321 
THR N     CA     sing N N 322 
THR N     H      sing N N 323 
THR N     H2     sing N N 324 
THR CA    C      sing N N 325 
THR CA    CB     sing N N 326 
THR CA    HA     sing N N 327 
THR C     O      doub N N 328 
THR C     OXT    sing N N 329 
THR CB    OG1    sing N N 330 
THR CB    CG2    sing N N 331 
THR CB    HB     sing N N 332 
THR OG1   HG1    sing N N 333 
THR CG2   HG21   sing N N 334 
THR CG2   HG22   sing N N 335 
THR CG2   HG23   sing N N 336 
THR OXT   HXT    sing N N 337 
TRP N     CA     sing N N 338 
TRP N     H      sing N N 339 
TRP N     H2     sing N N 340 
TRP CA    C      sing N N 341 
TRP CA    CB     sing N N 342 
TRP CA    HA     sing N N 343 
TRP C     O      doub N N 344 
TRP C     OXT    sing N N 345 
TRP CB    CG     sing N N 346 
TRP CB    HB2    sing N N 347 
TRP CB    HB3    sing N N 348 
TRP CG    CD1    doub Y N 349 
TRP CG    CD2    sing Y N 350 
TRP CD1   NE1    sing Y N 351 
TRP CD1   HD1    sing N N 352 
TRP CD2   CE2    doub Y N 353 
TRP CD2   CE3    sing Y N 354 
TRP NE1   CE2    sing Y N 355 
TRP NE1   HE1    sing N N 356 
TRP CE2   CZ2    sing Y N 357 
TRP CE3   CZ3    doub Y N 358 
TRP CE3   HE3    sing N N 359 
TRP CZ2   CH2    doub Y N 360 
TRP CZ2   HZ2    sing N N 361 
TRP CZ3   CH2    sing Y N 362 
TRP CZ3   HZ3    sing N N 363 
TRP CH2   HH2    sing N N 364 
TRP OXT   HXT    sing N N 365 
TYR N     CA     sing N N 366 
TYR N     H      sing N N 367 
TYR N     H2     sing N N 368 
TYR CA    C      sing N N 369 
TYR CA    CB     sing N N 370 
TYR CA    HA     sing N N 371 
TYR C     O      doub N N 372 
TYR C     OXT    sing N N 373 
TYR CB    CG     sing N N 374 
TYR CB    HB2    sing N N 375 
TYR CB    HB3    sing N N 376 
TYR CG    CD1    doub Y N 377 
TYR CG    CD2    sing Y N 378 
TYR CD1   CE1    sing Y N 379 
TYR CD1   HD1    sing N N 380 
TYR CD2   CE2    doub Y N 381 
TYR CD2   HD2    sing N N 382 
TYR CE1   CZ     doub Y N 383 
TYR CE1   HE1    sing N N 384 
TYR CE2   CZ     sing Y N 385 
TYR CE2   HE2    sing N N 386 
TYR CZ    OH     sing N N 387 
TYR OH    HH     sing N N 388 
TYR OXT   HXT    sing N N 389 
VAL N     CA     sing N N 390 
VAL N     H      sing N N 391 
VAL N     H2     sing N N 392 
VAL CA    C      sing N N 393 
VAL CA    CB     sing N N 394 
VAL CA    HA     sing N N 395 
VAL C     O      doub N N 396 
VAL C     OXT    sing N N 397 
VAL CB    CG1    sing N N 398 
VAL CB    CG2    sing N N 399 
VAL CB    HB     sing N N 400 
VAL CG1   HG11   sing N N 401 
VAL CG1   HG12   sing N N 402 
VAL CG1   HG13   sing N N 403 
VAL CG2   HG21   sing N N 404 
VAL CG2   HG22   sing N N 405 
VAL CG2   HG23   sing N N 406 
VAL OXT   HXT    sing N N 407 
# 
loop_
_pdbx_entity_nonpoly.entity_id 
_pdbx_entity_nonpoly.name 
_pdbx_entity_nonpoly.comp_id 
2 'MAGNESIUM ION'            MG  
3 "GUANOSINE-5'-DIPHOSPHATE" GDP 
4 water                      HOH 
# 
_pdbx_initial_refinement_model.id               1 
_pdbx_initial_refinement_model.entity_id_list   ? 
_pdbx_initial_refinement_model.type             'experimental model' 
_pdbx_initial_refinement_model.source_name      PDB 
_pdbx_initial_refinement_model.accession_code   1OIV 
_pdbx_initial_refinement_model.details          'PDB ENTRY 1OIV' 
# 
